data_9BFF
#
_entry.id   9BFF
#
_cell.length_a   1.00
_cell.length_b   1.00
_cell.length_c   1.00
_cell.angle_alpha   90.00
_cell.angle_beta   90.00
_cell.angle_gamma   90.00
#
_symmetry.space_group_name_H-M   'P 1'
#
loop_
_entity.id
_entity.type
_entity.pdbx_description
1 polymer 'Tyrocidine synthase 1'
2 polymer 'Tyrocidine synthase 2'
3 non-polymer '(7S,10aR)-1-methyl-4-{4-[(5R)-1,1,5-trihydroxy-4,4-dimethyl-1,6,10,15-tetraoxo-2-oxa-7,11,14-triaza-1lambda~5~-phosphahexadecan-16-yl]phenyl}-3,5,6,7,8,9,10,10a-octahydrocycloocta[d]pyridazin-7-yl [(5R)-1,1,5-trihydroxy-4,4-dimethyl-1,6,10-trioxo-2-oxa-7,11-diaza-1lambda~5~-phosphatridecan-13-yl]carbamate (non-preferred name)'
#
loop_
_entity_poly.entity_id
_entity_poly.type
_entity_poly.pdbx_seq_one_letter_code
_entity_poly.pdbx_strand_id
1 'polypeptide(L)'
;MVANQANLIDNKRELEQHALVPYAQGKSIHQLFEEQAEAFPDRVAIVFENRRLSYQELNRKANQLARALLEKGVQTDSIV
GVMMEKSIENVIAILAVLKAGGAYVPIDIEYPRDRIQYILQDSQTKIVLTQKSVSQLVHDVGYSGEVVVLDEEQLDARET
ANLHQPSKPTDLAYVIYTSGTTGKPKGTMLEHKGIANLQSFFQNSFGVTEQDRIGLFASMSFDASVWEMFMALLSGASLY
ILSKQTIHDFAAFEHYLSENELTIITLPPTYLTHLTPERITSLRIMITAGSASSAPLVNKWKDKLRYINAYGPTETSICA
TIWEAPSNQLSVQSVPIGKPIQNTHIYIVNEDLQLLPTGSEGELCIGGVGLARGYWNRPDLTAEKFVDNPFVPGEKMYRT
GDLAKWLTDGTIEFLGRIDHQVKIRGHRIELGEIESVLLAHEHITEAVVIAREDQHAGQYLCAYYISQQEATPAQLRDYA
AQKLPAYMLPSYFVKLDKMPLTPNDKIDRKALPEPDLTANQSQAAYHPPRTETESILVSIWQNVLGIEKIGIRDNFYSLG
GDSIQAIQVVARLHSYQLKLETKDLLNYPTIEQVALFVKSTTRKSDQGIIAGNVPLTPIQKWFFGKNFTNTGHWNQSSVL
YRPEGFDPKVIQSVMDKIIEHHDALRMVYQHENGNVVQHNRGLGGQLYDFFSYNLTAQPDVQQAIEAETQRLHSSMNLQE
GPLVKVALFQTLHGDHLFLAIHHLVVDGISWRILFEDLATGYAQALAGQAISLPEKTDSFQSWSQWLQEYANEADLLSEI
PYWESLESQAKNVSLPKDYEVTDCKQKSVRNMRIRLHPEETEQLLKHANQAYQTEINDLLLAALGLAFAEWSKLAQIVIH
LEGHGREDIIEQANVARTVGWFTSQYPVLLDLKQTAPLSDYIKLTKENMRKIPRKGIGYDILKHVTLPENRGSLSFRVQP
EVTFNYLGQFDADMRTELFTRSPYSGGNTLGADGKNNLSPESEVYTALNITGLIEGGELVLTFSYSSEQYREESIQQLSQ
SYQKHLLAIIAHCTEKKEVERTPSDFSVKGLQMEEMDDIFELLANRLRGSRSHHHHHH
;
A
2 'polypeptide(L)'
;MGVFSKEQVQDMYALTPMQEGMLFHALLDQEHNSHLVQMSISLQGDLDVGLFTDSLHVLVERYDVFRTLFLYEKLKQPLQ
VVLKQRPIPIEFYDLSACDESEKQLRYTQYKRADQERTFHLAKDPLMRVALFQMSQHDYQVIWSFHHILMDGWCFSIIFD
DLLAIYLSLQNKTALSLEPVQPYSRFINWLEKQNKQAALNYWSDYLEAYEQKTTLPKKEAAFAKAFQPTQYRFSLNRTLT
KQLGTIASQNQVTLSTVIQTIWGVLLQKYNAAHDVLFGSVVSGRPTDIVGIDKMVGLFINTIPFRVQAKAGQTFSELLQA
VHKRTLQSQPYEHVPLYDIQTQSVLKQELIDHLLVIENYPLVEALQKKALNQQIGFTITAVEMFEPTNYDLTVMVMPKEE
LAFRFDYNAALFDEQVVQKLAGHLQQIADCVANNSGVELCQIPLLTEAETSQLLAKRTETAADYPAATMHELFSRQAEKT
PEQVAVVFADQHLTYRELDEKSNQLARFLRKKGIGTGSLVGTLLDRSLDMIVGILGVLKAGGAFVPIDPELPAERIAYML
THSRVPLVVTQNHLRAKVTTPTETIDINTAVIGEESRAPIESLNQPHDLFYIIYTSGTTGQPKGVMLEHRNMANLMHFTF
DQTNIAFHEKVLQYTTCSFDVCYQEIFSTLLSGGQLYLITNELRRHVEKLFAFIQEKQISILSLPVSFLKFIFNEQDYAQ
SFPRCVKHIITAGEQLVVTHELQKYLRQHRVFLHNHYGPSETHVVTTCTMDPGQAIPELPPIGKPISNTGIYILDEGLQL
KPEGIVGELYISGANVGRGYLHQPELTAEKFLDNPYQPGERMYRTGDLARWLPDGQLEFLGRIDHQVKIRGHRIELGEIE
SRLLNHPAIKEAVVIDRADETGGKFLCAYVVLQKALSDEEMRAYLAQALPEYMIPSFFVTLERIPVTPNGKTDRRALPKP
EGSAKTKADYVAPTTELEQKLVAIWEQILGVSPIGIQDHFFTLGGHSLKAIQLISRIQKECQADVPLRVLFEQPTIQALA
AYVELEHHHHHH
;
B
#
loop_
_chem_comp.id
_chem_comp.type
_chem_comp.name
_chem_comp.formula
A1AN7 non-polymer '(7S,10aR)-1-methyl-4-{4-[(5R)-1,1,5-trihydroxy-4,4-dimethyl-1,6,10,15-tetraoxo-2-oxa-7,11,14-triaza-1lambda~5~-phosphahexadecan-16-yl]phenyl}-3,5,6,7,8,9,10,10a-octahydrocycloocta[d]pyridazin-7-yl [(5R)-1,1,5-trihydroxy-4,4-dimethyl-1,6,10-trioxo-2-oxa-7,11-diaza-1lambda~5~-phosphatridecan-13-yl]carbamate (non-preferred name)' 'C42 H68 N8 O17 P2'
#
# COMPACT_ATOMS: atom_id res chain seq x y z
N GLU A 534 -14.43 -34.57 -5.04
CA GLU A 534 -15.63 -35.29 -5.43
C GLU A 534 -16.83 -34.77 -4.62
N SER A 535 -17.97 -35.45 -4.71
CA SER A 535 -19.24 -34.98 -4.14
C SER A 535 -19.20 -34.73 -2.62
N ILE A 536 -18.13 -35.14 -1.93
CA ILE A 536 -17.89 -34.64 -0.57
C ILE A 536 -18.02 -33.13 -0.54
N LEU A 537 -17.36 -32.46 -1.48
CA LEU A 537 -17.30 -31.00 -1.49
C LEU A 537 -18.68 -30.40 -1.70
N VAL A 538 -19.49 -31.02 -2.56
CA VAL A 538 -20.85 -30.57 -2.79
C VAL A 538 -21.70 -30.73 -1.53
N SER A 539 -21.56 -31.84 -0.82
CA SER A 539 -22.30 -31.98 0.43
C SER A 539 -21.84 -30.98 1.49
N ILE A 540 -20.58 -30.58 1.45
CA ILE A 540 -20.12 -29.54 2.38
C ILE A 540 -20.67 -28.17 2.01
N TRP A 541 -20.86 -27.87 0.72
CA TRP A 541 -21.64 -26.68 0.40
C TRP A 541 -23.08 -26.78 0.86
N GLN A 542 -23.72 -27.94 0.68
CA GLN A 542 -25.08 -28.11 1.20
C GLN A 542 -25.17 -27.80 2.68
N ASN A 543 -24.17 -28.23 3.45
CA ASN A 543 -24.17 -27.91 4.88
C ASN A 543 -23.87 -26.45 5.17
N VAL A 544 -22.76 -25.94 4.65
CA VAL A 544 -22.28 -24.62 5.07
C VAL A 544 -23.05 -23.47 4.43
N LEU A 545 -23.74 -23.69 3.31
CA LEU A 545 -24.63 -22.70 2.72
C LEU A 545 -26.10 -23.02 2.95
N GLY A 546 -26.41 -23.93 3.88
CA GLY A 546 -27.78 -24.15 4.32
C GLY A 546 -28.79 -24.46 3.25
N ILE A 547 -28.41 -25.19 2.21
CA ILE A 547 -29.19 -25.31 0.99
C ILE A 547 -29.25 -26.78 0.57
N GLU A 548 -30.44 -27.24 0.21
CA GLU A 548 -30.67 -28.57 -0.32
C GLU A 548 -30.69 -28.58 -1.85
N LYS A 549 -30.58 -29.78 -2.42
CA LYS A 549 -30.74 -30.03 -3.86
C LYS A 549 -29.85 -29.11 -4.69
N ILE A 550 -28.66 -28.83 -4.17
CA ILE A 550 -27.69 -27.97 -4.86
C ILE A 550 -27.34 -28.52 -6.23
N GLY A 551 -27.38 -27.66 -7.24
CA GLY A 551 -27.05 -28.07 -8.59
C GLY A 551 -25.56 -28.28 -8.78
N ILE A 552 -25.20 -29.17 -9.72
CA ILE A 552 -23.81 -29.55 -9.89
C ILE A 552 -22.95 -28.40 -10.43
N ARG A 553 -23.57 -27.35 -10.98
CA ARG A 553 -22.89 -26.24 -11.64
C ARG A 553 -22.83 -24.95 -10.82
N ASP A 554 -23.46 -24.92 -9.65
CA ASP A 554 -23.85 -23.66 -9.00
C ASP A 554 -22.66 -22.82 -8.53
N ASN A 555 -22.91 -21.51 -8.43
CA ASN A 555 -21.92 -20.47 -8.18
C ASN A 555 -21.99 -20.02 -6.72
N PHE A 556 -20.83 -20.02 -6.05
CA PHE A 556 -20.74 -19.79 -4.61
C PHE A 556 -21.41 -18.49 -4.17
N TYR A 557 -21.27 -17.42 -4.94
CA TYR A 557 -21.88 -16.15 -4.59
C TYR A 557 -23.39 -16.10 -4.83
N SER A 558 -23.87 -16.83 -5.85
CA SER A 558 -25.32 -16.96 -6.02
C SER A 558 -25.95 -17.78 -4.92
N LEU A 559 -25.28 -18.83 -4.46
CA LEU A 559 -25.75 -19.62 -3.35
C LEU A 559 -25.81 -18.86 -2.03
N GLY A 560 -25.39 -17.60 -2.02
CA GLY A 560 -25.39 -16.82 -0.80
C GLY A 560 -24.11 -16.89 -0.03
N GLY A 561 -23.06 -17.45 -0.61
CA GLY A 561 -21.77 -17.57 0.03
C GLY A 561 -21.04 -16.26 0.19
N ASP A 562 -19.99 -16.32 0.99
CA ASP A 562 -19.14 -15.19 1.34
C ASP A 562 -17.88 -15.78 1.94
N SER A 563 -16.88 -14.92 2.14
CA SER A 563 -15.60 -15.34 2.72
C SER A 563 -15.78 -16.06 4.06
N ILE A 564 -16.79 -15.66 4.83
CA ILE A 564 -17.13 -16.34 6.09
C ILE A 564 -17.63 -17.76 5.87
N GLN A 565 -18.31 -18.01 4.76
CA GLN A 565 -18.65 -19.38 4.40
C GLN A 565 -17.47 -20.13 3.79
N ALA A 566 -16.61 -19.43 3.04
CA ALA A 566 -15.47 -20.08 2.39
C ALA A 566 -14.48 -20.67 3.41
N ILE A 567 -14.14 -19.91 4.44
CA ILE A 567 -13.27 -20.46 5.48
C ILE A 567 -13.90 -21.68 6.16
N GLN A 568 -15.21 -21.65 6.39
CA GLN A 568 -15.87 -22.81 6.99
C GLN A 568 -15.94 -24.02 6.06
N VAL A 569 -16.09 -23.81 4.76
CA VAL A 569 -15.99 -24.92 3.81
C VAL A 569 -14.61 -25.58 3.87
N VAL A 570 -13.56 -24.77 3.84
CA VAL A 570 -12.21 -25.33 3.94
C VAL A 570 -11.98 -26.00 5.29
N ALA A 571 -12.44 -25.38 6.38
CA ALA A 571 -12.35 -26.01 7.69
C ALA A 571 -13.19 -27.29 7.80
N ARG A 572 -14.15 -27.50 6.91
CA ARG A 572 -14.89 -28.75 6.90
C ARG A 572 -14.17 -29.84 6.12
N LEU A 573 -13.61 -29.50 4.96
CA LEU A 573 -12.92 -30.51 4.14
C LEU A 573 -11.76 -31.17 4.86
N HIS A 574 -11.11 -30.46 5.77
CA HIS A 574 -10.00 -31.04 6.53
C HIS A 574 -10.39 -32.30 7.29
N SER A 575 -11.65 -32.39 7.74
CA SER A 575 -12.13 -33.60 8.39
C SER A 575 -12.21 -34.79 7.44
N TYR A 576 -12.10 -34.57 6.13
CA TYR A 576 -11.97 -35.65 5.15
C TYR A 576 -10.54 -35.80 4.66
N GLN A 577 -9.58 -35.11 5.28
CA GLN A 577 -8.18 -35.06 4.88
C GLN A 577 -7.96 -34.46 3.48
N LEU A 578 -8.88 -33.61 3.02
CA LEU A 578 -8.69 -32.82 1.81
C LEU A 578 -8.33 -31.39 2.18
N LYS A 579 -7.34 -30.82 1.48
CA LYS A 579 -7.04 -29.39 1.57
C LYS A 579 -7.48 -28.66 0.31
N LEU A 580 -8.17 -27.53 0.51
CA LEU A 580 -8.53 -26.60 -0.54
C LEU A 580 -8.17 -25.19 -0.09
N GLU A 581 -7.59 -24.39 -0.99
CA GLU A 581 -7.36 -22.98 -0.66
C GLU A 581 -8.67 -22.20 -0.72
N THR A 582 -8.93 -21.37 0.30
CA THR A 582 -10.08 -20.47 0.23
C THR A 582 -9.93 -19.46 -0.88
N LYS A 583 -8.70 -19.05 -1.19
CA LYS A 583 -8.43 -18.22 -2.35
C LYS A 583 -8.89 -18.87 -3.65
N ASP A 584 -8.65 -20.18 -3.80
CA ASP A 584 -9.12 -20.86 -5.00
C ASP A 584 -10.64 -21.00 -5.02
N LEU A 585 -11.25 -21.24 -3.86
CA LEU A 585 -12.70 -21.30 -3.77
C LEU A 585 -13.35 -19.97 -4.14
N LEU A 586 -12.72 -18.86 -3.75
CA LEU A 586 -13.25 -17.54 -4.07
C LEU A 586 -13.03 -17.19 -5.54
N ASN A 587 -11.85 -17.51 -6.09
CA ASN A 587 -11.60 -17.19 -7.49
C ASN A 587 -12.40 -18.07 -8.45
N TYR A 588 -12.53 -19.35 -8.13
CA TYR A 588 -13.30 -20.29 -8.96
C TYR A 588 -14.58 -20.69 -8.23
N PRO A 589 -15.65 -19.91 -8.36
CA PRO A 589 -16.81 -20.08 -7.47
C PRO A 589 -17.71 -21.26 -7.79
N THR A 590 -17.32 -22.17 -8.68
CA THR A 590 -18.20 -23.26 -9.10
C THR A 590 -17.61 -24.62 -8.79
N ILE A 591 -18.49 -25.55 -8.42
CA ILE A 591 -18.19 -26.89 -7.91
C ILE A 591 -17.03 -27.58 -8.61
N GLU A 592 -17.07 -27.63 -9.94
CA GLU A 592 -16.09 -28.45 -10.66
C GLU A 592 -14.75 -27.74 -10.78
N GLN A 593 -14.75 -26.44 -11.09
CA GLN A 593 -13.50 -25.70 -11.16
C GLN A 593 -12.72 -25.81 -9.86
N VAL A 594 -13.40 -25.64 -8.74
CA VAL A 594 -12.72 -25.70 -7.45
C VAL A 594 -12.30 -27.13 -7.11
N ALA A 595 -13.11 -28.12 -7.49
CA ALA A 595 -12.76 -29.52 -7.23
C ALA A 595 -11.48 -29.95 -7.94
N LEU A 596 -11.22 -29.41 -9.13
CA LEU A 596 -9.95 -29.70 -9.81
C LEU A 596 -8.72 -29.22 -9.06
N PHE A 597 -8.88 -28.45 -7.98
CA PHE A 597 -7.73 -28.01 -7.18
C PHE A 597 -7.73 -28.52 -5.75
N VAL A 598 -8.67 -29.38 -5.36
CA VAL A 598 -8.55 -30.04 -4.06
C VAL A 598 -7.39 -31.03 -4.07
N LYS A 599 -6.60 -31.00 -2.99
CA LYS A 599 -5.45 -31.86 -2.81
C LYS A 599 -5.56 -32.60 -1.47
N SER A 600 -4.86 -33.73 -1.37
CA SER A 600 -4.79 -34.46 -0.10
C SER A 600 -3.90 -33.74 0.90
N THR A 601 -4.32 -33.76 2.16
CA THR A 601 -3.69 -32.93 3.19
C THR A 601 -2.27 -33.38 3.56
N THR A 602 -1.86 -34.60 3.20
CA THR A 602 -0.47 -35.01 3.25
C THR A 602 -0.15 -35.85 2.01
N ARG A 603 1.08 -35.74 1.53
CA ARG A 603 1.50 -36.50 0.36
C ARG A 603 1.70 -37.97 0.74
N LYS A 604 1.11 -38.87 -0.06
CA LYS A 604 1.40 -40.30 -0.03
C LYS A 604 2.70 -40.60 -0.78
N SER A 605 3.73 -41.01 -0.05
CA SER A 605 4.96 -41.49 -0.66
C SER A 605 4.77 -42.86 -1.33
N ASP A 606 5.56 -43.09 -2.38
CA ASP A 606 5.34 -44.20 -3.30
C ASP A 606 5.47 -45.56 -2.62
N GLN A 607 4.59 -46.49 -3.01
CA GLN A 607 4.62 -47.86 -2.52
C GLN A 607 5.20 -48.87 -3.51
N GLY A 608 5.39 -48.50 -4.78
CA GLY A 608 5.85 -49.43 -5.79
C GLY A 608 7.34 -49.78 -5.73
N ILE A 609 7.73 -50.67 -6.63
CA ILE A 609 9.14 -51.02 -6.86
C ILE A 609 9.70 -50.02 -7.87
N ILE A 610 10.37 -48.97 -7.37
CA ILE A 610 10.93 -47.96 -8.25
C ILE A 610 12.17 -48.51 -8.97
N ALA A 611 12.45 -47.94 -10.14
CA ALA A 611 13.54 -48.41 -10.99
C ALA A 611 14.03 -47.27 -11.86
N GLY A 612 15.10 -47.52 -12.60
CA GLY A 612 15.65 -46.57 -13.56
C GLY A 612 16.79 -45.72 -13.01
N ASN A 613 17.11 -44.69 -13.78
CA ASN A 613 18.29 -43.87 -13.53
C ASN A 613 18.19 -43.09 -12.22
N VAL A 614 19.35 -42.85 -11.61
CA VAL A 614 19.46 -41.94 -10.47
C VAL A 614 20.66 -41.00 -10.64
N PRO A 615 20.49 -39.69 -10.47
CA PRO A 615 21.63 -38.78 -10.44
C PRO A 615 22.52 -38.99 -9.22
N LEU A 616 23.84 -39.02 -9.44
CA LEU A 616 24.80 -39.08 -8.35
C LEU A 616 24.64 -37.90 -7.39
N THR A 617 24.38 -38.18 -6.12
CA THR A 617 24.36 -37.16 -5.09
C THR A 617 25.77 -36.69 -4.76
N PRO A 618 25.90 -35.55 -4.06
CA PRO A 618 27.24 -34.97 -3.84
C PRO A 618 28.31 -35.92 -3.33
N ILE A 619 28.02 -36.66 -2.24
CA ILE A 619 29.04 -37.53 -1.66
C ILE A 619 29.29 -38.78 -2.52
N GLN A 620 28.31 -39.22 -3.30
CA GLN A 620 28.56 -40.27 -4.27
C GLN A 620 29.47 -39.79 -5.40
N LYS A 621 29.20 -38.59 -5.92
CA LYS A 621 30.07 -38.05 -6.95
C LYS A 621 31.47 -37.76 -6.40
N TRP A 622 31.57 -37.37 -5.13
CA TRP A 622 32.86 -37.29 -4.47
C TRP A 622 33.58 -38.63 -4.49
N PHE A 623 32.85 -39.71 -4.17
CA PHE A 623 33.48 -41.02 -4.10
C PHE A 623 34.01 -41.47 -5.45
N PHE A 624 33.19 -41.39 -6.49
CA PHE A 624 33.68 -41.72 -7.82
C PHE A 624 34.73 -40.75 -8.34
N GLY A 625 34.67 -39.48 -7.95
CA GLY A 625 35.74 -38.55 -8.28
C GLY A 625 37.07 -38.94 -7.69
N LYS A 626 37.11 -39.22 -6.39
CA LYS A 626 38.37 -39.49 -5.71
C LYS A 626 39.09 -40.72 -6.28
N ASN A 627 38.36 -41.60 -6.95
CA ASN A 627 38.95 -42.70 -7.72
C ASN A 627 39.91 -43.56 -6.91
N PHE A 628 39.40 -44.09 -5.79
CA PHE A 628 40.21 -44.97 -4.96
C PHE A 628 40.72 -46.15 -5.78
N THR A 629 41.94 -46.59 -5.49
CA THR A 629 42.29 -47.94 -5.90
C THR A 629 41.36 -48.96 -5.26
N ASN A 630 40.90 -49.92 -6.04
CA ASN A 630 40.06 -51.03 -5.58
C ASN A 630 38.67 -50.60 -5.09
N THR A 631 38.02 -49.68 -5.81
CA THR A 631 36.82 -49.01 -5.30
C THR A 631 35.72 -49.98 -4.90
N GLY A 632 35.68 -51.17 -5.50
CA GLY A 632 34.61 -52.11 -5.19
C GLY A 632 34.53 -52.49 -3.73
N HIS A 633 35.67 -52.57 -3.05
CA HIS A 633 35.74 -52.92 -1.64
C HIS A 633 35.87 -51.62 -0.83
N TRP A 634 34.71 -50.96 -0.64
CA TRP A 634 34.53 -49.76 0.18
C TRP A 634 33.19 -49.89 0.89
N ASN A 635 33.18 -50.59 2.01
CA ASN A 635 31.95 -51.13 2.59
C ASN A 635 31.63 -50.50 3.93
N GLN A 636 30.42 -50.80 4.42
CA GLN A 636 30.09 -50.82 5.83
C GLN A 636 29.54 -52.18 6.20
N SER A 637 29.82 -52.64 7.42
CA SER A 637 29.37 -53.96 7.83
C SER A 637 29.05 -53.98 9.32
N SER A 638 28.37 -55.05 9.74
CA SER A 638 28.17 -55.36 11.14
C SER A 638 27.95 -56.86 11.29
N VAL A 639 28.25 -57.37 12.48
CA VAL A 639 27.96 -58.77 12.83
C VAL A 639 26.96 -58.81 13.97
N LEU A 640 25.80 -59.41 13.72
CA LEU A 640 24.76 -59.63 14.72
C LEU A 640 24.92 -61.00 15.38
N TYR A 641 24.31 -61.14 16.57
CA TYR A 641 24.33 -62.40 17.31
C TYR A 641 22.96 -62.64 17.95
N ARG A 642 22.57 -63.92 18.02
CA ARG A 642 21.29 -64.32 18.60
C ARG A 642 21.43 -65.66 19.31
N PRO A 643 21.62 -65.66 20.63
CA PRO A 643 21.98 -66.89 21.35
C PRO A 643 21.08 -68.09 21.11
N GLU A 644 19.78 -67.88 20.90
CA GLU A 644 18.84 -68.97 20.66
C GLU A 644 18.77 -69.41 19.19
N GLY A 645 19.73 -69.01 18.37
CA GLY A 645 19.75 -69.34 16.96
C GLY A 645 19.10 -68.30 16.06
N PHE A 646 19.37 -68.45 14.74
CA PHE A 646 19.04 -67.44 13.75
C PHE A 646 18.66 -68.14 12.44
N ASP A 647 17.54 -68.86 12.46
CA ASP A 647 17.19 -69.87 11.45
C ASP A 647 17.36 -69.37 10.01
N PRO A 648 18.06 -70.13 9.16
CA PRO A 648 18.41 -69.65 7.80
C PRO A 648 17.25 -69.14 6.95
N LYS A 649 16.18 -69.92 6.84
CA LYS A 649 15.10 -69.55 5.92
C LYS A 649 14.35 -68.32 6.40
N VAL A 650 14.28 -68.11 7.70
CA VAL A 650 13.66 -66.90 8.23
C VAL A 650 14.42 -65.67 7.78
N ILE A 651 15.73 -65.65 8.02
CA ILE A 651 16.55 -64.50 7.64
C ILE A 651 16.59 -64.32 6.12
N GLN A 652 16.67 -65.40 5.35
CA GLN A 652 16.55 -65.26 3.89
C GLN A 652 15.24 -64.58 3.47
N SER A 653 14.13 -64.91 4.13
CA SER A 653 12.85 -64.29 3.76
C SER A 653 12.79 -62.83 4.18
N VAL A 654 13.42 -62.52 5.31
CA VAL A 654 13.52 -61.13 5.75
C VAL A 654 14.41 -60.33 4.82
N MET A 655 15.51 -60.93 4.35
CA MET A 655 16.36 -60.25 3.38
C MET A 655 15.63 -60.00 2.07
N ASP A 656 14.90 -60.99 1.56
CA ASP A 656 14.09 -60.78 0.37
C ASP A 656 13.17 -59.59 0.52
N LYS A 657 12.60 -59.41 1.70
CA LYS A 657 11.73 -58.25 1.88
C LYS A 657 12.52 -56.96 2.05
N ILE A 658 13.52 -56.96 2.91
CA ILE A 658 14.22 -55.72 3.24
C ILE A 658 14.89 -55.14 1.99
N ILE A 659 15.42 -56.00 1.12
CA ILE A 659 16.03 -55.52 -0.10
C ILE A 659 14.98 -55.13 -1.15
N GLU A 660 13.83 -55.80 -1.16
CA GLU A 660 12.79 -55.36 -2.09
C GLU A 660 12.23 -54.01 -1.70
N HIS A 661 12.09 -53.75 -0.41
CA HIS A 661 11.42 -52.55 0.06
C HIS A 661 12.32 -51.31 0.01
N HIS A 662 13.58 -51.44 0.40
CA HIS A 662 14.51 -50.30 0.37
C HIS A 662 15.16 -50.15 -1.00
N ASP A 663 14.54 -49.33 -1.83
CA ASP A 663 14.89 -49.17 -3.23
C ASP A 663 16.16 -48.35 -3.42
N ALA A 664 17.25 -48.79 -2.80
CA ALA A 664 18.56 -48.25 -3.14
C ALA A 664 19.62 -49.32 -2.98
N LEU A 665 19.33 -50.34 -2.18
CA LEU A 665 20.27 -51.43 -2.00
C LEU A 665 20.41 -52.29 -3.24
N ARG A 666 19.76 -51.90 -4.34
CA ARG A 666 19.84 -52.60 -5.62
C ARG A 666 20.56 -51.79 -6.70
N MET A 667 21.20 -50.68 -6.35
CA MET A 667 21.94 -49.86 -7.31
C MET A 667 22.94 -50.70 -8.10
N VAL A 668 23.20 -50.24 -9.34
CA VAL A 668 24.32 -50.70 -10.16
C VAL A 668 24.99 -49.47 -10.75
N TYR A 669 26.32 -49.46 -10.72
CA TYR A 669 27.12 -48.37 -11.26
C TYR A 669 27.83 -48.84 -12.51
N GLN A 670 27.59 -48.17 -13.64
CA GLN A 670 27.73 -48.82 -14.94
C GLN A 670 28.83 -48.25 -15.83
N HIS A 671 29.50 -47.16 -15.43
CA HIS A 671 30.64 -46.56 -16.17
C HIS A 671 30.38 -46.29 -17.65
N GLU A 672 29.13 -46.02 -18.03
CA GLU A 672 28.83 -45.72 -19.42
C GLU A 672 29.36 -44.35 -19.87
N ASN A 673 29.72 -44.27 -21.16
CA ASN A 673 30.20 -43.07 -21.85
C ASN A 673 31.40 -42.40 -21.16
N GLY A 674 32.13 -43.13 -20.33
CA GLY A 674 33.29 -42.61 -19.64
C GLY A 674 33.02 -41.81 -18.39
N ASN A 675 31.77 -41.49 -18.11
CA ASN A 675 31.36 -41.04 -16.79
C ASN A 675 31.00 -42.27 -15.94
N VAL A 676 30.36 -42.03 -14.80
CA VAL A 676 29.71 -43.07 -14.02
C VAL A 676 28.23 -42.69 -13.89
N VAL A 677 27.34 -43.64 -14.17
CA VAL A 677 25.91 -43.40 -14.15
C VAL A 677 25.23 -44.47 -13.33
N GLN A 678 24.35 -44.06 -12.41
CA GLN A 678 23.68 -45.00 -11.53
C GLN A 678 22.42 -45.53 -12.20
N HIS A 679 22.15 -46.80 -11.94
CA HIS A 679 20.95 -47.45 -12.41
C HIS A 679 20.39 -48.24 -11.24
N ASN A 680 19.10 -48.05 -10.97
CA ASN A 680 18.43 -48.68 -9.86
C ASN A 680 17.43 -49.68 -10.42
N ARG A 681 17.53 -50.93 -10.01
CA ARG A 681 16.97 -52.02 -10.78
C ARG A 681 15.92 -52.79 -9.99
N GLY A 682 14.99 -53.38 -10.73
CA GLY A 682 13.87 -54.11 -10.16
C GLY A 682 14.24 -55.49 -9.63
N LEU A 683 13.26 -56.37 -9.60
CA LEU A 683 13.43 -57.75 -9.17
C LEU A 683 14.14 -58.60 -10.21
N GLY A 684 15.29 -58.12 -10.71
CA GLY A 684 16.09 -58.77 -11.72
C GLY A 684 16.91 -59.95 -11.24
N GLY A 685 16.64 -60.45 -10.04
CA GLY A 685 17.40 -61.53 -9.44
C GLY A 685 18.69 -61.07 -8.78
N GLN A 686 19.23 -61.96 -7.94
CA GLN A 686 20.46 -61.73 -7.17
C GLN A 686 20.46 -60.36 -6.49
N LEU A 687 19.42 -60.16 -5.69
CA LEU A 687 19.30 -58.94 -4.92
C LEU A 687 20.43 -58.83 -3.91
N TYR A 688 20.86 -59.96 -3.36
CA TYR A 688 21.92 -60.05 -2.38
C TYR A 688 22.63 -61.38 -2.56
N ASP A 689 23.79 -61.50 -1.93
CA ASP A 689 24.61 -62.70 -2.00
C ASP A 689 24.56 -63.40 -0.65
N PHE A 690 24.19 -64.68 -0.66
CA PHE A 690 23.93 -65.41 0.58
C PHE A 690 24.88 -66.58 0.77
N PHE A 691 25.34 -66.75 2.01
CA PHE A 691 26.22 -67.85 2.39
C PHE A 691 25.89 -68.30 3.80
N SER A 692 26.09 -69.59 4.08
CA SER A 692 25.92 -70.15 5.41
C SER A 692 27.05 -71.11 5.71
N TYR A 693 27.57 -71.02 6.94
CA TYR A 693 28.74 -71.79 7.36
C TYR A 693 28.52 -72.32 8.77
N ASN A 694 29.03 -73.52 9.04
CA ASN A 694 29.12 -74.05 10.39
C ASN A 694 30.55 -73.90 10.91
N LEU A 695 30.70 -73.21 12.03
CA LEU A 695 31.98 -73.03 12.70
C LEU A 695 32.13 -73.87 13.96
N THR A 696 31.05 -74.50 14.43
CA THR A 696 31.08 -75.28 15.66
C THR A 696 32.16 -76.36 15.63
N ALA A 697 32.41 -76.94 14.46
CA ALA A 697 33.44 -77.96 14.32
C ALA A 697 34.85 -77.40 14.28
N GLN A 698 35.03 -76.08 14.20
CA GLN A 698 36.38 -75.53 14.08
C GLN A 698 36.87 -74.97 15.41
N PRO A 699 38.04 -75.43 15.89
CA PRO A 699 38.50 -75.03 17.23
C PRO A 699 38.65 -73.54 17.47
N ASP A 700 38.88 -72.73 16.43
CA ASP A 700 38.98 -71.28 16.56
C ASP A 700 37.87 -70.63 15.75
N VAL A 701 36.75 -70.36 16.41
CA VAL A 701 35.60 -69.73 15.77
C VAL A 701 35.93 -68.31 15.30
N GLN A 702 36.56 -67.53 16.18
CA GLN A 702 36.85 -66.13 15.85
C GLN A 702 37.71 -65.97 14.61
N GLN A 703 38.80 -66.75 14.51
CA GLN A 703 39.64 -66.61 13.33
C GLN A 703 38.93 -67.08 12.07
N ALA A 704 38.06 -68.08 12.19
CA ALA A 704 37.32 -68.57 11.03
C ALA A 704 36.36 -67.52 10.50
N ILE A 705 35.61 -66.87 11.39
CA ILE A 705 34.66 -65.87 10.94
C ILE A 705 35.38 -64.62 10.43
N GLU A 706 36.48 -64.24 11.09
CA GLU A 706 37.28 -63.14 10.58
C GLU A 706 37.75 -63.40 9.15
N ALA A 707 38.31 -64.59 8.90
CA ALA A 707 38.82 -64.92 7.58
C ALA A 707 37.72 -64.93 6.52
N GLU A 708 36.56 -65.49 6.85
CA GLU A 708 35.53 -65.56 5.80
C GLU A 708 34.83 -64.22 5.58
N THR A 709 34.67 -63.41 6.62
CA THR A 709 34.11 -62.07 6.41
C THR A 709 35.05 -61.19 5.61
N GLN A 710 36.36 -61.25 5.90
CA GLN A 710 37.32 -60.58 5.02
C GLN A 710 37.26 -61.09 3.59
N ARG A 711 36.96 -62.37 3.41
CA ARG A 711 36.83 -62.93 2.07
C ARG A 711 35.60 -62.41 1.35
N LEU A 712 34.50 -62.22 2.08
CA LEU A 712 33.28 -61.65 1.51
C LEU A 712 33.46 -60.21 1.03
N HIS A 713 34.13 -59.37 1.84
CA HIS A 713 34.21 -57.94 1.53
C HIS A 713 34.72 -57.68 0.12
N SER A 714 35.70 -58.45 -0.34
CA SER A 714 36.37 -58.13 -1.60
C SER A 714 35.56 -58.50 -2.83
N SER A 715 34.45 -59.23 -2.69
CA SER A 715 33.69 -59.73 -3.82
C SER A 715 32.67 -58.75 -4.38
N MET A 716 32.62 -57.52 -3.87
CA MET A 716 31.68 -56.53 -4.36
C MET A 716 31.94 -56.18 -5.82
N ASN A 717 30.93 -56.34 -6.67
CA ASN A 717 30.90 -55.72 -7.98
C ASN A 717 29.93 -54.55 -7.95
N LEU A 718 30.43 -53.35 -8.26
CA LEU A 718 29.51 -52.23 -8.42
C LEU A 718 28.73 -52.36 -9.72
N GLN A 719 29.29 -53.07 -10.69
CA GLN A 719 28.65 -53.29 -11.98
C GLN A 719 27.85 -54.59 -11.94
N GLU A 720 26.53 -54.48 -12.14
CA GLU A 720 25.68 -55.64 -12.43
C GLU A 720 25.79 -56.75 -11.39
N GLY A 721 25.87 -56.38 -10.11
CA GLY A 721 25.98 -57.39 -9.07
C GLY A 721 25.43 -56.95 -7.73
N PRO A 722 25.36 -57.89 -6.79
CA PRO A 722 24.80 -57.58 -5.46
C PRO A 722 25.73 -56.72 -4.64
N LEU A 723 25.21 -55.60 -4.16
CA LEU A 723 25.93 -54.76 -3.21
C LEU A 723 25.75 -55.19 -1.76
N VAL A 724 24.90 -56.18 -1.50
CA VAL A 724 24.63 -56.68 -0.15
C VAL A 724 25.09 -58.13 -0.05
N LYS A 725 25.99 -58.40 0.89
CA LYS A 725 26.52 -59.74 1.13
C LYS A 725 26.08 -60.16 2.53
N VAL A 726 25.37 -61.28 2.62
CA VAL A 726 24.87 -61.82 3.89
C VAL A 726 25.50 -63.18 4.14
N ALA A 727 26.10 -63.35 5.31
CA ALA A 727 26.69 -64.64 5.69
C ALA A 727 26.30 -65.05 7.10
N LEU A 728 25.80 -66.28 7.22
CA LEU A 728 25.29 -66.83 8.46
C LEU A 728 26.31 -67.81 9.03
N PHE A 729 26.85 -67.49 10.20
CA PHE A 729 27.83 -68.35 10.88
C PHE A 729 27.19 -69.03 12.08
N GLN A 730 27.24 -70.36 12.11
CA GLN A 730 26.72 -71.15 13.21
C GLN A 730 27.83 -71.56 14.17
N THR A 731 27.58 -71.40 15.47
CA THR A 731 28.60 -71.48 16.51
C THR A 731 28.05 -72.27 17.68
N LEU A 732 28.96 -72.80 18.51
CA LEU A 732 28.57 -73.63 19.64
C LEU A 732 27.57 -72.94 20.56
N HIS A 733 27.61 -71.61 20.63
CA HIS A 733 26.70 -70.83 21.44
C HIS A 733 25.64 -70.08 20.62
N GLY A 734 25.40 -70.49 19.37
CA GLY A 734 24.32 -69.92 18.59
C GLY A 734 24.74 -69.57 17.17
N ASP A 735 23.96 -68.69 16.53
CA ASP A 735 24.21 -68.27 15.16
C ASP A 735 24.47 -66.77 15.07
N HIS A 736 25.30 -66.39 14.10
CA HIS A 736 25.66 -65.00 13.83
C HIS A 736 25.28 -64.63 12.41
N LEU A 737 24.91 -63.36 12.22
CA LEU A 737 24.66 -62.81 10.89
C LEU A 737 25.68 -61.72 10.59
N PHE A 738 26.44 -61.90 9.52
CA PHE A 738 27.30 -60.88 8.96
C PHE A 738 26.58 -60.19 7.81
N LEU A 739 26.35 -58.88 7.92
CA LEU A 739 25.89 -58.06 6.82
C LEU A 739 27.03 -57.17 6.34
N ALA A 740 27.25 -57.14 5.02
CA ALA A 740 28.12 -56.15 4.41
C ALA A 740 27.38 -55.46 3.29
N ILE A 741 27.36 -54.13 3.30
CA ILE A 741 26.67 -53.35 2.30
C ILE A 741 27.59 -52.25 1.81
N HIS A 742 27.61 -52.02 0.50
CA HIS A 742 28.52 -51.04 -0.07
C HIS A 742 28.17 -49.63 0.38
N HIS A 743 29.19 -48.83 0.68
CA HIS A 743 28.98 -47.54 1.30
C HIS A 743 28.17 -46.58 0.43
N LEU A 744 28.17 -46.76 -0.88
CA LEU A 744 27.36 -45.90 -1.76
C LEU A 744 25.88 -45.97 -1.50
N VAL A 745 25.39 -46.95 -0.74
CA VAL A 745 23.95 -47.08 -0.51
C VAL A 745 23.55 -47.12 0.95
N VAL A 746 24.49 -46.88 1.89
CA VAL A 746 24.15 -46.85 3.31
C VAL A 746 24.91 -45.77 4.07
N ASP A 747 24.36 -45.44 5.23
CA ASP A 747 24.98 -44.56 6.22
C ASP A 747 24.41 -44.94 7.59
N GLY A 748 24.92 -44.29 8.63
CA GLY A 748 24.52 -44.65 10.00
C GLY A 748 23.02 -44.69 10.25
N ILE A 749 22.31 -43.65 9.80
CA ILE A 749 20.86 -43.65 9.96
C ILE A 749 20.22 -44.77 9.15
N SER A 750 20.73 -45.03 7.95
CA SER A 750 20.21 -46.14 7.17
C SER A 750 20.51 -47.49 7.80
N TRP A 751 21.56 -47.60 8.61
CA TRP A 751 21.75 -48.82 9.38
C TRP A 751 20.76 -48.95 10.52
N ARG A 752 20.42 -47.83 11.18
CA ARG A 752 19.35 -47.89 12.18
C ARG A 752 18.02 -48.31 11.56
N ILE A 753 17.73 -47.80 10.36
CA ILE A 753 16.56 -48.24 9.61
C ILE A 753 16.62 -49.73 9.30
N LEU A 754 17.73 -50.19 8.75
CA LEU A 754 17.85 -51.60 8.38
C LEU A 754 17.76 -52.52 9.58
N PHE A 755 18.37 -52.17 10.71
CA PHE A 755 18.26 -53.05 11.86
C PHE A 755 16.85 -53.10 12.41
N GLU A 756 16.16 -51.97 12.54
CA GLU A 756 14.81 -52.08 13.09
C GLU A 756 13.83 -52.73 12.11
N ASP A 757 13.99 -52.51 10.79
CA ASP A 757 13.15 -53.23 9.84
C ASP A 757 13.47 -54.72 9.74
N LEU A 758 14.74 -55.11 9.91
CA LEU A 758 15.07 -56.52 10.01
C LEU A 758 14.52 -57.14 11.28
N ALA A 759 14.62 -56.45 12.41
CA ALA A 759 14.06 -56.98 13.65
C ALA A 759 12.56 -57.16 13.56
N THR A 760 11.85 -56.16 13.02
CA THR A 760 10.40 -56.30 12.86
C THR A 760 10.07 -57.45 11.91
N GLY A 761 10.78 -57.57 10.78
CA GLY A 761 10.50 -58.66 9.87
C GLY A 761 10.78 -60.02 10.50
N TYR A 762 11.85 -60.11 11.28
CA TYR A 762 12.22 -61.38 11.89
C TYR A 762 11.18 -61.80 12.92
N ALA A 763 10.75 -60.86 13.76
CA ALA A 763 9.69 -61.15 14.72
C ALA A 763 8.41 -61.59 14.00
N GLN A 764 8.01 -60.85 12.96
CA GLN A 764 6.80 -61.20 12.22
C GLN A 764 6.87 -62.60 11.64
N ALA A 765 7.96 -62.92 10.93
CA ALA A 765 8.07 -64.24 10.31
C ALA A 765 8.18 -65.35 11.34
N LEU A 766 8.87 -65.09 12.45
CA LEU A 766 9.06 -66.11 13.46
C LEU A 766 7.77 -66.38 14.24
N ALA A 767 6.94 -65.35 14.42
CA ALA A 767 5.59 -65.60 14.94
C ALA A 767 4.72 -66.29 13.90
N GLY A 768 4.78 -65.85 12.64
CA GLY A 768 4.21 -66.60 11.54
C GLY A 768 3.48 -65.79 10.51
N GLN A 769 3.15 -64.53 10.83
CA GLN A 769 2.42 -63.67 9.92
C GLN A 769 3.30 -63.23 8.75
N ALA A 770 2.63 -62.78 7.69
CA ALA A 770 3.32 -62.16 6.54
C ALA A 770 4.05 -60.88 6.94
N ILE A 771 5.20 -60.67 6.33
CA ILE A 771 6.10 -59.57 6.68
C ILE A 771 5.51 -58.25 6.20
N SER A 772 5.31 -57.31 7.11
CA SER A 772 4.77 -55.97 6.81
C SER A 772 5.71 -54.90 7.36
N LEU A 773 6.60 -54.39 6.52
CA LEU A 773 7.47 -53.28 6.89
C LEU A 773 6.74 -51.94 6.83
N PRO A 774 7.24 -50.92 7.53
CA PRO A 774 6.63 -49.59 7.53
C PRO A 774 6.45 -48.98 6.14
N GLU A 775 5.72 -47.87 6.11
CA GLU A 775 5.42 -47.17 4.87
C GLU A 775 6.65 -46.46 4.30
N LYS A 776 6.94 -46.75 3.03
CA LYS A 776 8.12 -46.24 2.34
C LYS A 776 8.07 -44.72 2.17
N THR A 777 9.01 -44.00 2.78
CA THR A 777 9.15 -42.57 2.52
C THR A 777 9.84 -42.34 1.16
N ASP A 778 10.03 -41.06 0.82
CA ASP A 778 10.35 -40.68 -0.55
C ASP A 778 11.67 -41.29 -1.01
N SER A 779 11.60 -42.04 -2.11
CA SER A 779 12.68 -42.92 -2.52
C SER A 779 13.89 -42.14 -3.01
N PHE A 780 15.06 -42.79 -2.93
CA PHE A 780 16.32 -42.10 -3.15
C PHE A 780 16.40 -41.49 -4.55
N GLN A 781 15.80 -42.14 -5.54
CA GLN A 781 15.74 -41.59 -6.89
C GLN A 781 15.13 -40.20 -6.89
N SER A 782 13.98 -40.04 -6.25
CA SER A 782 13.28 -38.77 -6.21
C SER A 782 14.05 -37.74 -5.39
N TRP A 783 14.71 -38.17 -4.32
CA TRP A 783 15.59 -37.27 -3.58
C TRP A 783 16.71 -36.74 -4.46
N SER A 784 17.34 -37.62 -5.23
CA SER A 784 18.41 -37.18 -6.13
C SER A 784 17.88 -36.17 -7.16
N GLN A 785 16.74 -36.49 -7.77
CA GLN A 785 16.15 -35.59 -8.76
C GLN A 785 15.82 -34.22 -8.15
N TRP A 786 15.23 -34.22 -6.95
CA TRP A 786 14.95 -32.97 -6.27
C TRP A 786 16.22 -32.23 -5.89
N LEU A 787 17.29 -32.94 -5.55
CA LEU A 787 18.55 -32.26 -5.24
C LEU A 787 19.22 -31.67 -6.47
N GLN A 788 19.07 -32.31 -7.63
CA GLN A 788 19.47 -31.67 -8.88
C GLN A 788 18.67 -30.41 -9.13
N GLU A 789 17.37 -30.47 -8.90
CA GLU A 789 16.51 -29.31 -9.19
C GLU A 789 16.69 -28.18 -8.17
N TYR A 790 16.99 -28.51 -6.92
CA TYR A 790 17.33 -27.53 -5.89
C TYR A 790 18.71 -26.92 -6.07
N ALA A 791 19.67 -27.68 -6.61
CA ALA A 791 21.05 -27.22 -6.67
C ALA A 791 21.25 -25.94 -7.46
N ASN A 792 20.26 -25.52 -8.25
CA ASN A 792 20.36 -24.29 -9.04
C ASN A 792 19.40 -23.20 -8.57
N GLU A 793 18.72 -23.38 -7.45
CA GLU A 793 17.77 -22.40 -6.97
C GLU A 793 18.46 -21.25 -6.23
N ALA A 794 17.76 -20.10 -6.18
CA ALA A 794 18.27 -18.91 -5.52
C ALA A 794 18.53 -19.11 -4.04
N ASP A 795 17.79 -20.01 -3.38
CA ASP A 795 17.97 -20.22 -1.95
C ASP A 795 19.37 -20.76 -1.66
N LEU A 796 19.79 -21.77 -2.40
CA LEU A 796 21.14 -22.30 -2.22
C LEU A 796 22.21 -21.29 -2.62
N LEU A 797 22.01 -20.61 -3.75
CA LEU A 797 23.04 -19.75 -4.28
C LEU A 797 23.29 -18.53 -3.38
N SER A 798 22.28 -18.13 -2.60
CA SER A 798 22.48 -17.14 -1.56
C SER A 798 23.45 -17.54 -0.47
N GLU A 799 23.84 -18.82 -0.40
CA GLU A 799 24.93 -19.22 0.49
C GLU A 799 26.32 -18.95 -0.08
N ILE A 800 26.43 -18.70 -1.38
CA ILE A 800 27.73 -18.44 -2.00
C ILE A 800 28.53 -17.36 -1.29
N PRO A 801 27.95 -16.23 -0.88
CA PRO A 801 28.77 -15.25 -0.14
C PRO A 801 29.36 -15.80 1.16
N TYR A 802 28.70 -16.76 1.82
CA TYR A 802 29.32 -17.35 3.01
C TYR A 802 30.44 -18.32 2.66
N TRP A 803 30.21 -19.22 1.72
CA TRP A 803 31.24 -20.21 1.42
C TRP A 803 32.43 -19.58 0.71
N GLU A 804 32.19 -18.52 -0.07
CA GLU A 804 33.26 -17.64 -0.51
C GLU A 804 34.01 -17.03 0.67
N SER A 805 33.27 -16.48 1.64
CA SER A 805 33.92 -15.84 2.78
C SER A 805 34.72 -16.82 3.60
N LEU A 806 34.35 -18.10 3.56
CA LEU A 806 35.16 -19.15 4.17
C LEU A 806 36.39 -19.47 3.31
N GLU A 807 36.18 -19.93 2.08
CA GLU A 807 37.29 -20.41 1.27
C GLU A 807 38.38 -19.35 1.11
N SER A 808 37.97 -18.11 0.83
CA SER A 808 38.96 -17.04 0.65
C SER A 808 39.78 -16.81 1.91
N GLN A 809 39.24 -17.18 3.07
CA GLN A 809 39.91 -17.05 4.35
C GLN A 809 40.63 -18.33 4.78
N ALA A 810 40.21 -19.47 4.23
CA ALA A 810 40.83 -20.76 4.53
C ALA A 810 42.08 -21.08 3.70
N LYS A 811 42.29 -20.39 2.57
CA LYS A 811 43.27 -20.78 1.56
C LYS A 811 44.60 -21.29 2.12
N ASN A 812 45.26 -20.49 2.95
CA ASN A 812 46.62 -20.78 3.38
C ASN A 812 46.73 -21.58 4.68
N VAL A 813 45.60 -21.94 5.29
CA VAL A 813 45.58 -22.72 6.53
C VAL A 813 46.09 -24.13 6.24
N SER A 814 47.12 -24.56 6.97
CA SER A 814 47.88 -25.74 6.56
C SER A 814 48.42 -26.50 7.77
N LEU A 815 48.04 -27.77 7.86
CA LEU A 815 48.43 -28.64 8.98
C LEU A 815 49.89 -29.07 8.83
N PRO A 816 50.71 -28.91 9.87
CA PRO A 816 52.06 -29.48 9.83
C PRO A 816 52.07 -31.01 9.87
N LYS A 817 53.14 -31.58 9.33
CA LYS A 817 53.37 -33.02 9.29
C LYS A 817 54.74 -33.34 9.89
N ASP A 818 54.87 -34.54 10.48
CA ASP A 818 56.21 -35.02 10.85
C ASP A 818 57.02 -35.43 9.62
N TYR A 819 56.37 -36.02 8.63
CA TYR A 819 57.03 -36.41 7.38
C TYR A 819 56.21 -35.94 6.20
N GLU A 820 56.88 -35.36 5.21
CA GLU A 820 56.26 -35.07 3.92
C GLU A 820 56.18 -36.35 3.09
N VAL A 821 54.98 -36.92 2.95
CA VAL A 821 54.73 -38.03 2.04
C VAL A 821 53.39 -37.81 1.34
N THR A 822 53.36 -38.04 0.03
CA THR A 822 52.26 -37.52 -0.78
C THR A 822 50.98 -38.34 -0.64
N ASP A 823 51.07 -39.66 -0.61
CA ASP A 823 49.90 -40.50 -0.41
C ASP A 823 50.30 -41.75 0.38
N CYS A 824 49.33 -42.31 1.08
CA CYS A 824 49.51 -43.53 1.87
C CYS A 824 48.32 -44.45 1.65
N LYS A 825 48.58 -45.76 1.59
CA LYS A 825 47.48 -46.71 1.50
C LYS A 825 46.91 -47.01 2.89
N GLN A 826 45.64 -47.44 2.89
CA GLN A 826 44.85 -47.56 4.12
C GLN A 826 45.47 -48.49 5.15
N LYS A 827 46.25 -49.49 4.74
CA LYS A 827 46.93 -50.35 5.71
C LYS A 827 47.87 -49.60 6.65
N SER A 828 48.30 -48.40 6.26
CA SER A 828 49.14 -47.56 7.11
C SER A 828 48.38 -46.87 8.24
N VAL A 829 47.04 -46.89 8.23
CA VAL A 829 46.24 -46.24 9.25
C VAL A 829 46.36 -47.00 10.57
N ARG A 830 47.06 -46.41 11.54
CA ARG A 830 46.93 -46.79 12.94
C ARG A 830 45.84 -45.94 13.59
N ASN A 831 45.41 -46.35 14.78
CA ASN A 831 44.58 -45.47 15.60
C ASN A 831 44.85 -45.66 17.08
N MET A 832 44.49 -44.64 17.87
CA MET A 832 44.60 -44.71 19.32
C MET A 832 43.41 -44.00 19.98
N ARG A 833 43.12 -44.39 21.22
CA ARG A 833 41.88 -44.04 21.89
C ARG A 833 42.14 -43.36 23.23
N ILE A 834 41.29 -42.40 23.58
CA ILE A 834 41.23 -41.83 24.92
C ILE A 834 39.80 -41.97 25.45
N ARG A 835 39.67 -42.20 26.76
CA ARG A 835 38.39 -42.48 27.38
C ARG A 835 38.14 -41.55 28.58
N LEU A 836 36.99 -40.90 28.60
CA LEU A 836 36.50 -40.25 29.82
C LEU A 836 35.82 -41.26 30.73
N HIS A 837 36.05 -41.13 32.03
CA HIS A 837 35.36 -41.96 33.01
C HIS A 837 33.85 -41.68 33.01
N PRO A 838 33.05 -42.63 33.49
CA PRO A 838 31.59 -42.44 33.46
C PRO A 838 31.08 -41.19 34.17
N GLU A 839 31.70 -40.79 35.28
CA GLU A 839 31.22 -39.62 36.03
C GLU A 839 31.48 -38.31 35.29
N GLU A 840 32.62 -38.22 34.62
CA GLU A 840 32.90 -37.04 33.81
C GLU A 840 32.13 -37.06 32.49
N THR A 841 31.90 -38.24 31.93
CA THR A 841 31.00 -38.34 30.78
C THR A 841 29.59 -37.90 31.13
N GLU A 842 29.10 -38.30 32.30
CA GLU A 842 27.72 -37.96 32.65
C GLU A 842 27.58 -36.48 32.94
N GLN A 843 28.61 -35.88 33.56
CA GLN A 843 28.62 -34.42 33.67
C GLN A 843 28.58 -33.77 32.31
N LEU A 844 29.30 -34.32 31.33
CA LEU A 844 29.31 -33.72 30.00
C LEU A 844 27.92 -33.78 29.39
N LEU A 845 27.31 -34.96 29.40
CA LEU A 845 26.07 -35.15 28.64
C LEU A 845 24.88 -34.46 29.27
N LYS A 846 24.84 -34.36 30.60
CA LYS A 846 23.65 -33.84 31.27
C LYS A 846 23.80 -32.42 31.80
N HIS A 847 24.93 -32.08 32.39
CA HIS A 847 25.08 -30.83 33.11
C HIS A 847 25.82 -29.75 32.33
N ALA A 848 26.95 -30.08 31.72
CA ALA A 848 27.86 -29.07 31.18
C ALA A 848 27.29 -28.25 30.03
N ASN A 849 26.21 -28.71 29.38
CA ASN A 849 25.67 -27.92 28.27
C ASN A 849 25.01 -26.64 28.74
N GLN A 850 24.50 -26.61 29.98
CA GLN A 850 23.52 -25.61 30.36
C GLN A 850 24.14 -24.21 30.46
N ALA A 851 25.41 -24.11 30.83
CA ALA A 851 26.00 -22.81 31.11
C ALA A 851 26.07 -21.90 29.89
N TYR A 852 26.01 -22.45 28.68
CA TYR A 852 25.94 -21.62 27.48
C TYR A 852 24.88 -22.09 26.49
N GLN A 853 24.01 -23.02 26.89
CA GLN A 853 23.04 -23.65 26.00
C GLN A 853 23.71 -24.26 24.77
N THR A 854 24.86 -24.90 24.98
CA THR A 854 25.57 -25.55 23.90
C THR A 854 24.95 -26.90 23.56
N GLU A 855 25.19 -27.35 22.33
CA GLU A 855 25.08 -28.75 22.00
C GLU A 855 26.43 -29.44 22.29
N ILE A 856 26.39 -30.76 22.49
CA ILE A 856 27.58 -31.54 22.82
C ILE A 856 28.74 -31.26 21.86
N ASN A 857 28.44 -31.06 20.58
CA ASN A 857 29.49 -30.83 19.60
C ASN A 857 30.26 -29.54 19.89
N ASP A 858 29.58 -28.51 20.38
CA ASP A 858 30.26 -27.24 20.57
C ASP A 858 31.39 -27.37 21.57
N LEU A 859 31.20 -28.21 22.58
CA LEU A 859 32.23 -28.43 23.59
C LEU A 859 33.33 -29.33 23.06
N LEU A 860 32.95 -30.37 22.32
CA LEU A 860 33.98 -31.25 21.77
C LEU A 860 34.86 -30.53 20.74
N LEU A 861 34.28 -29.62 19.96
CA LEU A 861 35.06 -28.82 19.05
C LEU A 861 35.90 -27.75 19.76
N ALA A 862 35.35 -27.09 20.79
CA ALA A 862 36.19 -26.11 21.48
C ALA A 862 37.39 -26.78 22.14
N ALA A 863 37.22 -28.03 22.57
CA ALA A 863 38.37 -28.77 23.07
C ALA A 863 39.35 -29.13 21.96
N LEU A 864 38.83 -29.56 20.81
CA LEU A 864 39.70 -29.83 19.66
C LEU A 864 40.47 -28.58 19.25
N GLY A 865 39.81 -27.42 19.28
CA GLY A 865 40.49 -26.17 19.03
C GLY A 865 41.68 -25.95 19.95
N LEU A 866 41.46 -26.02 21.27
CA LEU A 866 42.58 -25.83 22.18
C LEU A 866 43.66 -26.91 22.01
N ALA A 867 43.26 -28.13 21.67
CA ALA A 867 44.24 -29.20 21.45
C ALA A 867 45.17 -28.89 20.28
N PHE A 868 44.59 -28.45 19.16
CA PHE A 868 45.41 -27.97 18.05
C PHE A 868 46.22 -26.72 18.42
N ALA A 869 45.65 -25.83 19.22
CA ALA A 869 46.39 -24.62 19.59
C ALA A 869 47.64 -24.96 20.39
N GLU A 870 47.55 -25.94 21.28
CA GLU A 870 48.71 -26.31 22.09
C GLU A 870 49.68 -27.18 21.31
N TRP A 871 49.18 -28.08 20.46
CA TRP A 871 50.02 -29.03 19.75
C TRP A 871 50.71 -28.41 18.53
N SER A 872 49.98 -27.69 17.69
CA SER A 872 50.55 -27.13 16.48
C SER A 872 51.04 -25.70 16.64
N LYS A 873 50.44 -24.94 17.55
CA LYS A 873 50.63 -23.48 17.64
C LYS A 873 50.28 -22.78 16.32
N LEU A 874 49.39 -23.37 15.54
CA LEU A 874 48.72 -22.63 14.48
C LEU A 874 47.81 -21.55 15.06
N ALA A 875 47.55 -20.52 14.25
CA ALA A 875 46.58 -19.50 14.61
C ALA A 875 45.16 -19.85 14.19
N GLN A 876 45.00 -20.60 13.10
CA GLN A 876 43.69 -20.94 12.57
C GLN A 876 43.77 -22.34 11.98
N ILE A 877 42.65 -23.07 12.01
CA ILE A 877 42.60 -24.44 11.54
C ILE A 877 41.27 -24.70 10.84
N VAL A 878 41.31 -25.47 9.74
CA VAL A 878 40.12 -25.91 9.03
C VAL A 878 39.83 -27.37 9.37
N ILE A 879 38.65 -27.63 9.94
CA ILE A 879 38.22 -28.97 10.30
C ILE A 879 36.99 -29.33 9.49
N HIS A 880 37.00 -30.49 8.85
CA HIS A 880 35.84 -30.98 8.11
C HIS A 880 34.90 -31.74 9.04
N LEU A 881 33.62 -31.37 8.99
CA LEU A 881 32.58 -31.96 9.80
C LEU A 881 31.63 -32.73 8.90
N GLU A 882 31.38 -34.00 9.21
CA GLU A 882 30.23 -34.68 8.62
C GLU A 882 28.93 -34.27 9.30
N GLY A 883 27.92 -33.92 8.50
CA GLY A 883 26.56 -33.76 8.97
C GLY A 883 25.71 -35.00 8.72
N HIS A 884 24.57 -35.08 9.41
CA HIS A 884 23.70 -36.22 9.17
C HIS A 884 22.99 -36.15 7.83
N GLY A 885 22.97 -34.99 7.17
CA GLY A 885 22.68 -34.89 5.75
C GLY A 885 21.23 -34.73 5.34
N ARG A 886 20.26 -35.15 6.16
CA ARG A 886 18.86 -35.26 5.74
C ARG A 886 18.02 -34.01 5.99
N GLU A 887 18.62 -32.82 5.91
CA GLU A 887 17.93 -31.57 6.24
C GLU A 887 16.69 -31.32 5.36
N ASP A 888 15.81 -30.45 5.86
CA ASP A 888 14.62 -30.00 5.14
C ASP A 888 14.96 -29.03 4.02
N ILE A 889 15.79 -29.49 3.09
CA ILE A 889 16.24 -28.69 1.96
C ILE A 889 15.17 -28.62 0.88
N ILE A 890 14.37 -29.68 0.75
CA ILE A 890 13.29 -29.77 -0.21
C ILE A 890 12.00 -29.85 0.59
N GLU A 891 11.12 -28.85 0.41
CA GLU A 891 10.02 -28.67 1.34
C GLU A 891 9.08 -29.88 1.39
N GLN A 892 8.78 -30.48 0.24
CA GLN A 892 7.88 -31.63 0.24
C GLN A 892 8.51 -32.91 0.77
N ALA A 893 9.83 -32.97 0.93
CA ALA A 893 10.54 -34.25 1.01
C ALA A 893 10.46 -34.87 2.41
N ASN A 894 10.12 -36.16 2.46
CA ASN A 894 10.23 -36.98 3.66
C ASN A 894 11.24 -38.09 3.43
N VAL A 895 12.24 -38.19 4.32
CA VAL A 895 13.42 -39.01 4.09
C VAL A 895 13.82 -39.86 5.30
N ALA A 896 13.09 -39.77 6.41
CA ALA A 896 13.43 -40.54 7.61
C ALA A 896 13.39 -42.06 7.43
N ARG A 897 12.72 -42.58 6.42
CA ARG A 897 12.68 -44.02 6.15
C ARG A 897 13.45 -44.39 4.88
N THR A 898 14.22 -43.46 4.33
CA THR A 898 14.91 -43.63 3.06
C THR A 898 16.35 -44.06 3.29
N VAL A 899 16.79 -45.08 2.54
CA VAL A 899 18.10 -45.68 2.70
C VAL A 899 19.02 -45.23 1.57
N GLY A 900 20.22 -44.78 1.93
CA GLY A 900 21.14 -44.19 0.97
C GLY A 900 22.26 -43.48 1.70
N TRP A 901 23.19 -42.94 0.92
CA TRP A 901 24.33 -42.23 1.48
C TRP A 901 24.03 -40.74 1.49
N PHE A 902 23.55 -40.23 2.63
CA PHE A 902 23.15 -38.83 2.77
C PHE A 902 24.23 -37.92 3.34
N THR A 903 25.29 -38.48 3.92
CA THR A 903 26.30 -37.71 4.64
C THR A 903 26.78 -36.48 3.87
N SER A 904 26.72 -35.32 4.51
CA SER A 904 27.26 -34.09 3.95
C SER A 904 28.59 -33.75 4.60
N GLN A 905 29.52 -33.24 3.80
CA GLN A 905 30.81 -32.75 4.29
C GLN A 905 30.83 -31.23 4.22
N TYR A 906 31.16 -30.58 5.34
CA TYR A 906 31.41 -29.14 5.28
C TYR A 906 32.61 -28.75 6.14
N PRO A 907 33.45 -27.84 5.64
CA PRO A 907 34.56 -27.33 6.45
C PRO A 907 34.11 -26.29 7.46
N VAL A 908 34.75 -26.32 8.62
CA VAL A 908 34.58 -25.30 9.66
C VAL A 908 35.95 -24.74 10.02
N LEU A 909 36.12 -23.44 9.82
CA LEU A 909 37.32 -22.75 10.26
C LEU A 909 37.17 -22.36 11.74
N LEU A 910 38.08 -22.85 12.58
CA LEU A 910 38.11 -22.47 13.99
C LEU A 910 39.20 -21.45 14.23
N ASP A 911 38.87 -20.40 14.98
CA ASP A 911 39.89 -19.54 15.54
C ASP A 911 40.63 -20.22 16.68
N LEU A 912 41.96 -20.12 16.67
CA LEU A 912 42.78 -20.46 17.82
C LEU A 912 43.43 -19.25 18.46
N LYS A 913 43.30 -18.08 17.83
CA LYS A 913 43.91 -16.84 18.34
C LYS A 913 43.35 -16.43 19.70
N GLN A 914 42.03 -16.39 19.83
CA GLN A 914 41.36 -15.89 21.05
C GLN A 914 41.16 -16.95 22.13
N THR A 915 42.11 -17.86 22.33
CA THR A 915 41.92 -19.01 23.20
C THR A 915 42.11 -18.71 24.69
N ALA A 916 42.54 -17.49 25.06
CA ALA A 916 42.97 -17.26 26.44
C ALA A 916 41.82 -17.29 27.45
N PRO A 917 40.81 -16.41 27.39
CA PRO A 917 39.67 -16.56 28.32
C PRO A 917 38.67 -17.61 27.87
N LEU A 918 38.72 -18.77 28.52
CA LEU A 918 37.97 -19.94 28.07
C LEU A 918 36.48 -19.66 27.99
N SER A 919 35.95 -18.83 28.89
CA SER A 919 34.52 -18.49 28.87
C SER A 919 34.11 -17.88 27.54
N ASP A 920 35.00 -17.13 26.91
CA ASP A 920 34.69 -16.38 25.70
C ASP A 920 35.05 -17.15 24.43
N TYR A 921 35.87 -18.19 24.57
CA TYR A 921 36.21 -19.09 23.48
C TYR A 921 35.10 -20.10 23.19
N ILE A 922 34.44 -20.61 24.23
CA ILE A 922 33.28 -21.47 24.01
C ILE A 922 32.16 -20.69 23.34
N LYS A 923 31.97 -19.42 23.70
CA LYS A 923 30.93 -18.63 23.03
C LYS A 923 31.25 -18.39 21.56
N LEU A 924 32.51 -18.16 21.23
CA LEU A 924 32.91 -17.98 19.83
C LEU A 924 32.71 -19.25 19.02
N THR A 925 33.17 -20.39 19.55
CA THR A 925 32.96 -21.66 18.87
C THR A 925 31.48 -21.99 18.74
N LYS A 926 30.70 -21.78 19.80
CA LYS A 926 29.27 -22.01 19.71
C LYS A 926 28.65 -21.19 18.59
N GLU A 927 29.03 -19.92 18.47
CA GLU A 927 28.41 -19.05 17.47
C GLU A 927 28.73 -19.50 16.05
N ASN A 928 29.97 -19.90 15.78
CA ASN A 928 30.29 -20.44 14.45
C ASN A 928 29.29 -21.50 13.97
N MET A 929 28.92 -22.45 14.83
CA MET A 929 28.06 -23.54 14.37
C MET A 929 26.64 -23.09 14.00
N ARG A 930 26.20 -21.92 14.47
CA ARG A 930 24.92 -21.38 14.06
C ARG A 930 25.02 -20.38 12.92
N LYS A 931 26.16 -19.74 12.79
CA LYS A 931 26.41 -18.88 11.64
C LYS A 931 26.43 -19.67 10.34
N ILE A 932 26.89 -20.92 10.38
CA ILE A 932 26.97 -21.77 9.18
C ILE A 932 25.59 -21.94 8.56
N PRO A 933 25.41 -21.63 7.27
CA PRO A 933 24.09 -21.75 6.64
C PRO A 933 23.55 -23.17 6.63
N ARG A 934 22.23 -23.27 6.77
CA ARG A 934 21.52 -24.54 6.98
C ARG A 934 22.27 -25.36 8.03
N LYS A 935 22.65 -26.60 7.75
CA LYS A 935 23.74 -27.23 8.47
C LYS A 935 24.82 -27.72 7.51
N GLY A 936 25.32 -26.81 6.67
CA GLY A 936 26.39 -27.09 5.72
C GLY A 936 26.07 -28.01 4.58
N ILE A 937 24.83 -28.51 4.47
CA ILE A 937 24.44 -29.35 3.34
C ILE A 937 24.70 -28.65 2.00
N GLY A 938 24.60 -27.32 1.97
CA GLY A 938 24.79 -26.57 0.74
C GLY A 938 26.18 -26.57 0.16
N TYR A 939 27.21 -26.80 0.98
CA TYR A 939 28.57 -26.67 0.46
C TYR A 939 28.89 -27.75 -0.56
N ASP A 940 28.58 -28.99 -0.24
CA ASP A 940 28.88 -30.08 -1.15
C ASP A 940 28.03 -30.05 -2.41
N ILE A 941 26.80 -29.53 -2.31
CA ILE A 941 25.96 -29.38 -3.50
C ILE A 941 26.56 -28.36 -4.45
N LEU A 942 27.02 -27.23 -3.93
CA LEU A 942 27.68 -26.24 -4.78
C LEU A 942 28.97 -26.78 -5.37
N LYS A 943 29.68 -27.63 -4.64
CA LYS A 943 30.94 -28.16 -5.15
C LYS A 943 30.73 -29.19 -6.26
N HIS A 944 29.80 -30.12 -6.06
CA HIS A 944 29.69 -31.28 -6.94
C HIS A 944 28.45 -31.35 -7.81
N VAL A 945 27.39 -30.60 -7.52
CA VAL A 945 26.15 -30.72 -8.28
C VAL A 945 25.83 -29.45 -9.05
N THR A 946 25.97 -28.27 -8.45
CA THR A 946 25.49 -27.05 -9.10
C THR A 946 26.28 -26.77 -10.38
N LEU A 947 25.57 -26.17 -11.35
CA LEU A 947 26.12 -25.95 -12.68
C LEU A 947 27.30 -24.97 -12.66
N PRO A 948 28.36 -25.25 -13.42
CA PRO A 948 29.66 -24.62 -13.14
C PRO A 948 29.71 -23.13 -13.45
N GLU A 949 28.82 -22.61 -14.28
CA GLU A 949 28.69 -21.17 -14.49
C GLU A 949 27.80 -20.48 -13.47
N ASN A 950 27.05 -21.24 -12.68
CA ASN A 950 26.04 -20.71 -11.79
C ASN A 950 26.61 -20.31 -10.42
N ARG A 951 27.84 -20.71 -10.11
CA ARG A 951 28.37 -20.71 -8.75
C ARG A 951 29.49 -19.71 -8.50
N GLY A 952 29.86 -18.90 -9.49
CA GLY A 952 30.66 -17.71 -9.24
C GLY A 952 32.07 -17.93 -8.68
N SER A 953 32.37 -17.19 -7.61
CA SER A 953 33.73 -17.02 -7.08
C SER A 953 34.34 -18.27 -6.45
N LEU A 954 33.54 -19.32 -6.21
CA LEU A 954 34.02 -20.47 -5.46
C LEU A 954 35.24 -21.12 -6.10
N SER A 955 36.22 -21.49 -5.26
CA SER A 955 37.52 -22.05 -5.67
C SER A 955 37.85 -23.21 -4.71
N PHE A 956 37.21 -24.35 -4.93
CA PHE A 956 37.07 -25.44 -3.95
C PHE A 956 38.40 -26.18 -3.76
N ARG A 957 39.33 -25.56 -3.05
CA ARG A 957 40.66 -26.10 -2.90
C ARG A 957 41.01 -26.49 -1.46
N VAL A 958 40.07 -26.39 -0.53
CA VAL A 958 40.24 -26.92 0.83
C VAL A 958 39.97 -28.42 0.87
N GLN A 959 40.99 -29.21 0.59
CA GLN A 959 40.93 -30.65 0.82
C GLN A 959 40.86 -30.97 2.32
N PRO A 960 40.28 -32.11 2.67
CA PRO A 960 40.36 -32.61 4.05
C PRO A 960 41.79 -32.82 4.52
N GLU A 961 42.10 -32.28 5.70
CA GLU A 961 43.27 -32.67 6.47
C GLU A 961 42.88 -33.21 7.83
N VAL A 962 42.12 -32.45 8.61
CA VAL A 962 41.51 -32.92 9.86
C VAL A 962 40.02 -33.06 9.63
N THR A 963 39.48 -34.23 9.99
CA THR A 963 38.06 -34.50 9.89
C THR A 963 37.52 -34.98 11.24
N PHE A 964 36.32 -34.54 11.58
CA PHE A 964 35.72 -34.80 12.89
C PHE A 964 34.30 -35.31 12.72
N ASN A 965 33.92 -36.33 13.50
CA ASN A 965 32.52 -36.76 13.57
C ASN A 965 32.23 -37.37 14.92
N TYR A 966 31.28 -36.77 15.65
CA TYR A 966 30.79 -37.31 16.91
C TYR A 966 29.61 -38.24 16.67
N LEU A 967 29.82 -39.53 16.85
CA LEU A 967 28.72 -40.48 16.94
C LEU A 967 28.10 -40.39 18.33
N GLY A 968 26.82 -40.69 18.41
CA GLY A 968 26.14 -40.59 19.71
C GLY A 968 26.39 -41.78 20.61
N GLN A 969 25.35 -42.26 21.27
CA GLN A 969 25.35 -43.63 21.76
C GLN A 969 25.68 -44.55 20.60
N PHE A 970 26.63 -45.46 20.78
CA PHE A 970 26.94 -46.42 19.73
C PHE A 970 25.93 -47.57 19.80
N ASP A 971 24.65 -47.22 19.64
CA ASP A 971 23.53 -48.11 19.90
C ASP A 971 22.58 -48.24 18.72
N ALA A 972 23.04 -47.89 17.51
CA ALA A 972 22.26 -48.19 16.31
C ALA A 972 21.98 -49.68 16.21
N ASP A 973 22.94 -50.49 16.65
CA ASP A 973 22.83 -51.94 16.66
C ASP A 973 22.04 -52.43 17.88
N MET A 974 22.60 -52.21 19.07
CA MET A 974 22.12 -52.78 20.33
C MET A 974 20.89 -52.09 20.91
N ARG A 975 19.79 -52.08 20.14
CA ARG A 975 18.59 -51.37 20.58
C ARG A 975 17.30 -52.19 20.44
N THR A 976 17.38 -53.47 20.10
CA THR A 976 16.22 -54.36 20.21
C THR A 976 16.68 -55.70 20.78
N GLU A 977 15.85 -56.30 21.64
CA GLU A 977 16.23 -57.51 22.34
C GLU A 977 16.32 -58.74 21.44
N LEU A 978 15.77 -58.67 20.23
CA LEU A 978 15.70 -59.83 19.36
C LEU A 978 17.07 -60.31 18.88
N PHE A 979 18.10 -59.46 18.98
CA PHE A 979 19.48 -59.83 18.67
C PHE A 979 20.40 -58.76 19.27
N THR A 980 21.70 -59.05 19.27
CA THR A 980 22.68 -58.12 19.83
C THR A 980 23.98 -58.14 19.05
N ARG A 981 24.76 -57.07 19.22
CA ARG A 981 26.07 -56.95 18.58
C ARG A 981 26.96 -58.14 18.94
N SER A 982 27.51 -58.78 17.92
CA SER A 982 28.26 -60.01 18.14
C SER A 982 29.57 -59.73 18.87
N PRO A 983 29.93 -60.57 19.84
CA PRO A 983 31.31 -60.54 20.36
C PRO A 983 32.36 -60.75 19.29
N TYR A 984 32.04 -61.48 18.23
CA TYR A 984 32.99 -61.83 17.19
C TYR A 984 33.16 -60.76 16.12
N SER A 985 32.49 -59.61 16.28
CA SER A 985 32.49 -58.57 15.26
C SER A 985 33.89 -58.22 14.75
N GLY A 986 34.87 -58.17 15.65
CA GLY A 986 36.25 -57.98 15.25
C GLY A 986 36.44 -56.75 14.38
N GLY A 987 37.18 -56.92 13.28
CA GLY A 987 37.41 -55.85 12.32
C GLY A 987 36.23 -55.43 11.46
N ASN A 988 35.04 -56.01 11.65
CA ASN A 988 33.91 -55.75 10.78
C ASN A 988 32.92 -54.75 11.34
N THR A 989 33.30 -53.96 12.33
CA THR A 989 32.39 -53.00 12.94
C THR A 989 31.93 -51.96 11.94
N LEU A 990 30.87 -51.25 12.31
CA LEU A 990 30.25 -50.22 11.50
C LEU A 990 30.89 -48.84 11.67
N GLY A 991 31.59 -48.62 12.77
CA GLY A 991 32.17 -47.32 13.08
C GLY A 991 33.51 -47.06 12.43
N ALA A 992 34.35 -46.32 13.14
CA ALA A 992 35.68 -45.94 12.65
C ALA A 992 36.71 -47.05 12.83
N ASP A 993 36.53 -47.93 13.82
CA ASP A 993 37.45 -49.02 14.07
C ASP A 993 37.15 -50.27 13.24
N GLY A 994 36.39 -50.12 12.16
CA GLY A 994 36.22 -51.20 11.20
C GLY A 994 37.44 -51.36 10.31
N LYS A 995 38.31 -52.29 10.69
CA LYS A 995 39.52 -52.56 9.93
C LYS A 995 39.22 -53.11 8.54
N ASN A 996 38.18 -53.93 8.41
CA ASN A 996 38.02 -54.75 7.22
C ASN A 996 37.29 -54.08 6.07
N ASN A 997 36.44 -53.10 6.34
CA ASN A 997 35.46 -52.67 5.35
C ASN A 997 36.04 -51.73 4.29
N LEU A 998 37.21 -51.14 4.51
CA LEU A 998 37.90 -50.39 3.46
C LEU A 998 39.13 -51.16 3.00
N SER A 999 39.34 -51.18 1.69
CA SER A 999 40.44 -51.93 1.07
C SER A 999 41.78 -51.53 1.68
N PRO A 1000 42.63 -52.49 2.04
CA PRO A 1000 43.99 -52.17 2.48
C PRO A 1000 44.77 -51.33 1.48
N GLU A 1001 44.48 -51.46 0.19
CA GLU A 1001 45.18 -50.78 -0.88
C GLU A 1001 44.48 -49.51 -1.36
N SER A 1002 43.33 -49.15 -0.80
CA SER A 1002 42.79 -47.82 -1.06
C SER A 1002 43.66 -46.73 -0.41
N GLU A 1003 43.44 -45.49 -0.85
CA GLU A 1003 44.23 -44.36 -0.41
C GLU A 1003 43.63 -43.69 0.83
N VAL A 1004 44.50 -43.12 1.66
CA VAL A 1004 44.11 -42.35 2.84
C VAL A 1004 43.71 -40.93 2.39
N TYR A 1005 42.40 -40.67 2.35
CA TYR A 1005 41.87 -39.40 1.88
C TYR A 1005 41.80 -38.31 2.94
N THR A 1006 41.98 -38.62 4.23
CA THR A 1006 42.06 -37.62 5.30
C THR A 1006 43.24 -37.94 6.20
N ALA A 1007 44.06 -36.94 6.48
CA ALA A 1007 45.26 -37.17 7.28
C ALA A 1007 44.93 -37.58 8.72
N LEU A 1008 44.14 -36.78 9.43
CA LEU A 1008 43.60 -37.14 10.74
C LEU A 1008 42.10 -37.32 10.68
N ASN A 1009 41.61 -38.46 11.15
CA ASN A 1009 40.18 -38.70 11.26
C ASN A 1009 39.83 -38.95 12.72
N ILE A 1010 39.00 -38.07 13.28
CA ILE A 1010 38.70 -38.02 14.71
C ILE A 1010 37.24 -38.38 14.91
N THR A 1011 36.96 -39.39 15.75
CA THR A 1011 35.59 -39.77 16.03
C THR A 1011 35.39 -40.06 17.50
N GLY A 1012 34.29 -39.52 18.05
CA GLY A 1012 33.84 -39.83 19.40
C GLY A 1012 32.63 -40.74 19.40
N LEU A 1013 32.52 -41.59 20.42
CA LEU A 1013 31.34 -42.41 20.65
C LEU A 1013 31.22 -42.70 22.13
N ILE A 1014 30.02 -43.07 22.57
CA ILE A 1014 29.79 -43.55 23.93
C ILE A 1014 29.65 -45.05 23.93
N GLU A 1015 30.47 -45.73 24.73
CA GLU A 1015 30.33 -47.14 25.00
C GLU A 1015 30.46 -47.38 26.50
N GLY A 1016 29.57 -48.20 27.06
CA GLY A 1016 29.57 -48.42 28.50
C GLY A 1016 29.46 -47.15 29.32
N GLY A 1017 28.86 -46.10 28.76
CA GLY A 1017 28.81 -44.81 29.40
C GLY A 1017 30.14 -44.08 29.48
N GLU A 1018 31.16 -44.53 28.76
CA GLU A 1018 32.40 -43.79 28.61
C GLU A 1018 32.47 -43.17 27.22
N LEU A 1019 32.79 -41.88 27.16
CA LEU A 1019 33.11 -41.26 25.88
C LEU A 1019 34.50 -41.71 25.43
N VAL A 1020 34.60 -42.22 24.20
CA VAL A 1020 35.87 -42.68 23.64
C VAL A 1020 36.20 -41.92 22.37
N LEU A 1021 37.31 -41.18 22.39
CA LEU A 1021 37.75 -40.37 21.25
C LEU A 1021 38.88 -41.07 20.50
N THR A 1022 38.68 -41.26 19.20
CA THR A 1022 39.52 -42.11 18.36
C THR A 1022 40.26 -41.23 17.35
N PHE A 1023 41.58 -41.37 17.28
CA PHE A 1023 42.39 -40.63 16.31
C PHE A 1023 43.00 -41.60 15.31
N SER A 1024 42.55 -41.54 14.06
CA SER A 1024 43.03 -42.38 12.99
C SER A 1024 43.94 -41.60 12.05
N TYR A 1025 45.14 -42.13 11.82
CA TYR A 1025 46.21 -41.41 11.15
C TYR A 1025 47.12 -42.41 10.46
N SER A 1026 47.80 -41.97 9.41
CA SER A 1026 48.81 -42.80 8.76
C SER A 1026 50.09 -42.81 9.58
N SER A 1027 50.60 -44.00 9.88
CA SER A 1027 51.93 -44.15 10.46
C SER A 1027 53.05 -43.76 9.51
N GLU A 1028 52.74 -43.35 8.28
CA GLU A 1028 53.73 -42.75 7.40
C GLU A 1028 53.75 -41.22 7.48
N GLN A 1029 52.73 -40.60 8.06
CA GLN A 1029 52.66 -39.14 8.14
C GLN A 1029 52.97 -38.58 9.52
N TYR A 1030 52.77 -39.36 10.60
CA TYR A 1030 53.11 -38.93 11.95
C TYR A 1030 53.65 -40.10 12.74
N ARG A 1031 54.52 -39.80 13.71
CA ARG A 1031 54.99 -40.80 14.65
C ARG A 1031 54.07 -40.86 15.87
N GLU A 1032 54.03 -42.04 16.50
CA GLU A 1032 53.07 -42.31 17.57
C GLU A 1032 53.16 -41.31 18.72
N GLU A 1033 54.38 -40.88 19.07
CA GLU A 1033 54.53 -39.94 20.17
C GLU A 1033 53.96 -38.55 19.87
N SER A 1034 53.85 -38.17 18.59
CA SER A 1034 53.24 -36.89 18.28
C SER A 1034 51.71 -36.93 18.29
N ILE A 1035 51.10 -38.06 17.97
CA ILE A 1035 49.65 -38.19 18.14
C ILE A 1035 49.25 -38.51 19.58
N GLN A 1036 50.12 -39.19 20.35
CA GLN A 1036 49.88 -39.30 21.78
C GLN A 1036 49.88 -37.93 22.47
N GLN A 1037 50.76 -37.03 22.04
CA GLN A 1037 50.68 -35.65 22.52
C GLN A 1037 49.32 -35.02 22.20
N LEU A 1038 48.90 -35.10 20.94
CA LEU A 1038 47.65 -34.46 20.56
C LEU A 1038 46.46 -35.02 21.34
N SER A 1039 46.43 -36.33 21.58
CA SER A 1039 45.29 -36.92 22.27
C SER A 1039 45.29 -36.71 23.78
N GLN A 1040 46.46 -36.66 24.42
CA GLN A 1040 46.50 -36.22 25.82
C GLN A 1040 46.18 -34.74 25.98
N SER A 1041 46.71 -33.89 25.09
CA SER A 1041 46.35 -32.47 25.12
C SER A 1041 44.88 -32.25 24.79
N TYR A 1042 44.26 -33.16 24.05
CA TYR A 1042 42.80 -33.11 23.90
C TYR A 1042 42.12 -33.42 25.23
N GLN A 1043 42.58 -34.45 25.92
CA GLN A 1043 41.88 -34.89 27.12
C GLN A 1043 41.91 -33.84 28.23
N LYS A 1044 43.06 -33.22 28.47
CA LYS A 1044 43.11 -32.15 29.48
C LYS A 1044 42.19 -30.98 29.14
N HIS A 1045 42.14 -30.56 27.87
CA HIS A 1045 41.30 -29.42 27.52
C HIS A 1045 39.81 -29.75 27.50
N LEU A 1046 39.43 -30.99 27.22
CA LEU A 1046 38.02 -31.33 27.36
C LEU A 1046 37.62 -31.43 28.83
N LEU A 1047 38.49 -31.97 29.68
CA LEU A 1047 38.13 -31.99 31.09
C LEU A 1047 38.09 -30.59 31.68
N ALA A 1048 38.93 -29.68 31.20
CA ALA A 1048 38.79 -28.27 31.58
C ALA A 1048 37.46 -27.69 31.15
N ILE A 1049 37.01 -27.97 29.94
CA ILE A 1049 35.72 -27.42 29.49
C ILE A 1049 34.54 -28.02 30.27
N ILE A 1050 34.60 -29.31 30.61
CA ILE A 1050 33.54 -29.90 31.42
C ILE A 1050 33.50 -29.28 32.81
N ALA A 1051 34.66 -29.15 33.45
CA ALA A 1051 34.69 -28.51 34.76
C ALA A 1051 34.19 -27.08 34.70
N HIS A 1052 34.73 -26.29 33.77
CA HIS A 1052 34.34 -24.89 33.64
C HIS A 1052 32.83 -24.74 33.46
N CYS A 1053 32.26 -25.41 32.46
CA CYS A 1053 30.83 -25.26 32.23
C CYS A 1053 29.95 -25.87 33.30
N THR A 1054 30.49 -26.71 34.19
CA THR A 1054 29.63 -27.28 35.23
C THR A 1054 29.76 -26.55 36.57
N GLU A 1055 30.92 -25.94 36.83
CA GLU A 1055 31.11 -25.07 37.99
C GLU A 1055 30.45 -23.70 37.83
N LYS A 1056 30.30 -23.21 36.60
CA LYS A 1056 29.65 -21.92 36.36
C LYS A 1056 28.16 -22.01 36.70
N LYS A 1057 27.75 -21.21 37.68
CA LYS A 1057 26.42 -21.32 38.30
C LYS A 1057 25.31 -20.68 37.46
N GLU A 1058 25.48 -19.42 37.06
CA GLU A 1058 24.50 -18.79 36.17
C GLU A 1058 24.60 -19.36 34.75
N VAL A 1059 23.60 -18.99 33.93
CA VAL A 1059 23.55 -19.32 32.51
C VAL A 1059 23.77 -18.05 31.69
N GLU A 1060 24.68 -18.11 30.72
CA GLU A 1060 24.95 -16.98 29.82
C GLU A 1060 24.60 -17.36 28.39
N ARG A 1061 23.38 -17.03 27.97
CA ARG A 1061 22.97 -17.12 26.58
C ARG A 1061 23.81 -16.23 25.67
N THR A 1062 23.79 -16.54 24.38
CA THR A 1062 24.55 -15.86 23.34
C THR A 1062 23.62 -15.51 22.19
N PRO A 1063 24.04 -14.59 21.31
CA PRO A 1063 23.11 -14.04 20.30
C PRO A 1063 22.35 -15.05 19.47
N SER A 1064 22.91 -16.23 19.22
CA SER A 1064 22.18 -17.28 18.50
C SER A 1064 20.97 -17.81 19.25
N ASP A 1065 20.80 -17.45 20.52
CA ASP A 1065 19.67 -17.92 21.30
C ASP A 1065 18.44 -17.04 21.19
N PHE A 1066 18.61 -15.79 20.74
CA PHE A 1066 17.52 -14.83 20.61
C PHE A 1066 17.14 -14.69 19.15
N SER A 1067 15.83 -14.62 18.89
CA SER A 1067 15.27 -14.66 17.53
C SER A 1067 15.61 -13.43 16.67
N VAL A 1068 16.43 -12.50 17.15
CA VAL A 1068 16.88 -11.36 16.34
C VAL A 1068 17.84 -11.86 15.26
N LYS A 1069 17.41 -11.85 13.99
CA LYS A 1069 18.28 -12.22 12.87
C LYS A 1069 19.39 -11.19 12.72
N GLY A 1070 20.59 -11.54 13.16
CA GLY A 1070 21.75 -10.69 13.02
C GLY A 1070 22.25 -10.02 14.28
N LEU A 1071 21.83 -10.47 15.45
CA LEU A 1071 22.31 -9.89 16.70
C LEU A 1071 23.77 -10.26 16.93
N GLN A 1072 24.48 -9.36 17.62
CA GLN A 1072 25.90 -9.51 17.90
C GLN A 1072 26.17 -9.27 19.38
N MET A 1073 27.30 -9.80 19.87
CA MET A 1073 27.56 -9.80 21.31
C MET A 1073 27.56 -8.39 21.88
N GLU A 1074 28.22 -7.45 21.19
CA GLU A 1074 28.31 -6.09 21.68
C GLU A 1074 26.93 -5.44 21.75
N GLU A 1075 26.05 -5.81 20.84
CA GLU A 1075 24.69 -5.30 20.82
C GLU A 1075 23.82 -5.99 21.87
N MET A 1076 23.97 -7.31 22.02
CA MET A 1076 23.20 -8.03 23.03
C MET A 1076 23.53 -7.57 24.45
N ASP A 1077 24.80 -7.25 24.73
CA ASP A 1077 25.07 -6.66 26.03
C ASP A 1077 24.73 -5.18 26.12
N ASP A 1078 24.63 -4.47 24.99
CA ASP A 1078 24.01 -3.15 25.05
C ASP A 1078 22.55 -3.22 25.46
N ILE A 1079 21.77 -4.09 24.82
CA ILE A 1079 20.35 -4.22 25.18
C ILE A 1079 20.16 -4.74 26.60
N PHE A 1080 21.04 -5.64 27.08
CA PHE A 1080 20.90 -6.04 28.48
C PHE A 1080 21.40 -5.03 29.49
N GLU A 1081 22.19 -4.04 29.09
CA GLU A 1081 22.36 -2.88 29.96
C GLU A 1081 21.13 -1.97 29.90
N LEU A 1082 20.56 -1.83 28.71
CA LEU A 1082 19.49 -0.86 28.49
C LEU A 1082 18.20 -1.29 29.16
N LEU A 1083 17.85 -2.57 29.13
CA LEU A 1083 16.70 -3.03 29.91
C LEU A 1083 16.89 -2.82 31.40
N ALA A 1084 18.12 -2.99 31.89
CA ALA A 1084 18.36 -2.75 33.30
C ALA A 1084 18.25 -1.27 33.66
N ASN A 1085 18.45 -0.39 32.68
CA ASN A 1085 18.19 1.03 32.90
C ASN A 1085 16.73 1.45 32.68
N ARG A 1086 16.01 0.80 31.78
CA ARG A 1086 14.59 1.07 31.63
C ARG A 1086 13.78 0.60 32.83
N LEU A 1087 13.93 -0.66 33.22
CA LEU A 1087 13.06 -1.22 34.26
C LEU A 1087 13.50 -0.76 35.65
N VAL B 3 14.34 -6.28 41.02
CA VAL B 3 15.42 -5.86 40.14
C VAL B 3 15.34 -6.66 38.84
N PHE B 4 16.09 -6.24 37.82
CA PHE B 4 16.25 -7.02 36.60
C PHE B 4 17.56 -7.79 36.62
N SER B 5 17.47 -9.07 36.27
CA SER B 5 18.63 -9.88 35.91
C SER B 5 18.34 -10.56 34.58
N LYS B 6 19.41 -10.87 33.84
CA LYS B 6 19.28 -11.28 32.45
C LYS B 6 18.38 -12.50 32.28
N GLU B 7 18.21 -13.27 33.36
CA GLU B 7 17.41 -14.49 33.34
C GLU B 7 15.96 -14.28 32.95
N GLN B 8 15.42 -13.07 33.12
CA GLN B 8 14.00 -12.84 32.97
C GLN B 8 13.55 -12.74 31.52
N VAL B 9 14.43 -12.32 30.61
CA VAL B 9 14.05 -12.20 29.20
C VAL B 9 13.88 -13.59 28.59
N GLN B 10 12.67 -13.86 28.11
CA GLN B 10 12.43 -15.10 27.37
C GLN B 10 13.08 -15.05 26.00
N ASP B 11 12.84 -14.00 25.24
CA ASP B 11 13.27 -13.94 23.84
C ASP B 11 13.17 -12.49 23.37
N MET B 12 13.73 -12.23 22.19
CA MET B 12 13.72 -10.90 21.58
C MET B 12 13.49 -11.02 20.08
N TYR B 13 12.83 -10.02 19.51
CA TYR B 13 12.37 -10.12 18.13
C TYR B 13 12.42 -8.75 17.47
N ALA B 14 12.62 -8.76 16.15
CA ALA B 14 12.38 -7.57 15.36
C ALA B 14 10.88 -7.27 15.30
N LEU B 15 10.53 -5.99 15.39
CA LEU B 15 9.13 -5.61 15.25
C LEU B 15 8.60 -5.98 13.86
N THR B 16 7.38 -6.48 13.81
CA THR B 16 6.72 -6.65 12.53
C THR B 16 6.29 -5.29 11.99
N PRO B 17 6.09 -5.19 10.68
CA PRO B 17 5.78 -3.87 10.09
C PRO B 17 4.59 -3.17 10.70
N MET B 18 3.61 -3.92 11.18
CA MET B 18 2.47 -3.31 11.87
C MET B 18 2.88 -2.66 13.18
N GLN B 19 3.73 -3.35 13.96
CA GLN B 19 4.21 -2.76 15.19
C GLN B 19 5.18 -1.62 14.93
N GLU B 20 5.90 -1.66 13.81
CA GLU B 20 6.65 -0.49 13.39
C GLU B 20 5.73 0.69 13.12
N GLY B 21 4.64 0.47 12.38
CA GLY B 21 3.62 1.49 12.22
C GLY B 21 3.09 2.09 13.52
N MET B 22 2.68 1.24 14.44
CA MET B 22 2.19 1.74 15.72
C MET B 22 3.28 2.41 16.56
N LEU B 23 4.52 1.93 16.52
CA LEU B 23 5.54 2.60 17.31
C LEU B 23 5.94 3.94 16.69
N PHE B 24 5.90 4.05 15.36
CA PHE B 24 6.06 5.35 14.72
C PHE B 24 4.99 6.30 15.23
N HIS B 25 3.74 5.87 15.16
CA HIS B 25 2.61 6.65 15.63
C HIS B 25 2.78 7.07 17.09
N ALA B 26 2.94 6.09 17.98
CA ALA B 26 3.08 6.31 19.42
C ALA B 26 4.31 7.13 19.81
N LEU B 27 5.25 7.36 18.91
CA LEU B 27 6.36 8.26 19.25
C LEU B 27 6.25 9.63 18.59
N LEU B 28 5.77 9.69 17.35
CA LEU B 28 5.59 10.94 16.64
C LEU B 28 4.30 11.65 17.06
N ASP B 29 3.17 10.96 16.92
CA ASP B 29 1.85 11.52 17.19
C ASP B 29 1.51 11.53 18.67
N GLN B 30 2.37 12.12 19.50
CA GLN B 30 2.13 12.27 20.93
C GLN B 30 1.39 13.56 21.27
N GLU B 31 0.76 14.20 20.29
CA GLU B 31 -0.06 15.38 20.54
C GLU B 31 -1.28 15.04 21.40
N HIS B 32 -1.67 13.77 21.44
CA HIS B 32 -2.75 13.28 22.28
C HIS B 32 -2.31 11.99 22.97
N ASN B 33 -3.05 11.62 24.01
CA ASN B 33 -2.71 10.53 24.91
C ASN B 33 -3.39 9.20 24.58
N SER B 34 -4.37 9.20 23.68
CA SER B 34 -5.22 8.03 23.45
C SER B 34 -4.63 7.00 22.50
N HIS B 35 -3.41 6.54 22.77
CA HIS B 35 -2.82 5.40 22.05
C HIS B 35 -3.31 4.06 22.60
N LEU B 36 -4.61 3.96 22.89
CA LEU B 36 -5.12 3.06 23.90
C LEU B 36 -6.49 2.57 23.45
N VAL B 37 -6.80 1.34 23.82
CA VAL B 37 -8.13 0.77 23.63
C VAL B 37 -8.69 0.50 25.01
N GLN B 38 -9.98 0.74 25.19
CA GLN B 38 -10.64 0.41 26.45
C GLN B 38 -11.90 -0.38 26.20
N MET B 39 -12.01 -1.52 26.86
CA MET B 39 -13.16 -2.40 26.78
C MET B 39 -13.88 -2.37 28.12
N SER B 40 -15.15 -2.01 28.10
CA SER B 40 -15.97 -1.95 29.31
C SER B 40 -17.05 -3.01 29.21
N ILE B 41 -17.07 -3.90 30.20
CA ILE B 41 -17.93 -5.07 30.19
C ILE B 41 -18.78 -5.04 31.46
N SER B 42 -20.05 -5.47 31.34
CA SER B 42 -20.93 -5.64 32.48
C SER B 42 -21.30 -7.11 32.64
N LEU B 43 -21.32 -7.58 33.90
CA LEU B 43 -21.44 -9.00 34.23
C LEU B 43 -22.47 -9.22 35.33
N GLN B 44 -23.74 -9.36 34.97
CA GLN B 44 -24.76 -9.65 35.97
C GLN B 44 -24.67 -11.11 36.41
N GLY B 45 -25.22 -11.40 37.58
CA GLY B 45 -24.95 -12.65 38.28
C GLY B 45 -23.84 -12.48 39.31
N ASP B 46 -23.20 -13.60 39.69
CA ASP B 46 -22.28 -13.61 40.84
C ASP B 46 -20.90 -14.16 40.48
N LEU B 47 -20.09 -13.31 39.85
CA LEU B 47 -18.68 -13.60 39.63
C LEU B 47 -17.93 -13.70 40.95
N ASP B 48 -16.89 -14.53 40.99
CA ASP B 48 -16.04 -14.65 42.17
C ASP B 48 -14.74 -13.88 41.92
N VAL B 49 -14.53 -12.83 42.72
CA VAL B 49 -13.48 -11.84 42.48
C VAL B 49 -12.08 -12.46 42.50
N GLY B 50 -11.82 -13.34 43.48
CA GLY B 50 -10.50 -13.95 43.57
C GLY B 50 -10.17 -14.86 42.40
N LEU B 51 -11.10 -15.74 42.04
CA LEU B 51 -10.84 -16.65 40.93
C LEU B 51 -10.65 -15.89 39.62
N PHE B 52 -11.42 -14.84 39.39
CA PHE B 52 -11.28 -14.04 38.18
C PHE B 52 -9.95 -13.30 38.14
N THR B 53 -9.54 -12.77 39.29
CA THR B 53 -8.20 -12.19 39.40
C THR B 53 -7.12 -13.21 39.07
N ASP B 54 -7.25 -14.45 39.56
CA ASP B 54 -6.26 -15.47 39.21
C ASP B 54 -6.27 -15.79 37.73
N SER B 55 -7.45 -15.90 37.14
CA SER B 55 -7.53 -16.32 35.75
C SER B 55 -6.93 -15.29 34.81
N LEU B 56 -6.92 -14.01 35.22
CA LEU B 56 -6.20 -13.04 34.41
C LEU B 56 -4.68 -13.22 34.47
N HIS B 57 -4.16 -13.70 35.59
CA HIS B 57 -2.72 -13.91 35.68
C HIS B 57 -2.30 -15.14 34.88
N VAL B 58 -3.13 -16.18 34.90
CA VAL B 58 -2.83 -17.35 34.06
C VAL B 58 -2.86 -16.94 32.59
N LEU B 59 -3.76 -16.02 32.22
CA LEU B 59 -3.78 -15.52 30.86
C LEU B 59 -2.52 -14.76 30.49
N VAL B 60 -2.02 -13.91 31.38
CA VAL B 60 -0.79 -13.17 31.11
C VAL B 60 0.43 -14.09 31.00
N GLU B 61 0.55 -15.08 31.89
CA GLU B 61 1.59 -16.08 31.73
C GLU B 61 1.48 -16.88 30.44
N ARG B 62 0.27 -17.09 29.95
CA ARG B 62 0.08 -17.86 28.73
C ARG B 62 0.54 -17.15 27.46
N TYR B 63 0.33 -15.84 27.35
CA TYR B 63 0.58 -15.13 26.10
C TYR B 63 1.88 -14.34 26.14
N ASP B 64 2.76 -14.59 25.17
CA ASP B 64 4.00 -13.82 25.04
C ASP B 64 3.71 -12.39 24.61
N VAL B 65 2.65 -12.17 23.84
CA VAL B 65 2.24 -10.81 23.47
C VAL B 65 2.06 -9.95 24.71
N PHE B 66 1.40 -10.48 25.72
CA PHE B 66 1.02 -9.68 26.87
C PHE B 66 2.19 -9.43 27.81
N ARG B 67 3.30 -10.11 27.58
CA ARG B 67 4.54 -9.91 28.30
C ARG B 67 5.62 -9.29 27.41
N THR B 68 5.24 -8.82 26.24
CA THR B 68 6.12 -8.00 25.42
C THR B 68 6.32 -6.62 26.02
N LEU B 69 7.54 -6.13 25.95
CA LEU B 69 7.83 -4.70 26.03
C LEU B 69 8.64 -4.32 24.81
N PHE B 70 8.50 -3.07 24.38
CA PHE B 70 9.09 -2.62 23.12
C PHE B 70 10.23 -1.67 23.43
N LEU B 71 11.41 -2.03 22.96
CA LEU B 71 12.65 -1.33 23.27
C LEU B 71 13.14 -0.64 22.00
N TYR B 72 13.31 0.67 22.07
CA TYR B 72 13.49 1.48 20.88
C TYR B 72 14.45 2.65 21.05
N GLU B 73 14.87 2.96 22.26
CA GLU B 73 15.35 4.32 22.55
C GLU B 73 16.74 4.59 21.98
N LYS B 74 17.63 3.60 21.93
CA LYS B 74 19.02 3.86 21.56
C LYS B 74 19.63 2.77 20.69
N LEU B 75 18.80 1.95 20.05
CA LEU B 75 19.23 0.72 19.40
C LEU B 75 19.51 0.93 17.91
N LYS B 76 20.23 -0.04 17.34
CA LYS B 76 20.32 -0.14 15.89
C LYS B 76 18.94 -0.30 15.25
N GLN B 77 18.04 -1.00 15.94
CA GLN B 77 16.71 -1.30 15.44
C GLN B 77 15.80 -1.51 16.65
N PRO B 78 14.54 -1.09 16.57
CA PRO B 78 13.56 -1.46 17.60
C PRO B 78 13.48 -2.98 17.80
N LEU B 79 13.22 -3.39 19.05
CA LEU B 79 13.02 -4.79 19.39
C LEU B 79 11.80 -4.97 20.28
N GLN B 80 11.08 -6.08 20.08
CA GLN B 80 10.28 -6.67 21.14
C GLN B 80 11.20 -7.39 22.12
N VAL B 81 10.92 -7.25 23.42
CA VAL B 81 11.54 -8.07 24.45
C VAL B 81 10.44 -8.73 25.26
N VAL B 82 10.50 -10.05 25.41
CA VAL B 82 9.48 -10.81 26.11
C VAL B 82 10.03 -11.29 27.45
N LEU B 83 9.31 -10.98 28.53
CA LEU B 83 9.68 -11.43 29.86
C LEU B 83 8.85 -12.64 30.27
N LYS B 84 9.44 -13.54 31.06
CA LYS B 84 8.72 -14.75 31.45
C LYS B 84 7.54 -14.45 32.39
N GLN B 85 7.61 -13.36 33.14
CA GLN B 85 6.53 -12.95 34.02
C GLN B 85 6.38 -11.43 33.96
N ARG B 86 5.15 -10.92 33.78
CA ARG B 86 4.91 -9.49 33.80
C ARG B 86 3.49 -9.18 34.30
N PRO B 87 3.24 -9.35 35.60
CA PRO B 87 1.88 -9.25 36.13
C PRO B 87 1.24 -7.88 35.88
N ILE B 88 0.08 -7.89 35.23
CA ILE B 88 -0.67 -6.68 34.90
C ILE B 88 -1.48 -6.19 36.11
N PRO B 89 -1.64 -4.87 36.27
CA PRO B 89 -2.41 -4.35 37.40
C PRO B 89 -3.86 -4.78 37.35
N ILE B 90 -4.36 -5.32 38.46
CA ILE B 90 -5.78 -5.55 38.66
C ILE B 90 -6.20 -4.75 39.89
N GLU B 91 -7.08 -3.77 39.69
CA GLU B 91 -7.63 -2.96 40.77
C GLU B 91 -9.06 -3.39 41.02
N PHE B 92 -9.35 -3.81 42.25
CA PHE B 92 -10.70 -4.21 42.63
C PHE B 92 -11.34 -3.16 43.52
N TYR B 93 -12.57 -2.77 43.18
CA TYR B 93 -13.33 -1.81 43.96
C TYR B 93 -14.67 -2.42 44.35
N ASP B 94 -15.01 -2.34 45.63
CA ASP B 94 -16.33 -2.68 46.11
C ASP B 94 -17.10 -1.40 46.38
N LEU B 95 -18.28 -1.29 45.78
CA LEU B 95 -19.13 -0.11 45.91
C LEU B 95 -20.54 -0.49 46.34
N SER B 96 -20.72 -1.71 46.85
CA SER B 96 -22.06 -2.23 47.16
C SER B 96 -22.84 -1.32 48.09
N ALA B 97 -22.16 -0.68 49.04
CA ALA B 97 -22.85 0.19 49.98
C ALA B 97 -23.12 1.60 49.47
N CYS B 98 -22.51 2.00 48.35
CA CYS B 98 -22.62 3.38 47.89
C CYS B 98 -23.99 3.71 47.31
N ASP B 99 -24.37 4.98 47.44
CA ASP B 99 -25.59 5.50 46.82
C ASP B 99 -25.48 5.48 45.29
N GLU B 100 -26.63 5.27 44.64
CA GLU B 100 -26.65 4.94 43.21
C GLU B 100 -26.05 6.04 42.33
N SER B 101 -26.32 7.30 42.67
CA SER B 101 -25.69 8.39 41.94
C SER B 101 -24.21 8.49 42.24
N GLU B 102 -23.80 8.05 43.43
CA GLU B 102 -22.39 8.09 43.78
C GLU B 102 -21.64 6.96 43.10
N LYS B 103 -22.27 5.79 43.00
CA LYS B 103 -21.69 4.71 42.21
C LYS B 103 -21.46 5.14 40.77
N GLN B 104 -22.52 5.58 40.09
CA GLN B 104 -22.36 5.91 38.67
C GLN B 104 -21.41 7.09 38.44
N LEU B 105 -21.37 8.04 39.37
CA LEU B 105 -20.37 9.10 39.31
C LEU B 105 -18.95 8.55 39.44
N ARG B 106 -18.68 7.79 40.50
CA ARG B 106 -17.32 7.32 40.77
C ARG B 106 -16.83 6.40 39.68
N TYR B 107 -17.73 5.57 39.15
CA TYR B 107 -17.40 4.74 38.00
C TYR B 107 -17.06 5.57 36.77
N THR B 108 -17.91 6.54 36.41
CA THR B 108 -17.64 7.23 35.16
C THR B 108 -16.39 8.11 35.26
N GLN B 109 -16.13 8.65 36.45
CA GLN B 109 -14.86 9.34 36.69
C GLN B 109 -13.67 8.41 36.49
N TYR B 110 -13.72 7.20 37.08
CA TYR B 110 -12.59 6.30 36.90
C TYR B 110 -12.39 5.92 35.45
N LYS B 111 -13.48 5.63 34.73
CA LYS B 111 -13.35 5.24 33.33
C LYS B 111 -12.75 6.37 32.48
N ARG B 112 -13.16 7.61 32.74
CA ARG B 112 -12.63 8.70 31.94
C ARG B 112 -11.17 8.97 32.26
N ALA B 113 -10.79 8.88 33.54
CA ALA B 113 -9.38 9.01 33.88
C ALA B 113 -8.54 7.89 33.28
N ASP B 114 -9.10 6.68 33.19
CA ASP B 114 -8.40 5.58 32.56
C ASP B 114 -8.18 5.79 31.08
N GLN B 115 -9.11 6.43 30.38
CA GLN B 115 -8.87 6.70 28.96
C GLN B 115 -7.75 7.69 28.72
N GLU B 116 -7.36 8.46 29.74
CA GLU B 116 -6.42 9.56 29.59
C GLU B 116 -5.00 9.22 30.04
N ARG B 117 -4.78 8.09 30.71
CA ARG B 117 -3.47 7.71 31.23
C ARG B 117 -2.72 6.83 30.23
N THR B 118 -1.54 7.30 29.82
CA THR B 118 -0.66 6.67 28.84
C THR B 118 0.14 5.49 29.38
N PHE B 119 0.56 4.64 28.45
CA PHE B 119 1.41 3.47 28.65
C PHE B 119 2.81 3.78 28.14
N HIS B 120 3.83 3.64 28.99
CA HIS B 120 5.20 3.82 28.53
C HIS B 120 5.72 2.51 27.97
N LEU B 121 5.98 2.48 26.67
CA LEU B 121 6.21 1.22 25.95
C LEU B 121 7.40 0.43 26.47
N ALA B 122 8.34 1.05 27.18
CA ALA B 122 9.50 0.35 27.72
C ALA B 122 9.42 0.12 29.22
N LYS B 123 8.30 0.42 29.87
CA LYS B 123 8.22 0.24 31.31
C LYS B 123 6.93 -0.41 31.78
N ASP B 124 5.81 0.20 31.48
CA ASP B 124 4.55 -0.19 32.10
C ASP B 124 3.98 -1.46 31.45
N PRO B 125 3.38 -2.34 32.25
CA PRO B 125 2.66 -3.48 31.68
C PRO B 125 1.52 -3.00 30.82
N LEU B 126 1.50 -3.43 29.56
CA LEU B 126 0.66 -2.81 28.55
C LEU B 126 -0.78 -3.29 28.61
N MET B 127 -1.24 -3.77 29.77
CA MET B 127 -2.67 -3.90 30.06
C MET B 127 -3.00 -3.38 31.45
N ARG B 128 -4.22 -2.88 31.59
CA ARG B 128 -4.79 -2.58 32.89
C ARG B 128 -6.15 -3.26 32.99
N VAL B 129 -6.51 -3.69 34.19
CA VAL B 129 -7.86 -4.13 34.49
C VAL B 129 -8.32 -3.44 35.77
N ALA B 130 -9.59 -3.05 35.80
CA ALA B 130 -10.26 -2.74 37.06
C ALA B 130 -11.62 -3.42 37.14
N LEU B 131 -11.93 -3.97 38.31
CA LEU B 131 -13.23 -4.56 38.61
C LEU B 131 -14.04 -3.61 39.48
N PHE B 132 -15.29 -3.39 39.13
CA PHE B 132 -16.23 -2.67 39.97
C PHE B 132 -17.36 -3.60 40.37
N GLN B 133 -17.46 -3.90 41.66
CA GLN B 133 -18.61 -4.62 42.20
C GLN B 133 -19.74 -3.64 42.48
N MET B 134 -20.63 -3.48 41.52
CA MET B 134 -21.88 -2.78 41.73
C MET B 134 -22.89 -3.71 42.38
N SER B 135 -23.71 -3.16 43.28
CA SER B 135 -24.72 -3.93 43.99
C SER B 135 -24.14 -5.21 44.60
N GLN B 136 -24.92 -6.29 44.60
CA GLN B 136 -24.45 -7.61 45.00
C GLN B 136 -24.40 -8.62 43.85
N HIS B 137 -24.97 -8.30 42.70
CA HIS B 137 -25.06 -9.24 41.58
C HIS B 137 -24.91 -8.53 40.24
N ASP B 138 -24.05 -7.51 40.15
CA ASP B 138 -24.08 -6.63 38.98
C ASP B 138 -22.67 -6.12 38.65
N TYR B 139 -21.67 -7.00 38.75
CA TYR B 139 -20.27 -6.69 38.52
C TYR B 139 -20.01 -6.03 37.17
N GLN B 140 -19.00 -5.16 37.12
CA GLN B 140 -18.50 -4.59 35.87
C GLN B 140 -16.97 -4.65 35.83
N VAL B 141 -16.40 -4.85 34.64
CA VAL B 141 -14.95 -4.89 34.45
C VAL B 141 -14.54 -3.95 33.31
N ILE B 142 -13.43 -3.25 33.51
CA ILE B 142 -12.83 -2.36 32.51
C ILE B 142 -11.43 -2.86 32.16
N TRP B 143 -11.22 -3.27 30.91
CA TRP B 143 -9.88 -3.56 30.41
C TRP B 143 -9.39 -2.41 29.57
N SER B 144 -8.08 -2.14 29.64
CA SER B 144 -7.46 -1.24 28.70
C SER B 144 -6.13 -1.81 28.27
N PHE B 145 -5.84 -1.76 26.97
CA PHE B 145 -4.54 -2.18 26.48
C PHE B 145 -4.00 -1.18 25.48
N HIS B 146 -2.68 -1.15 25.35
CA HIS B 146 -2.03 -0.33 24.35
C HIS B 146 -2.39 -0.79 22.95
N HIS B 147 -2.60 0.18 22.06
CA HIS B 147 -2.97 -0.06 20.67
C HIS B 147 -1.92 -0.85 19.90
N ILE B 148 -0.72 -0.99 20.44
CA ILE B 148 0.34 -1.76 19.77
C ILE B 148 0.25 -3.27 19.98
N LEU B 149 -0.45 -3.74 21.00
CA LEU B 149 -0.43 -5.17 21.29
C LEU B 149 -1.24 -5.95 20.26
N MET B 150 -2.49 -5.55 20.06
CA MET B 150 -3.41 -6.37 19.29
C MET B 150 -4.60 -5.52 18.90
N ASP B 151 -5.30 -5.94 17.85
CA ASP B 151 -6.49 -5.23 17.45
C ASP B 151 -7.63 -5.50 18.44
N GLY B 152 -8.74 -4.80 18.26
CA GLY B 152 -9.89 -5.03 19.11
C GLY B 152 -10.47 -6.42 18.97
N TRP B 153 -10.39 -7.01 17.78
CA TRP B 153 -11.03 -8.30 17.54
C TRP B 153 -10.38 -9.43 18.31
N CYS B 154 -9.06 -9.39 18.48
CA CYS B 154 -8.36 -10.44 19.21
C CYS B 154 -8.95 -10.67 20.60
N PHE B 155 -9.65 -9.69 21.15
CA PHE B 155 -10.27 -9.85 22.45
C PHE B 155 -11.29 -10.99 22.49
N SER B 156 -11.89 -11.32 21.35
CA SER B 156 -12.79 -12.48 21.30
C SER B 156 -12.06 -13.80 21.51
N ILE B 157 -10.77 -13.86 21.19
CA ILE B 157 -9.95 -15.03 21.48
C ILE B 157 -9.57 -15.04 22.95
N ILE B 158 -9.07 -13.90 23.41
CA ILE B 158 -8.53 -13.73 24.74
C ILE B 158 -9.60 -14.01 25.80
N PHE B 159 -10.82 -13.56 25.57
CA PHE B 159 -11.86 -13.76 26.56
C PHE B 159 -12.38 -15.19 26.57
N ASP B 160 -12.24 -15.91 25.45
CA ASP B 160 -12.53 -17.34 25.44
C ASP B 160 -11.50 -18.11 26.26
N ASP B 161 -10.23 -17.75 26.13
CA ASP B 161 -9.20 -18.30 27.02
C ASP B 161 -9.50 -17.96 28.47
N LEU B 162 -9.84 -16.71 28.74
CA LEU B 162 -10.10 -16.30 30.12
C LEU B 162 -11.22 -17.12 30.74
N LEU B 163 -12.31 -17.31 30.01
CA LEU B 163 -13.43 -18.05 30.61
C LEU B 163 -13.10 -19.53 30.74
N ALA B 164 -12.34 -20.10 29.80
CA ALA B 164 -11.92 -21.48 29.97
C ALA B 164 -11.06 -21.64 31.22
N ILE B 165 -10.16 -20.68 31.47
CA ILE B 165 -9.35 -20.71 32.68
C ILE B 165 -10.21 -20.56 33.93
N TYR B 166 -11.23 -19.71 33.87
CA TYR B 166 -12.04 -19.47 35.07
C TYR B 166 -12.94 -20.65 35.38
N LEU B 167 -13.53 -21.26 34.36
CA LEU B 167 -14.30 -22.48 34.57
C LEU B 167 -13.45 -23.60 35.16
N SER B 168 -12.21 -23.72 34.68
CA SER B 168 -11.23 -24.61 35.29
C SER B 168 -10.97 -24.27 36.76
N LEU B 169 -10.55 -23.04 37.05
CA LEU B 169 -10.17 -22.69 38.41
C LEU B 169 -11.33 -22.76 39.40
N GLN B 170 -12.57 -22.61 38.95
CA GLN B 170 -13.70 -22.83 39.85
C GLN B 170 -13.95 -24.31 40.10
N ASN B 171 -14.18 -25.07 39.03
CA ASN B 171 -14.52 -26.49 39.16
C ASN B 171 -13.34 -27.37 39.57
N LYS B 172 -12.13 -26.82 39.66
CA LYS B 172 -10.88 -27.53 39.94
C LYS B 172 -10.46 -28.46 38.80
N THR B 173 -11.18 -28.45 37.68
CA THR B 173 -10.78 -29.22 36.50
C THR B 173 -9.52 -28.64 35.86
N ALA B 174 -8.63 -29.53 35.41
CA ALA B 174 -7.45 -29.13 34.65
C ALA B 174 -7.82 -28.56 33.27
N LEU B 175 -6.84 -27.88 32.66
CA LEU B 175 -7.08 -27.04 31.48
C LEU B 175 -7.29 -27.83 30.20
N SER B 176 -8.15 -27.29 29.34
CA SER B 176 -8.47 -27.81 28.02
C SER B 176 -7.98 -26.92 26.88
N LEU B 177 -7.25 -25.84 27.17
CA LEU B 177 -6.82 -24.90 26.14
C LEU B 177 -5.71 -25.45 25.25
N GLU B 178 -5.88 -25.28 23.94
CA GLU B 178 -4.87 -25.62 22.95
C GLU B 178 -3.65 -24.71 23.03
N PRO B 179 -2.51 -25.15 22.47
CA PRO B 179 -1.32 -24.28 22.39
C PRO B 179 -1.58 -22.93 21.74
N VAL B 180 -0.86 -21.92 22.22
CA VAL B 180 -0.87 -20.59 21.61
C VAL B 180 -0.19 -20.65 20.24
N GLN B 181 -0.91 -20.25 19.21
CA GLN B 181 -0.37 -20.26 17.85
C GLN B 181 0.67 -19.14 17.69
N PRO B 182 1.91 -19.46 17.32
CA PRO B 182 3.00 -18.48 17.47
C PRO B 182 3.05 -17.48 16.33
N TYR B 183 3.10 -16.19 16.69
CA TYR B 183 3.11 -15.10 15.70
C TYR B 183 4.36 -15.13 14.82
N SER B 184 5.46 -15.72 15.30
CA SER B 184 6.66 -15.90 14.48
C SER B 184 6.39 -16.67 13.20
N ARG B 185 5.37 -17.54 13.20
CA ARG B 185 4.97 -18.22 11.97
C ARG B 185 4.55 -17.23 10.89
N PHE B 186 3.83 -16.18 11.27
CA PHE B 186 3.49 -15.13 10.31
C PHE B 186 4.70 -14.32 9.88
N ILE B 187 5.67 -14.10 10.77
CA ILE B 187 6.90 -13.43 10.37
C ILE B 187 7.60 -14.21 9.26
N ASN B 188 7.78 -15.51 9.46
CA ASN B 188 8.44 -16.34 8.44
C ASN B 188 7.69 -16.29 7.11
N TRP B 189 6.39 -16.05 7.14
CA TRP B 189 5.61 -15.94 5.92
C TRP B 189 5.75 -14.57 5.27
N LEU B 190 5.82 -13.51 6.06
CA LEU B 190 6.19 -12.19 5.54
C LEU B 190 7.57 -12.23 4.89
N GLU B 191 8.49 -13.01 5.45
CA GLU B 191 9.79 -13.23 4.82
C GLU B 191 9.70 -14.07 3.55
N LYS B 192 8.73 -15.00 3.48
CA LYS B 192 8.60 -15.83 2.29
C LYS B 192 8.13 -15.03 1.07
N GLN B 193 7.24 -14.07 1.26
CA GLN B 193 6.66 -13.31 0.15
C GLN B 193 7.66 -12.37 -0.52
N ASN B 194 7.60 -12.33 -1.86
CA ASN B 194 8.40 -11.43 -2.70
C ASN B 194 7.94 -9.99 -2.57
N LYS B 195 8.56 -9.24 -1.65
CA LYS B 195 8.09 -7.90 -1.31
C LYS B 195 8.11 -6.93 -2.49
N GLN B 196 9.10 -7.03 -3.37
CA GLN B 196 9.11 -6.21 -4.59
C GLN B 196 7.90 -6.48 -5.47
N ALA B 197 7.57 -7.75 -5.72
CA ALA B 197 6.43 -8.02 -6.60
C ALA B 197 5.12 -7.53 -5.99
N ALA B 198 5.04 -7.56 -4.65
CA ALA B 198 3.88 -7.01 -3.97
C ALA B 198 3.77 -5.51 -4.17
N LEU B 199 4.83 -4.77 -3.84
CA LEU B 199 4.77 -3.32 -4.03
C LEU B 199 4.52 -2.96 -5.50
N ASN B 200 5.07 -3.74 -6.43
CA ASN B 200 4.81 -3.51 -7.85
C ASN B 200 3.33 -3.62 -8.19
N TYR B 201 2.63 -4.55 -7.54
CA TYR B 201 1.19 -4.65 -7.81
C TYR B 201 0.47 -3.34 -7.48
N TRP B 202 0.60 -2.88 -6.24
CA TRP B 202 -0.07 -1.64 -5.86
C TRP B 202 0.39 -0.46 -6.73
N SER B 203 1.67 -0.44 -7.11
CA SER B 203 2.15 0.60 -8.01
C SER B 203 1.48 0.54 -9.37
N ASP B 204 0.87 -0.60 -9.70
CA ASP B 204 0.09 -0.73 -10.92
C ASP B 204 -1.39 -0.42 -10.71
N TYR B 205 -1.91 -0.69 -9.52
CA TYR B 205 -3.31 -0.39 -9.20
C TYR B 205 -3.57 1.11 -9.13
N LEU B 206 -2.66 1.88 -8.54
CA LEU B 206 -2.79 3.32 -8.31
C LEU B 206 -2.35 4.19 -9.49
N GLU B 207 -2.26 3.62 -10.69
CA GLU B 207 -1.62 4.31 -11.82
C GLU B 207 -2.31 5.63 -12.20
N ALA B 208 -3.60 5.57 -12.54
CA ALA B 208 -4.30 6.76 -13.04
C ALA B 208 -4.81 7.70 -11.95
N TYR B 209 -4.27 7.66 -10.73
CA TYR B 209 -4.83 8.40 -9.59
C TYR B 209 -4.36 9.85 -9.55
N GLU B 210 -4.96 10.66 -10.42
CA GLU B 210 -4.72 12.11 -10.40
C GLU B 210 -5.59 12.79 -9.35
N GLN B 211 -6.89 12.89 -9.61
CA GLN B 211 -7.83 13.56 -8.71
C GLN B 211 -7.92 12.83 -7.37
N LYS B 212 -7.54 13.50 -6.28
CA LYS B 212 -7.77 12.93 -4.96
C LYS B 212 -9.22 13.10 -4.54
N THR B 213 -9.79 12.06 -3.95
CA THR B 213 -11.16 12.11 -3.43
C THR B 213 -11.22 12.96 -2.17
N THR B 214 -12.37 13.61 -1.96
CA THR B 214 -12.71 14.26 -0.70
C THR B 214 -14.20 14.11 -0.43
N LEU B 215 -14.59 14.39 0.80
CA LEU B 215 -15.95 14.70 1.21
C LEU B 215 -15.98 16.09 1.85
N PRO B 216 -17.10 16.80 1.79
CA PRO B 216 -17.10 18.23 2.14
C PRO B 216 -16.86 18.43 3.64
N LYS B 217 -15.82 19.21 3.96
CA LYS B 217 -15.45 19.51 5.33
C LYS B 217 -15.77 20.96 5.69
N LYS B 218 -16.45 21.13 6.81
CA LYS B 218 -16.91 22.43 7.29
C LYS B 218 -15.78 23.44 7.46
N GLU B 219 -14.60 22.98 7.87
CA GLU B 219 -13.47 23.86 8.16
C GLU B 219 -12.18 23.09 7.90
N ALA B 220 -11.10 23.84 7.66
CA ALA B 220 -9.80 23.20 7.53
C ALA B 220 -9.39 22.50 8.83
N ALA B 221 -8.52 21.51 8.67
CA ALA B 221 -8.08 20.64 9.77
C ALA B 221 -7.04 21.31 10.67
N PHE B 222 -7.48 22.38 11.35
CA PHE B 222 -6.58 23.14 12.22
C PHE B 222 -6.12 22.37 13.46
N ALA B 223 -6.77 21.27 13.83
CA ALA B 223 -6.32 20.47 14.97
C ALA B 223 -6.62 18.99 14.75
N LYS B 224 -5.76 18.13 15.32
CA LYS B 224 -5.98 16.69 15.39
C LYS B 224 -6.92 16.27 16.52
N ALA B 225 -7.24 17.15 17.46
CA ALA B 225 -8.14 16.84 18.58
C ALA B 225 -9.56 16.56 18.09
N PHE B 226 -10.01 15.32 18.23
CA PHE B 226 -11.36 14.95 17.85
C PHE B 226 -12.40 15.47 18.84
N GLN B 227 -13.62 15.67 18.34
CA GLN B 227 -14.85 15.57 19.13
C GLN B 227 -15.81 14.64 18.41
N PRO B 228 -15.67 13.32 18.62
CA PRO B 228 -16.47 12.35 17.85
C PRO B 228 -17.97 12.49 18.07
N THR B 229 -18.73 12.17 17.02
CA THR B 229 -20.16 11.90 17.13
C THR B 229 -20.48 10.71 16.24
N GLN B 230 -21.61 10.05 16.50
CA GLN B 230 -22.04 8.88 15.75
C GLN B 230 -23.42 9.13 15.17
N TYR B 231 -23.55 9.06 13.84
CA TYR B 231 -24.85 9.13 13.19
C TYR B 231 -25.16 7.73 12.66
N ARG B 232 -26.23 7.13 13.16
CA ARG B 232 -26.57 5.76 12.82
C ARG B 232 -27.97 5.67 12.22
N PHE B 233 -28.09 4.90 11.15
CA PHE B 233 -29.34 4.76 10.43
C PHE B 233 -29.33 3.42 9.70
N SER B 234 -30.52 2.95 9.36
CA SER B 234 -30.68 1.66 8.71
C SER B 234 -31.58 1.76 7.50
N LEU B 235 -31.32 0.89 6.53
CA LEU B 235 -32.23 0.69 5.41
C LEU B 235 -33.37 -0.24 5.80
N ASN B 236 -34.53 0.00 5.21
CA ASN B 236 -35.71 -0.81 5.47
C ASN B 236 -35.49 -2.28 5.11
N ARG B 237 -36.40 -3.13 5.61
CA ARG B 237 -36.35 -4.57 5.33
C ARG B 237 -36.36 -4.84 3.82
N THR B 238 -37.29 -4.20 3.11
CA THR B 238 -37.47 -4.43 1.68
C THR B 238 -36.24 -4.05 0.89
N LEU B 239 -35.52 -3.04 1.34
CA LEU B 239 -34.28 -2.63 0.70
C LEU B 239 -33.09 -3.52 1.09
N THR B 240 -33.02 -3.92 2.35
CA THR B 240 -31.90 -4.76 2.79
C THR B 240 -31.94 -6.16 2.21
N LYS B 241 -33.13 -6.74 2.01
CA LYS B 241 -33.21 -7.98 1.25
C LYS B 241 -32.93 -7.77 -0.24
N GLN B 242 -33.16 -6.56 -0.75
CA GLN B 242 -32.95 -6.30 -2.15
C GLN B 242 -31.48 -6.12 -2.51
N LEU B 243 -30.71 -5.44 -1.66
CA LEU B 243 -29.27 -5.39 -1.92
C LEU B 243 -28.61 -6.77 -1.86
N GLY B 244 -29.04 -7.63 -0.95
CA GLY B 244 -28.61 -9.02 -0.98
C GLY B 244 -28.99 -9.75 -2.25
N THR B 245 -30.18 -9.49 -2.78
CA THR B 245 -30.58 -10.12 -4.03
C THR B 245 -29.75 -9.62 -5.20
N ILE B 246 -29.56 -8.30 -5.27
CA ILE B 246 -28.68 -7.71 -6.29
C ILE B 246 -27.28 -8.33 -6.24
N ALA B 247 -26.75 -8.54 -5.03
CA ALA B 247 -25.45 -9.17 -4.90
C ALA B 247 -25.44 -10.60 -5.44
N SER B 248 -26.47 -11.38 -5.10
CA SER B 248 -26.56 -12.75 -5.59
C SER B 248 -26.69 -12.82 -7.11
N GLN B 249 -27.48 -11.93 -7.71
CA GLN B 249 -27.69 -12.00 -9.16
C GLN B 249 -26.44 -11.62 -9.95
N ASN B 250 -25.74 -10.57 -9.54
CA ASN B 250 -24.50 -10.19 -10.19
C ASN B 250 -23.31 -11.03 -9.75
N GLN B 251 -23.51 -11.99 -8.85
CA GLN B 251 -22.49 -12.96 -8.44
C GLN B 251 -21.33 -12.29 -7.69
N VAL B 252 -21.64 -11.31 -6.85
CA VAL B 252 -20.65 -10.65 -6.02
C VAL B 252 -21.10 -10.74 -4.57
N THR B 253 -20.16 -10.55 -3.65
CA THR B 253 -20.52 -10.42 -2.25
C THR B 253 -21.33 -9.15 -2.01
N LEU B 254 -22.24 -9.23 -1.03
CA LEU B 254 -22.97 -8.05 -0.59
C LEU B 254 -22.05 -6.90 -0.17
N SER B 255 -20.89 -7.23 0.39
CA SER B 255 -19.90 -6.21 0.72
C SER B 255 -19.47 -5.43 -0.51
N THR B 256 -19.36 -6.10 -1.65
CA THR B 256 -19.05 -5.40 -2.89
C THR B 256 -20.21 -4.56 -3.42
N VAL B 257 -21.45 -4.94 -3.14
CA VAL B 257 -22.58 -4.04 -3.42
C VAL B 257 -22.49 -2.78 -2.56
N ILE B 258 -22.24 -2.94 -1.26
CA ILE B 258 -22.16 -1.78 -0.38
C ILE B 258 -21.00 -0.86 -0.75
N GLN B 259 -19.82 -1.44 -0.99
CA GLN B 259 -18.68 -0.65 -1.43
C GLN B 259 -18.86 -0.01 -2.81
N THR B 260 -19.60 -0.64 -3.72
CA THR B 260 -19.89 0.01 -4.99
C THR B 260 -20.90 1.15 -4.84
N ILE B 261 -21.91 0.98 -3.99
CA ILE B 261 -22.81 2.09 -3.70
C ILE B 261 -22.08 3.26 -3.06
N TRP B 262 -21.13 2.98 -2.18
CA TRP B 262 -20.35 4.04 -1.58
C TRP B 262 -19.42 4.69 -2.59
N GLY B 263 -18.86 3.91 -3.51
CA GLY B 263 -18.15 4.49 -4.64
C GLY B 263 -19.00 5.41 -5.48
N VAL B 264 -20.19 4.97 -5.88
CA VAL B 264 -21.09 5.83 -6.66
C VAL B 264 -21.42 7.11 -5.91
N LEU B 265 -21.56 7.04 -4.59
CA LEU B 265 -21.69 8.26 -3.81
C LEU B 265 -20.47 9.17 -3.99
N LEU B 266 -19.27 8.64 -3.76
CA LEU B 266 -18.09 9.48 -3.92
C LEU B 266 -17.84 9.93 -5.35
N GLN B 267 -18.49 9.29 -6.33
CA GLN B 267 -18.46 9.79 -7.69
C GLN B 267 -19.42 10.95 -7.91
N LYS B 268 -20.53 10.98 -7.17
CA LYS B 268 -21.47 12.08 -7.38
C LYS B 268 -21.13 13.27 -6.51
N TYR B 269 -20.72 13.04 -5.26
CA TYR B 269 -19.82 13.99 -4.62
C TYR B 269 -18.54 14.04 -5.44
N ASN B 270 -17.79 15.14 -5.30
CA ASN B 270 -16.85 15.49 -6.36
C ASN B 270 -17.59 15.52 -7.69
N ALA B 271 -16.94 15.08 -8.76
CA ALA B 271 -17.67 14.62 -9.94
C ALA B 271 -16.99 13.47 -10.64
N ALA B 272 -15.87 12.98 -10.12
CA ALA B 272 -14.90 12.24 -10.90
C ALA B 272 -15.31 10.77 -11.02
N HIS B 273 -15.10 10.21 -12.20
CA HIS B 273 -15.37 8.80 -12.41
C HIS B 273 -14.27 7.90 -11.83
N ASP B 274 -13.52 8.42 -10.86
CA ASP B 274 -12.39 7.72 -10.27
C ASP B 274 -12.28 8.18 -8.83
N VAL B 275 -12.46 7.24 -7.89
CA VAL B 275 -12.56 7.53 -6.47
C VAL B 275 -11.84 6.44 -5.69
N LEU B 276 -11.35 6.79 -4.51
CA LEU B 276 -10.61 5.85 -3.69
C LEU B 276 -10.90 6.10 -2.22
N PHE B 277 -11.02 5.00 -1.46
CA PHE B 277 -11.28 5.08 -0.03
C PHE B 277 -10.69 3.84 0.65
N GLY B 278 -10.45 3.96 1.95
CA GLY B 278 -9.92 2.83 2.69
C GLY B 278 -10.94 1.76 3.06
N SER B 279 -10.83 0.59 2.45
CA SER B 279 -11.36 -0.62 3.07
C SER B 279 -10.42 -1.09 4.16
N VAL B 280 -10.98 -1.72 5.19
CA VAL B 280 -10.19 -2.36 6.24
C VAL B 280 -10.29 -3.87 6.11
N VAL B 281 -9.14 -4.53 6.08
CA VAL B 281 -9.02 -5.96 5.77
C VAL B 281 -8.31 -6.66 6.91
N SER B 282 -8.83 -7.84 7.30
CA SER B 282 -8.13 -8.71 8.23
C SER B 282 -6.95 -9.35 7.52
N GLY B 283 -5.77 -8.76 7.66
CA GLY B 283 -4.62 -9.19 6.88
C GLY B 283 -4.09 -10.54 7.28
N ARG B 284 -4.97 -11.44 7.70
CA ARG B 284 -4.66 -12.82 8.05
C ARG B 284 -4.70 -13.69 6.80
N PRO B 285 -3.56 -14.05 6.23
CA PRO B 285 -3.56 -14.95 5.07
C PRO B 285 -4.09 -16.33 5.44
N THR B 286 -5.09 -16.78 4.69
CA THR B 286 -5.63 -18.13 4.80
C THR B 286 -4.56 -19.21 4.63
N ASP B 287 -3.43 -18.86 4.00
CA ASP B 287 -2.29 -19.73 3.78
C ASP B 287 -1.61 -20.23 5.06
N ILE B 288 -1.89 -19.62 6.22
CA ILE B 288 -1.17 -19.94 7.45
C ILE B 288 -2.08 -20.63 8.46
N VAL B 289 -1.51 -21.60 9.17
CA VAL B 289 -2.23 -22.47 10.10
C VAL B 289 -2.53 -21.74 11.40
N GLY B 290 -3.77 -21.90 11.89
CA GLY B 290 -4.19 -21.41 13.20
C GLY B 290 -4.41 -19.92 13.30
N ILE B 291 -4.43 -19.22 12.17
CA ILE B 291 -4.36 -17.77 12.18
C ILE B 291 -5.65 -17.11 12.70
N ASP B 292 -6.78 -17.81 12.63
CA ASP B 292 -8.00 -17.29 13.27
C ASP B 292 -8.00 -17.40 14.79
N LYS B 293 -6.96 -18.01 15.38
CA LYS B 293 -6.81 -18.07 16.84
C LYS B 293 -5.47 -17.49 17.25
N MET B 294 -4.91 -16.61 16.43
CA MET B 294 -3.59 -16.02 16.62
C MET B 294 -3.74 -14.56 17.00
N VAL B 295 -3.08 -14.15 18.08
CA VAL B 295 -3.26 -12.85 18.69
C VAL B 295 -2.12 -11.92 18.28
N GLY B 296 -2.48 -10.79 17.69
CA GLY B 296 -1.51 -9.82 17.21
C GLY B 296 -2.17 -8.84 16.26
N LEU B 297 -1.37 -7.90 15.77
CA LEU B 297 -1.86 -6.91 14.81
C LEU B 297 -1.81 -7.48 13.40
N PHE B 298 -2.95 -7.96 12.90
CA PHE B 298 -3.07 -8.34 11.51
C PHE B 298 -3.90 -7.37 10.68
N ILE B 299 -4.74 -6.56 11.33
CA ILE B 299 -5.72 -5.75 10.62
C ILE B 299 -5.07 -4.55 9.94
N ASN B 300 -5.40 -4.35 8.66
CA ASN B 300 -4.71 -3.42 7.79
C ASN B 300 -5.73 -2.70 6.91
N THR B 301 -5.35 -1.51 6.42
CA THR B 301 -6.17 -0.71 5.52
C THR B 301 -5.59 -0.73 4.12
N ILE B 302 -6.44 -0.91 3.12
CA ILE B 302 -5.96 -0.94 1.75
C ILE B 302 -6.76 0.02 0.88
N PRO B 303 -6.15 0.65 -0.10
CA PRO B 303 -6.89 1.55 -0.98
C PRO B 303 -7.86 0.79 -1.87
N PHE B 304 -9.14 0.83 -1.50
CA PHE B 304 -10.18 0.44 -2.43
C PHE B 304 -10.35 1.53 -3.47
N ARG B 305 -10.48 1.13 -4.74
CA ARG B 305 -10.46 2.12 -5.84
C ARG B 305 -11.49 1.77 -6.90
N VAL B 306 -12.59 2.52 -6.92
CA VAL B 306 -13.67 2.34 -7.87
C VAL B 306 -13.50 3.31 -9.04
N GLN B 307 -13.59 2.81 -10.26
CA GLN B 307 -13.48 3.62 -11.47
C GLN B 307 -14.51 3.14 -12.49
N ALA B 308 -15.12 4.06 -13.23
CA ALA B 308 -16.05 3.70 -14.29
C ALA B 308 -15.78 4.42 -15.60
N LYS B 309 -16.26 3.80 -16.68
CA LYS B 309 -16.44 4.43 -17.99
C LYS B 309 -17.77 5.17 -18.04
N ALA B 310 -17.91 6.05 -19.04
CA ALA B 310 -19.01 7.00 -19.07
C ALA B 310 -20.38 6.32 -19.10
N GLY B 311 -20.56 5.29 -19.93
CA GLY B 311 -21.86 4.66 -20.06
C GLY B 311 -22.10 3.45 -19.19
N GLN B 312 -21.21 3.18 -18.25
CA GLN B 312 -21.20 1.91 -17.53
C GLN B 312 -22.42 1.74 -16.64
N THR B 313 -23.07 0.58 -16.76
CA THR B 313 -24.22 0.26 -15.93
C THR B 313 -23.74 -0.32 -14.60
N PHE B 314 -24.62 -0.26 -13.59
CA PHE B 314 -24.20 -0.63 -12.24
C PHE B 314 -23.68 -2.06 -12.18
N SER B 315 -24.34 -2.99 -12.87
CA SER B 315 -23.85 -4.37 -12.96
C SER B 315 -22.40 -4.46 -13.47
N GLU B 316 -22.08 -3.72 -14.52
CA GLU B 316 -20.72 -3.76 -15.05
C GLU B 316 -19.70 -3.17 -14.08
N LEU B 317 -20.06 -2.11 -13.36
CA LEU B 317 -19.14 -1.61 -12.34
C LEU B 317 -19.00 -2.61 -11.21
N LEU B 318 -20.11 -3.21 -10.81
CA LEU B 318 -20.11 -4.14 -9.70
C LEU B 318 -19.19 -5.32 -9.96
N GLN B 319 -19.21 -5.83 -11.20
CA GLN B 319 -18.25 -6.87 -11.57
C GLN B 319 -16.82 -6.35 -11.66
N ALA B 320 -16.61 -5.15 -12.21
CA ALA B 320 -15.24 -4.65 -12.30
C ALA B 320 -14.60 -4.48 -10.93
N VAL B 321 -15.38 -4.00 -9.96
CA VAL B 321 -14.97 -3.97 -8.57
C VAL B 321 -14.72 -5.37 -8.02
N HIS B 322 -15.60 -6.32 -8.33
CA HIS B 322 -15.38 -7.69 -7.85
C HIS B 322 -14.04 -8.25 -8.34
N LYS B 323 -13.79 -8.15 -9.64
CA LYS B 323 -12.51 -8.58 -10.20
C LYS B 323 -11.34 -7.93 -9.47
N ARG B 324 -11.40 -6.61 -9.29
CA ARG B 324 -10.31 -5.90 -8.65
C ARG B 324 -10.07 -6.38 -7.23
N THR B 325 -11.14 -6.65 -6.47
CA THR B 325 -10.92 -7.04 -5.08
C THR B 325 -10.40 -8.47 -4.98
N LEU B 326 -10.84 -9.36 -5.87
CA LEU B 326 -10.26 -10.70 -5.87
C LEU B 326 -8.78 -10.68 -6.27
N GLN B 327 -8.42 -9.85 -7.25
CA GLN B 327 -7.02 -9.73 -7.62
C GLN B 327 -6.17 -9.12 -6.52
N SER B 328 -6.73 -8.17 -5.77
CA SER B 328 -6.00 -7.54 -4.67
C SER B 328 -5.74 -8.47 -3.50
N GLN B 329 -6.55 -9.51 -3.34
CA GLN B 329 -6.52 -10.33 -2.13
C GLN B 329 -5.16 -10.91 -1.75
N PRO B 330 -4.32 -11.40 -2.66
CA PRO B 330 -2.97 -11.82 -2.26
C PRO B 330 -2.15 -10.76 -1.54
N TYR B 331 -2.20 -9.51 -1.99
CA TYR B 331 -1.21 -8.50 -1.61
C TYR B 331 -1.68 -7.60 -0.46
N GLU B 332 -2.80 -7.94 0.17
CA GLU B 332 -3.41 -7.10 1.20
C GLU B 332 -2.63 -7.08 2.52
N HIS B 333 -1.60 -7.91 2.67
CA HIS B 333 -0.74 -7.87 3.84
C HIS B 333 0.29 -6.74 3.82
N VAL B 334 0.48 -6.08 2.68
CA VAL B 334 1.40 -4.95 2.56
C VAL B 334 0.92 -3.78 3.40
N PRO B 335 1.70 -3.27 4.34
CA PRO B 335 1.25 -2.13 5.15
C PRO B 335 0.87 -0.95 4.27
N LEU B 336 -0.14 -0.20 4.72
CA LEU B 336 -0.56 1.00 4.00
C LEU B 336 0.58 1.99 3.78
N TYR B 337 1.53 2.09 4.71
CA TYR B 337 2.61 3.05 4.52
C TYR B 337 3.57 2.63 3.42
N ASP B 338 3.68 1.34 3.13
CA ASP B 338 4.33 0.96 1.87
C ASP B 338 3.44 1.22 0.66
N ILE B 339 2.16 0.86 0.74
CA ILE B 339 1.24 1.13 -0.37
C ILE B 339 1.20 2.62 -0.70
N GLN B 340 1.21 3.47 0.33
CA GLN B 340 1.30 4.91 0.12
C GLN B 340 2.58 5.33 -0.58
N THR B 341 3.69 4.66 -0.28
CA THR B 341 4.96 5.01 -0.92
C THR B 341 4.90 4.91 -2.44
N GLN B 342 4.06 4.02 -2.97
CA GLN B 342 3.98 3.88 -4.42
C GLN B 342 3.06 4.91 -5.09
N SER B 343 2.23 5.63 -4.33
CA SER B 343 1.33 6.60 -4.94
C SER B 343 2.03 7.94 -5.18
N VAL B 344 1.55 8.66 -6.19
CA VAL B 344 1.95 10.04 -6.39
C VAL B 344 1.57 10.94 -5.21
N LEU B 345 0.57 10.54 -4.42
CA LEU B 345 0.08 11.36 -3.33
C LEU B 345 0.76 11.11 -1.99
N LYS B 346 1.48 10.01 -1.86
CA LYS B 346 2.15 9.63 -0.62
C LYS B 346 1.21 9.61 0.58
N GLN B 347 1.52 10.41 1.61
CA GLN B 347 0.78 10.35 2.88
C GLN B 347 -0.70 10.69 2.75
N GLU B 348 -1.08 11.39 1.69
CA GLU B 348 -2.40 11.99 1.56
C GLU B 348 -3.42 11.04 0.91
N LEU B 349 -3.01 9.82 0.59
CA LEU B 349 -3.78 8.96 -0.31
C LEU B 349 -5.19 8.63 0.19
N ILE B 350 -5.31 8.14 1.43
CA ILE B 350 -6.61 7.76 2.00
C ILE B 350 -7.03 8.77 3.05
N ASP B 351 -8.31 9.14 3.02
CA ASP B 351 -8.85 10.02 4.07
C ASP B 351 -10.21 9.63 4.64
N HIS B 352 -10.79 8.49 4.24
CA HIS B 352 -11.88 7.92 5.03
C HIS B 352 -11.99 6.42 4.80
N LEU B 353 -12.67 5.76 5.72
CA LEU B 353 -12.77 4.30 5.76
C LEU B 353 -14.21 3.85 5.58
N LEU B 354 -14.37 2.64 5.04
CA LEU B 354 -15.68 1.97 4.97
C LEU B 354 -15.49 0.52 5.40
N VAL B 355 -15.89 0.20 6.63
CA VAL B 355 -15.66 -1.11 7.22
C VAL B 355 -16.98 -1.86 7.35
N ILE B 356 -17.02 -3.09 6.85
CA ILE B 356 -18.22 -3.92 6.83
C ILE B 356 -18.02 -5.07 7.81
N GLU B 357 -18.94 -5.21 8.76
CA GLU B 357 -18.77 -6.09 9.91
C GLU B 357 -19.88 -7.14 9.97
N ASN B 358 -19.63 -8.30 9.37
CA ASN B 358 -20.59 -9.41 9.47
C ASN B 358 -20.72 -9.92 10.90
N TYR B 359 -19.69 -9.74 11.72
CA TYR B 359 -19.68 -10.20 13.11
C TYR B 359 -19.07 -9.15 14.03
N PRO B 360 -19.88 -8.39 14.74
CA PRO B 360 -19.35 -7.40 15.67
C PRO B 360 -18.81 -8.08 16.92
N LEU B 361 -18.12 -7.30 17.74
CA LEU B 361 -17.52 -7.86 18.96
C LEU B 361 -18.59 -8.18 19.99
N VAL B 362 -19.53 -7.26 20.21
CA VAL B 362 -20.81 -7.63 20.81
C VAL B 362 -21.40 -8.80 20.05
N GLU B 363 -21.96 -9.77 20.77
CA GLU B 363 -22.57 -10.96 20.19
C GLU B 363 -21.58 -11.84 19.44
N ALA B 364 -20.30 -11.63 19.68
CA ALA B 364 -19.30 -12.67 19.55
C ALA B 364 -18.62 -12.93 20.88
N LEU B 365 -18.44 -11.88 21.68
CA LEU B 365 -18.04 -12.01 23.07
C LEU B 365 -19.21 -12.48 23.92
N GLN B 366 -20.36 -11.81 23.76
CA GLN B 366 -21.60 -12.15 24.46
C GLN B 366 -22.20 -13.48 24.02
N LYS B 367 -21.81 -13.98 22.84
CA LYS B 367 -22.36 -15.21 22.28
C LYS B 367 -22.08 -16.45 23.14
N LYS B 368 -21.04 -16.41 23.99
CA LYS B 368 -20.64 -17.57 24.78
C LYS B 368 -21.73 -18.08 25.73
N ALA B 369 -22.72 -17.24 26.06
CA ALA B 369 -23.57 -17.40 27.24
C ALA B 369 -24.01 -18.83 27.56
N LEU B 370 -24.64 -19.52 26.61
CA LEU B 370 -25.25 -20.81 26.89
C LEU B 370 -24.27 -21.97 27.00
N ASN B 371 -23.00 -21.76 26.67
CA ASN B 371 -22.07 -22.86 26.48
C ASN B 371 -21.40 -23.32 27.77
N GLN B 372 -21.47 -22.53 28.84
CA GLN B 372 -20.70 -22.81 30.06
C GLN B 372 -21.55 -22.46 31.27
N GLN B 373 -21.27 -23.15 32.39
CA GLN B 373 -22.01 -22.96 33.63
C GLN B 373 -21.42 -21.88 34.53
N ILE B 374 -20.60 -20.97 33.97
CA ILE B 374 -19.99 -19.91 34.75
C ILE B 374 -21.04 -19.04 35.45
N GLY B 375 -20.65 -18.46 36.58
CA GLY B 375 -21.59 -17.89 37.52
C GLY B 375 -22.36 -16.65 37.10
N PHE B 376 -22.21 -16.23 35.84
CA PHE B 376 -22.61 -14.88 35.46
C PHE B 376 -23.00 -14.86 33.99
N THR B 377 -23.80 -13.86 33.61
CA THR B 377 -24.16 -13.62 32.22
C THR B 377 -23.62 -12.26 31.78
N ILE B 378 -22.72 -12.29 30.79
CA ILE B 378 -22.21 -11.04 30.22
C ILE B 378 -23.33 -10.30 29.52
N THR B 379 -23.49 -9.02 29.86
CA THR B 379 -24.75 -8.32 29.61
C THR B 379 -24.56 -6.93 29.00
N ALA B 380 -23.32 -6.53 28.71
CA ALA B 380 -22.99 -5.53 27.69
C ALA B 380 -21.49 -5.62 27.45
N VAL B 381 -21.05 -5.15 26.29
CA VAL B 381 -19.66 -4.76 26.10
C VAL B 381 -19.57 -3.53 25.20
N GLU B 382 -18.76 -2.56 25.62
CA GLU B 382 -18.56 -1.31 24.92
C GLU B 382 -17.07 -1.14 24.66
N MET B 383 -16.70 -0.52 23.53
CA MET B 383 -15.29 -0.31 23.24
C MET B 383 -15.00 1.12 22.80
N PHE B 384 -13.87 1.63 23.29
CA PHE B 384 -13.30 2.92 22.90
C PHE B 384 -11.97 2.69 22.18
N GLU B 385 -11.79 3.28 21.02
CA GLU B 385 -10.61 3.08 20.20
C GLU B 385 -10.03 4.39 19.71
N PRO B 386 -8.73 4.44 19.40
CA PRO B 386 -8.16 5.60 18.70
C PRO B 386 -8.70 5.76 17.29
N THR B 387 -9.67 6.66 17.12
CA THR B 387 -10.17 6.99 15.78
C THR B 387 -9.09 7.71 14.98
N ASN B 388 -8.65 7.09 13.88
CA ASN B 388 -7.52 7.61 13.11
C ASN B 388 -7.94 8.52 11.96
N TYR B 389 -9.20 8.46 11.53
CA TYR B 389 -9.66 9.18 10.35
C TYR B 389 -10.90 10.02 10.68
N ASP B 390 -11.02 11.15 9.98
CA ASP B 390 -12.13 12.07 10.23
C ASP B 390 -13.49 11.47 9.94
N LEU B 391 -13.58 10.46 9.07
CA LEU B 391 -14.81 9.71 8.91
C LEU B 391 -14.50 8.22 8.83
N THR B 392 -15.23 7.43 9.60
CA THR B 392 -15.38 6.00 9.37
C THR B 392 -16.85 5.70 9.19
N VAL B 393 -17.21 5.10 8.05
CA VAL B 393 -18.51 4.48 7.88
C VAL B 393 -18.42 3.02 8.32
N MET B 394 -19.07 2.69 9.43
CA MET B 394 -19.33 1.30 9.77
C MET B 394 -20.55 0.81 9.01
N VAL B 395 -20.55 -0.47 8.64
CA VAL B 395 -21.74 -1.11 8.10
C VAL B 395 -21.89 -2.49 8.72
N MET B 396 -23.09 -2.79 9.20
CA MET B 396 -23.40 -4.09 9.79
C MET B 396 -24.52 -4.73 9.01
N PRO B 397 -24.21 -5.63 8.07
CA PRO B 397 -25.25 -6.47 7.45
C PRO B 397 -26.06 -7.22 8.49
N LYS B 398 -27.35 -6.92 8.54
CA LYS B 398 -28.30 -7.56 9.43
C LYS B 398 -29.64 -7.64 8.73
N GLU B 399 -30.69 -7.94 9.49
CA GLU B 399 -32.05 -7.84 8.97
C GLU B 399 -32.36 -6.43 8.47
N GLU B 400 -31.73 -5.42 9.04
CA GLU B 400 -31.70 -4.06 8.51
C GLU B 400 -30.26 -3.62 8.38
N LEU B 401 -29.88 -3.10 7.22
CA LEU B 401 -28.48 -2.79 6.96
C LEU B 401 -28.12 -1.54 7.76
N ALA B 402 -27.50 -1.73 8.91
CA ALA B 402 -27.30 -0.67 9.90
C ALA B 402 -25.98 0.04 9.65
N PHE B 403 -26.05 1.27 9.14
CA PHE B 403 -24.87 2.11 8.96
C PHE B 403 -24.61 2.88 10.24
N ARG B 404 -23.34 3.21 10.46
CA ARG B 404 -22.96 4.14 11.53
C ARG B 404 -21.78 4.95 11.05
N PHE B 405 -21.99 6.25 10.88
CA PHE B 405 -20.91 7.18 10.55
C PHE B 405 -20.25 7.60 11.85
N ASP B 406 -19.05 7.10 12.11
CA ASP B 406 -18.24 7.67 13.19
C ASP B 406 -17.51 8.89 12.63
N TYR B 407 -18.02 10.08 12.91
CA TYR B 407 -17.56 11.28 12.25
C TYR B 407 -17.05 12.29 13.26
N ASN B 408 -16.00 13.02 12.88
CA ASN B 408 -15.50 14.12 13.70
C ASN B 408 -16.39 15.34 13.51
N ALA B 409 -17.19 15.64 14.53
CA ALA B 409 -18.07 16.81 14.50
C ALA B 409 -17.32 18.14 14.44
N ALA B 410 -16.00 18.13 14.60
CA ALA B 410 -15.23 19.34 14.36
C ALA B 410 -15.22 19.72 12.88
N LEU B 411 -15.15 18.73 11.99
CA LEU B 411 -14.92 18.99 10.58
C LEU B 411 -16.11 18.73 9.67
N PHE B 412 -17.11 17.97 10.11
CA PHE B 412 -18.35 17.82 9.37
C PHE B 412 -19.50 18.50 10.10
N ASP B 413 -20.17 19.41 9.41
CA ASP B 413 -21.48 19.87 9.84
C ASP B 413 -22.41 18.67 9.94
N GLU B 414 -23.18 18.61 11.03
CA GLU B 414 -24.15 17.53 11.15
C GLU B 414 -25.18 17.55 10.02
N GLN B 415 -25.40 18.71 9.39
CA GLN B 415 -26.21 18.73 8.19
C GLN B 415 -25.52 18.07 7.00
N VAL B 416 -24.20 18.18 6.90
CA VAL B 416 -23.47 17.44 5.88
C VAL B 416 -23.65 15.94 6.08
N VAL B 417 -23.43 15.45 7.29
CA VAL B 417 -23.56 14.02 7.57
C VAL B 417 -24.99 13.54 7.37
N GLN B 418 -25.98 14.35 7.76
CA GLN B 418 -27.37 13.96 7.54
C GLN B 418 -27.71 13.88 6.06
N LYS B 419 -27.25 14.85 5.26
CA LYS B 419 -27.53 14.78 3.84
C LYS B 419 -26.76 13.64 3.19
N LEU B 420 -25.57 13.35 3.70
CA LEU B 420 -24.81 12.18 3.25
C LEU B 420 -25.59 10.90 3.44
N ALA B 421 -26.25 10.75 4.59
CA ALA B 421 -27.07 9.57 4.80
C ALA B 421 -28.30 9.52 3.90
N GLY B 422 -28.90 10.67 3.63
CA GLY B 422 -30.03 10.69 2.71
C GLY B 422 -29.63 10.34 1.29
N HIS B 423 -28.48 10.84 0.84
CA HIS B 423 -27.98 10.51 -0.49
C HIS B 423 -27.59 9.03 -0.59
N LEU B 424 -26.94 8.50 0.45
CA LEU B 424 -26.58 7.08 0.45
C LEU B 424 -27.81 6.18 0.36
N GLN B 425 -28.89 6.58 1.03
CA GLN B 425 -30.11 5.82 0.82
C GLN B 425 -30.68 6.00 -0.58
N GLN B 426 -30.61 7.19 -1.15
CA GLN B 426 -31.27 7.36 -2.45
C GLN B 426 -30.53 6.66 -3.58
N ILE B 427 -29.20 6.58 -3.49
CA ILE B 427 -28.44 5.66 -4.35
C ILE B 427 -28.93 4.23 -4.15
N ALA B 428 -28.95 3.77 -2.90
CA ALA B 428 -29.32 2.38 -2.66
C ALA B 428 -30.72 2.10 -3.20
N ASP B 429 -31.63 3.05 -3.07
CA ASP B 429 -33.00 2.87 -3.54
C ASP B 429 -33.05 2.67 -5.04
N CYS B 430 -32.35 3.54 -5.79
CA CYS B 430 -32.38 3.40 -7.25
C CYS B 430 -31.74 2.08 -7.68
N VAL B 431 -30.49 1.87 -7.26
CA VAL B 431 -29.77 0.64 -7.58
C VAL B 431 -30.55 -0.62 -7.21
N ALA B 432 -31.30 -0.59 -6.13
CA ALA B 432 -32.10 -1.76 -5.74
C ALA B 432 -33.37 -1.91 -6.57
N ASN B 433 -34.01 -0.82 -6.96
CA ASN B 433 -35.23 -0.96 -7.74
C ASN B 433 -34.98 -1.47 -9.15
N ASN B 434 -33.85 -1.13 -9.76
CA ASN B 434 -33.47 -1.71 -11.05
C ASN B 434 -31.95 -1.81 -11.15
N SER B 435 -31.47 -3.04 -11.34
CA SER B 435 -30.03 -3.30 -11.37
C SER B 435 -29.32 -2.66 -12.56
N GLY B 436 -30.01 -2.54 -13.69
CA GLY B 436 -29.38 -2.10 -14.93
C GLY B 436 -29.17 -0.62 -15.14
N VAL B 437 -29.60 0.22 -14.21
CA VAL B 437 -29.48 1.68 -14.40
C VAL B 437 -28.01 2.09 -14.45
N GLU B 438 -27.74 3.16 -15.20
CA GLU B 438 -26.39 3.66 -15.39
C GLU B 438 -25.87 4.32 -14.12
N LEU B 439 -24.57 4.58 -14.09
CA LEU B 439 -23.94 5.33 -13.02
C LEU B 439 -24.20 6.83 -13.10
N CYS B 440 -24.50 7.33 -14.29
CA CYS B 440 -25.27 8.54 -14.48
C CYS B 440 -26.76 8.18 -14.48
N GLN B 441 -27.61 9.18 -14.24
CA GLN B 441 -29.05 8.99 -14.07
C GLN B 441 -29.45 8.17 -12.84
N ILE B 442 -28.51 7.88 -11.94
CA ILE B 442 -28.84 7.64 -10.54
C ILE B 442 -28.88 9.00 -9.83
N PRO B 443 -30.04 9.42 -9.31
CA PRO B 443 -30.11 10.69 -8.57
C PRO B 443 -29.63 10.53 -7.14
N LEU B 444 -28.96 11.57 -6.64
CA LEU B 444 -28.66 11.64 -5.22
C LEU B 444 -29.81 12.20 -4.39
N LEU B 445 -30.59 13.13 -4.93
CA LEU B 445 -31.34 14.05 -4.08
C LEU B 445 -32.62 13.45 -3.53
N THR B 446 -32.87 13.71 -2.25
CA THR B 446 -34.19 13.63 -1.67
C THR B 446 -35.09 14.72 -2.26
N GLU B 447 -36.40 14.51 -2.17
CA GLU B 447 -37.32 15.45 -2.79
C GLU B 447 -37.31 16.82 -2.13
N ALA B 448 -36.94 16.89 -0.85
CA ALA B 448 -36.85 18.19 -0.18
C ALA B 448 -35.81 19.08 -0.84
N GLU B 449 -34.61 18.54 -1.10
CA GLU B 449 -33.58 19.28 -1.79
C GLU B 449 -33.85 19.42 -3.29
N THR B 450 -34.59 18.47 -3.88
CA THR B 450 -35.01 18.63 -5.26
C THR B 450 -35.92 19.85 -5.43
N SER B 451 -36.97 19.94 -4.62
CA SER B 451 -37.86 21.08 -4.68
C SER B 451 -37.21 22.37 -4.22
N GLN B 452 -36.25 22.29 -3.28
CA GLN B 452 -35.46 23.47 -2.94
C GLN B 452 -34.62 23.98 -4.11
N LEU B 453 -33.97 23.08 -4.85
CA LEU B 453 -33.21 23.53 -6.00
C LEU B 453 -34.10 24.05 -7.13
N LEU B 454 -35.22 23.38 -7.38
CA LEU B 454 -36.26 23.94 -8.25
C LEU B 454 -36.99 25.14 -7.65
N ALA B 455 -36.61 25.64 -6.48
CA ALA B 455 -37.08 26.97 -6.09
C ALA B 455 -36.31 28.09 -6.76
N LYS B 456 -35.04 27.88 -7.11
CA LYS B 456 -34.22 28.93 -7.71
C LYS B 456 -34.76 29.41 -9.05
N ARG B 457 -35.35 28.50 -9.84
CA ARG B 457 -36.01 28.87 -11.09
C ARG B 457 -37.27 29.71 -10.90
N THR B 458 -37.95 29.60 -9.77
CA THR B 458 -39.29 30.16 -9.62
C THR B 458 -39.32 31.42 -8.77
N GLU B 459 -38.51 31.48 -7.71
CA GLU B 459 -38.01 32.77 -7.26
C GLU B 459 -37.20 33.41 -8.37
N THR B 460 -37.08 34.74 -8.34
CA THR B 460 -36.50 35.54 -9.41
C THR B 460 -37.24 35.49 -10.76
N ALA B 461 -38.40 34.83 -10.82
CA ALA B 461 -39.30 35.06 -11.94
C ALA B 461 -39.75 36.53 -11.97
N ALA B 462 -40.11 37.00 -13.17
CA ALA B 462 -40.49 38.40 -13.36
C ALA B 462 -41.57 38.55 -14.42
N ASP B 463 -42.36 39.62 -14.29
CA ASP B 463 -43.45 39.97 -15.19
C ASP B 463 -43.07 41.10 -16.15
N TYR B 464 -41.80 41.16 -16.57
CA TYR B 464 -41.28 42.21 -17.43
C TYR B 464 -41.95 42.21 -18.82
N PRO B 465 -42.04 43.39 -19.46
CA PRO B 465 -42.91 43.54 -20.64
C PRO B 465 -42.39 42.92 -21.93
N ALA B 466 -41.13 42.46 -21.99
CA ALA B 466 -40.64 41.55 -23.03
C ALA B 466 -40.87 42.03 -24.46
N ALA B 467 -40.90 43.35 -24.68
CA ALA B 467 -41.18 43.91 -26.00
C ALA B 467 -40.02 43.69 -26.98
N THR B 468 -40.30 43.99 -28.26
CA THR B 468 -39.25 44.25 -29.26
C THR B 468 -38.36 45.41 -28.86
N MET B 469 -37.12 45.39 -29.36
CA MET B 469 -36.05 46.19 -28.76
C MET B 469 -36.08 47.67 -29.15
N HIS B 470 -36.14 47.99 -30.46
CA HIS B 470 -36.00 49.38 -30.86
C HIS B 470 -37.15 50.27 -30.38
N GLU B 471 -38.33 49.69 -30.18
CA GLU B 471 -39.42 50.43 -29.55
C GLU B 471 -39.06 50.92 -28.17
N LEU B 472 -38.24 50.18 -27.42
CA LEU B 472 -37.91 50.62 -26.06
C LEU B 472 -36.98 51.85 -26.08
N PHE B 473 -36.06 51.89 -27.04
CA PHE B 473 -35.33 53.14 -27.27
C PHE B 473 -36.28 54.25 -27.68
N SER B 474 -37.21 53.95 -28.58
CA SER B 474 -38.18 54.97 -28.99
C SER B 474 -38.94 55.54 -27.80
N ARG B 475 -39.49 54.67 -26.97
CA ARG B 475 -40.19 54.99 -25.72
C ARG B 475 -39.28 55.61 -24.67
N GLN B 476 -37.99 55.73 -24.94
CA GLN B 476 -37.14 56.57 -24.10
C GLN B 476 -36.80 57.90 -24.75
N ALA B 477 -36.46 57.88 -26.04
CA ALA B 477 -36.13 59.09 -26.78
C ALA B 477 -37.29 60.07 -26.82
N GLU B 478 -38.52 59.56 -26.85
CA GLU B 478 -39.70 60.44 -26.72
C GLU B 478 -39.76 61.12 -25.36
N LYS B 479 -39.17 60.53 -24.33
CA LYS B 479 -39.27 61.10 -22.99
C LYS B 479 -38.34 62.28 -22.76
N THR B 480 -37.12 62.25 -23.29
CA THR B 480 -36.19 63.37 -23.16
C THR B 480 -35.34 63.55 -24.42
N PRO B 481 -35.97 63.95 -25.53
CA PRO B 481 -35.26 63.98 -26.82
C PRO B 481 -34.09 64.96 -26.86
N GLU B 482 -34.20 66.08 -26.14
CA GLU B 482 -33.21 67.14 -26.21
C GLU B 482 -31.88 66.77 -25.56
N GLN B 483 -31.84 65.74 -24.72
CA GLN B 483 -30.60 65.37 -24.04
C GLN B 483 -29.55 64.89 -25.05
N VAL B 484 -28.28 65.14 -24.72
CA VAL B 484 -27.15 64.64 -25.49
C VAL B 484 -27.01 63.12 -25.28
N ALA B 485 -27.22 62.35 -26.33
CA ALA B 485 -27.21 60.89 -26.25
C ALA B 485 -25.82 60.29 -26.40
N VAL B 486 -25.06 60.72 -27.41
CA VAL B 486 -23.77 60.12 -27.76
C VAL B 486 -22.79 61.23 -28.09
N VAL B 487 -21.53 61.07 -27.69
CA VAL B 487 -20.47 62.01 -28.03
C VAL B 487 -19.21 61.23 -28.39
N PHE B 488 -18.49 61.73 -29.40
CA PHE B 488 -17.24 61.16 -29.87
C PHE B 488 -16.30 62.30 -30.24
N ALA B 489 -15.01 62.09 -30.01
CA ALA B 489 -14.05 63.20 -30.00
C ALA B 489 -14.61 64.36 -29.19
N ASP B 490 -14.89 65.48 -29.86
CA ASP B 490 -15.51 66.64 -29.22
C ASP B 490 -16.87 67.00 -29.83
N GLN B 491 -17.56 66.05 -30.48
CA GLN B 491 -18.82 66.31 -31.15
C GLN B 491 -19.84 65.22 -30.78
N HIS B 492 -21.12 65.59 -30.78
CA HIS B 492 -22.15 64.76 -30.16
C HIS B 492 -23.44 64.70 -30.99
N LEU B 493 -24.36 63.84 -30.54
CA LEU B 493 -25.75 63.78 -30.98
C LEU B 493 -26.69 64.00 -29.79
N THR B 494 -27.83 64.64 -30.04
CA THR B 494 -28.96 64.54 -29.12
C THR B 494 -29.73 63.24 -29.34
N TYR B 495 -30.56 62.89 -28.35
CA TYR B 495 -31.47 61.75 -28.50
C TYR B 495 -32.38 61.91 -29.72
N ARG B 496 -32.90 63.12 -29.95
CA ARG B 496 -33.70 63.36 -31.13
C ARG B 496 -32.90 63.13 -32.40
N GLU B 497 -31.69 63.70 -32.46
CA GLU B 497 -30.84 63.51 -33.64
C GLU B 497 -30.58 62.03 -33.88
N LEU B 498 -30.22 61.31 -32.82
CA LEU B 498 -29.96 59.87 -32.94
C LEU B 498 -31.18 59.15 -33.51
N ASP B 499 -32.37 59.44 -32.96
CA ASP B 499 -33.60 58.80 -33.43
C ASP B 499 -33.88 59.12 -34.89
N GLU B 500 -33.81 60.40 -35.26
CA GLU B 500 -34.08 60.82 -36.62
C GLU B 500 -33.09 60.19 -37.61
N LYS B 501 -31.80 60.25 -37.29
CA LYS B 501 -30.78 59.65 -38.13
C LYS B 501 -30.98 58.13 -38.28
N SER B 502 -31.41 57.47 -37.19
CA SER B 502 -31.76 56.06 -37.28
C SER B 502 -32.96 55.85 -38.19
N ASN B 503 -33.97 56.71 -38.09
CA ASN B 503 -35.12 56.61 -39.00
C ASN B 503 -34.69 56.76 -40.45
N GLN B 504 -33.81 57.72 -40.73
CA GLN B 504 -33.30 57.92 -42.08
C GLN B 504 -32.62 56.66 -42.59
N LEU B 505 -31.67 56.14 -41.82
CA LEU B 505 -30.95 54.94 -42.23
C LEU B 505 -31.89 53.75 -42.37
N ALA B 506 -32.87 53.63 -41.48
CA ALA B 506 -33.78 52.48 -41.51
C ALA B 506 -34.68 52.51 -42.73
N ARG B 507 -35.28 53.67 -43.02
CA ARG B 507 -36.06 53.83 -44.23
C ARG B 507 -35.24 53.52 -45.48
N PHE B 508 -34.03 54.08 -45.56
CA PHE B 508 -33.17 53.82 -46.73
C PHE B 508 -32.77 52.36 -46.85
N LEU B 509 -32.42 51.71 -45.74
CA LEU B 509 -32.16 50.27 -45.75
C LEU B 509 -33.36 49.45 -46.20
N ARG B 510 -34.55 49.82 -45.73
CA ARG B 510 -35.76 49.10 -46.15
C ARG B 510 -36.02 49.29 -47.65
N LYS B 511 -35.79 50.50 -48.17
CA LYS B 511 -35.85 50.69 -49.61
C LYS B 511 -34.77 49.89 -50.34
N LYS B 512 -33.61 49.70 -49.73
CA LYS B 512 -32.59 48.81 -50.26
C LYS B 512 -32.94 47.34 -50.11
N GLY B 513 -34.09 47.00 -49.54
CA GLY B 513 -34.57 45.63 -49.51
C GLY B 513 -34.27 44.85 -48.25
N ILE B 514 -33.90 45.51 -47.16
CA ILE B 514 -33.64 44.83 -45.88
C ILE B 514 -34.97 44.41 -45.24
N GLY B 515 -35.25 43.11 -45.26
CA GLY B 515 -36.30 42.53 -44.45
C GLY B 515 -35.78 42.09 -43.10
N THR B 516 -36.67 42.14 -42.08
CA THR B 516 -36.22 42.10 -40.70
C THR B 516 -35.47 40.82 -40.36
N GLY B 517 -35.75 39.73 -41.06
CA GLY B 517 -35.04 38.48 -40.82
C GLY B 517 -33.64 38.41 -41.40
N SER B 518 -33.24 39.41 -42.18
CA SER B 518 -31.94 39.43 -42.85
C SER B 518 -30.82 39.87 -41.90
N LEU B 519 -29.60 39.88 -42.44
CA LEU B 519 -28.38 40.27 -41.74
C LEU B 519 -27.76 41.46 -42.46
N VAL B 520 -27.20 42.41 -41.69
CA VAL B 520 -26.50 43.56 -42.26
C VAL B 520 -25.23 43.86 -41.46
N GLY B 521 -24.10 43.91 -42.14
CA GLY B 521 -22.83 44.11 -41.45
C GLY B 521 -22.68 45.55 -40.98
N THR B 522 -21.91 45.74 -39.90
CA THR B 522 -21.66 47.06 -39.32
C THR B 522 -20.15 47.33 -39.19
N LEU B 523 -19.44 47.30 -40.32
CA LEU B 523 -18.02 47.64 -40.41
C LEU B 523 -17.83 49.15 -40.24
N LEU B 524 -17.75 49.60 -38.98
CA LEU B 524 -17.89 51.00 -38.63
C LEU B 524 -16.97 51.40 -37.49
N ASP B 525 -16.43 52.62 -37.57
CA ASP B 525 -15.59 53.14 -36.50
C ASP B 525 -16.44 53.48 -35.29
N ARG B 526 -15.84 53.37 -34.10
CA ARG B 526 -16.52 53.72 -32.86
C ARG B 526 -16.76 55.23 -32.76
N SER B 527 -17.90 55.66 -33.31
CA SER B 527 -18.16 57.04 -33.72
C SER B 527 -19.67 57.23 -33.79
N LEU B 528 -20.10 58.48 -33.89
CA LEU B 528 -21.53 58.79 -33.85
C LEU B 528 -22.28 58.02 -34.93
N ASP B 529 -21.67 57.94 -36.12
CA ASP B 529 -22.26 57.22 -37.22
C ASP B 529 -22.48 55.76 -36.88
N MET B 530 -21.65 55.20 -35.99
CA MET B 530 -21.74 53.76 -35.70
C MET B 530 -22.92 53.44 -34.80
N ILE B 531 -23.20 54.27 -33.80
CA ILE B 531 -24.39 54.07 -32.98
C ILE B 531 -25.63 54.24 -33.84
N VAL B 532 -25.64 55.29 -34.68
CA VAL B 532 -26.72 55.46 -35.63
C VAL B 532 -26.85 54.24 -36.55
N GLY B 533 -25.72 53.69 -37.00
CA GLY B 533 -25.66 52.46 -37.76
C GLY B 533 -26.39 51.32 -37.12
N ILE B 534 -25.97 50.98 -35.89
CA ILE B 534 -26.60 49.89 -35.15
C ILE B 534 -28.11 50.11 -35.09
N LEU B 535 -28.53 51.25 -34.56
CA LEU B 535 -29.96 51.43 -34.31
C LEU B 535 -30.77 51.55 -35.60
N GLY B 536 -30.17 52.07 -36.68
CA GLY B 536 -30.84 52.10 -37.97
C GLY B 536 -31.01 50.73 -38.59
N VAL B 537 -29.95 49.91 -38.55
CA VAL B 537 -30.09 48.51 -38.96
C VAL B 537 -31.11 47.80 -38.09
N LEU B 538 -31.17 48.13 -36.80
CA LEU B 538 -32.14 47.53 -35.91
C LEU B 538 -33.56 47.99 -36.20
N LYS B 539 -33.75 49.22 -36.66
CA LYS B 539 -35.06 49.65 -37.10
C LYS B 539 -35.40 49.14 -38.50
N ALA B 540 -34.39 48.83 -39.30
CA ALA B 540 -34.55 47.92 -40.42
C ALA B 540 -34.75 46.47 -39.96
N GLY B 541 -34.57 46.21 -38.67
CA GLY B 541 -34.87 44.93 -38.06
C GLY B 541 -33.73 43.92 -38.09
N GLY B 542 -32.68 44.18 -38.87
CA GLY B 542 -31.73 43.14 -39.22
C GLY B 542 -30.82 42.75 -38.06
N ALA B 543 -30.15 41.61 -38.23
CA ALA B 543 -29.02 41.27 -37.37
C ALA B 543 -27.82 42.12 -37.75
N PHE B 544 -27.50 43.10 -36.91
CA PHE B 544 -26.34 43.97 -37.08
C PHE B 544 -25.05 43.22 -36.76
N VAL B 545 -24.39 42.69 -37.79
CA VAL B 545 -23.21 41.85 -37.56
C VAL B 545 -22.02 42.73 -37.18
N PRO B 546 -21.38 42.49 -36.03
CA PRO B 546 -20.30 43.33 -35.49
C PRO B 546 -18.97 43.07 -36.17
N ILE B 547 -18.87 43.47 -37.43
CA ILE B 547 -17.67 43.30 -38.23
C ILE B 547 -16.63 44.33 -37.81
N ASP B 548 -15.78 43.97 -36.86
CA ASP B 548 -14.76 44.87 -36.30
C ASP B 548 -13.71 45.24 -37.35
N PRO B 549 -13.67 46.50 -37.80
CA PRO B 549 -12.71 46.89 -38.85
C PRO B 549 -11.24 46.69 -38.50
N GLU B 550 -10.90 46.63 -37.21
CA GLU B 550 -9.51 46.43 -36.79
C GLU B 550 -8.98 45.04 -37.11
N LEU B 551 -9.86 44.06 -37.29
CA LEU B 551 -9.43 42.68 -37.49
C LEU B 551 -8.76 42.48 -38.85
N PRO B 552 -7.82 41.54 -38.94
CA PRO B 552 -7.23 41.16 -40.23
C PRO B 552 -8.28 40.79 -41.27
N ALA B 553 -7.98 41.12 -42.53
CA ALA B 553 -8.94 41.01 -43.63
C ALA B 553 -9.43 39.58 -43.86
N GLU B 554 -8.61 38.57 -43.57
CA GLU B 554 -9.03 37.19 -43.81
C GLU B 554 -10.21 36.79 -42.92
N ARG B 555 -10.13 37.10 -41.62
CA ARG B 555 -11.24 36.79 -40.73
C ARG B 555 -12.47 37.63 -41.02
N ILE B 556 -12.28 38.89 -41.43
CA ILE B 556 -13.40 39.70 -41.89
C ILE B 556 -14.06 39.08 -43.11
N ALA B 557 -13.26 38.62 -44.07
CA ALA B 557 -13.80 37.94 -45.24
C ALA B 557 -14.58 36.71 -44.83
N TYR B 558 -14.09 35.98 -43.84
CA TYR B 558 -14.85 34.84 -43.30
C TYR B 558 -16.19 35.28 -42.72
N MET B 559 -16.19 36.30 -41.88
CA MET B 559 -17.44 36.81 -41.30
C MET B 559 -18.44 37.24 -42.38
N LEU B 560 -17.95 37.98 -43.39
CA LEU B 560 -18.80 38.39 -44.51
C LEU B 560 -19.36 37.18 -45.27
N THR B 561 -18.49 36.25 -45.66
CA THR B 561 -18.92 35.18 -46.56
C THR B 561 -19.79 34.17 -45.81
N HIS B 562 -19.33 33.72 -44.64
CA HIS B 562 -20.07 32.77 -43.84
C HIS B 562 -21.44 33.32 -43.47
N SER B 563 -21.54 34.64 -43.26
CA SER B 563 -22.83 35.26 -42.99
C SER B 563 -23.70 35.45 -44.23
N ARG B 564 -23.14 35.29 -45.44
CA ARG B 564 -23.90 35.38 -46.70
C ARG B 564 -24.73 36.67 -46.76
N VAL B 565 -24.22 37.72 -46.12
CA VAL B 565 -24.91 38.98 -45.88
C VAL B 565 -25.22 39.70 -47.19
N PRO B 566 -26.44 40.19 -47.41
CA PRO B 566 -26.71 40.97 -48.63
C PRO B 566 -26.16 42.40 -48.62
N LEU B 567 -26.00 43.04 -47.46
CA LEU B 567 -25.70 44.46 -47.40
C LEU B 567 -24.91 44.81 -46.14
N VAL B 568 -24.15 45.89 -46.21
CA VAL B 568 -23.31 46.34 -45.10
C VAL B 568 -23.40 47.85 -44.98
N VAL B 569 -23.45 48.35 -43.74
CA VAL B 569 -23.43 49.78 -43.46
C VAL B 569 -22.04 50.19 -42.98
N THR B 570 -21.41 51.13 -43.68
CA THR B 570 -20.01 51.49 -43.43
C THR B 570 -19.81 52.99 -43.65
N GLN B 571 -18.69 53.49 -43.12
CA GLN B 571 -18.06 54.69 -43.64
C GLN B 571 -17.20 54.35 -44.86
N ASN B 572 -16.76 55.38 -45.58
CA ASN B 572 -15.99 55.15 -46.81
C ASN B 572 -14.61 54.55 -46.53
N HIS B 573 -13.85 55.15 -45.62
CA HIS B 573 -12.42 54.88 -45.55
C HIS B 573 -12.11 53.43 -45.16
N LEU B 574 -13.03 52.78 -44.45
CA LEU B 574 -12.87 51.38 -44.09
C LEU B 574 -13.04 50.41 -45.25
N ARG B 575 -13.65 50.85 -46.36
CA ARG B 575 -14.08 49.94 -47.42
C ARG B 575 -12.96 49.18 -48.11
N ALA B 576 -11.70 49.52 -47.86
CA ALA B 576 -10.59 48.66 -48.28
C ALA B 576 -10.71 47.24 -47.72
N LYS B 577 -11.40 47.05 -46.61
CA LYS B 577 -11.54 45.75 -45.97
C LYS B 577 -12.67 44.88 -46.53
N VAL B 578 -13.52 45.41 -47.42
CA VAL B 578 -14.60 44.63 -48.03
C VAL B 578 -14.04 43.75 -49.14
N THR B 579 -14.52 42.50 -49.23
CA THR B 579 -13.94 41.49 -50.10
C THR B 579 -14.99 40.61 -50.79
N THR B 580 -16.20 41.10 -50.99
CA THR B 580 -17.34 40.23 -51.21
C THR B 580 -18.30 40.80 -52.24
N PRO B 581 -19.16 39.95 -52.84
CA PRO B 581 -20.22 40.45 -53.73
C PRO B 581 -21.35 41.12 -52.97
N THR B 582 -21.06 42.26 -52.35
CA THR B 582 -21.97 42.95 -51.45
C THR B 582 -21.98 44.44 -51.75
N GLU B 583 -23.18 44.98 -51.97
CA GLU B 583 -23.38 46.42 -51.91
C GLU B 583 -23.05 46.92 -50.49
N THR B 584 -22.80 48.23 -50.39
CA THR B 584 -22.34 48.82 -49.13
C THR B 584 -22.88 50.24 -49.02
N ILE B 585 -23.66 50.47 -47.96
CA ILE B 585 -24.27 51.77 -47.66
C ILE B 585 -23.22 52.65 -46.99
N ASP B 586 -22.61 53.55 -47.76
CA ASP B 586 -21.92 54.69 -47.18
C ASP B 586 -22.94 55.54 -46.42
N ILE B 587 -22.84 55.53 -45.09
CA ILE B 587 -23.78 56.23 -44.22
C ILE B 587 -23.76 57.75 -44.39
N ASN B 588 -22.75 58.30 -45.08
CA ASN B 588 -22.71 59.73 -45.38
C ASN B 588 -23.49 60.13 -46.62
N THR B 589 -23.99 59.18 -47.41
CA THR B 589 -24.60 59.50 -48.70
C THR B 589 -25.76 60.48 -48.59
N ALA B 590 -25.80 61.43 -49.54
CA ALA B 590 -26.75 62.53 -49.51
C ALA B 590 -28.21 62.07 -49.53
N VAL B 591 -28.49 60.96 -50.21
CA VAL B 591 -29.86 60.40 -50.23
C VAL B 591 -30.35 60.05 -48.82
N ILE B 592 -29.46 59.62 -47.93
CA ILE B 592 -29.86 59.38 -46.55
C ILE B 592 -30.17 60.71 -45.84
N GLY B 593 -29.44 61.77 -46.18
CA GLY B 593 -29.76 63.09 -45.63
C GLY B 593 -31.05 63.68 -46.17
N GLU B 594 -31.42 63.34 -47.39
CA GLU B 594 -32.69 63.77 -47.98
C GLU B 594 -33.88 62.91 -47.53
N GLU B 595 -33.66 61.67 -47.12
CA GLU B 595 -34.74 60.80 -46.65
C GLU B 595 -35.43 61.34 -45.40
N SER B 596 -36.68 60.89 -45.22
CA SER B 596 -37.53 61.35 -44.12
C SER B 596 -36.96 60.95 -42.76
N ARG B 597 -37.02 61.89 -41.82
CA ARG B 597 -36.63 61.70 -40.43
C ARG B 597 -37.73 61.05 -39.57
N ALA B 598 -38.96 60.95 -40.07
CA ALA B 598 -40.05 60.36 -39.31
C ALA B 598 -39.90 58.84 -39.19
N PRO B 599 -40.43 58.24 -38.10
CA PRO B 599 -40.48 56.78 -37.96
C PRO B 599 -41.20 56.08 -39.10
N ILE B 600 -41.00 54.76 -39.16
CA ILE B 600 -41.68 53.87 -40.10
C ILE B 600 -42.35 52.73 -39.32
N GLU B 601 -43.50 52.27 -39.83
CA GLU B 601 -44.35 51.28 -39.14
C GLU B 601 -43.58 50.00 -38.84
N SER B 602 -43.57 49.61 -37.55
CA SER B 602 -42.87 48.43 -37.08
C SER B 602 -43.70 47.16 -37.30
N LEU B 603 -43.25 46.30 -38.22
CA LEU B 603 -43.78 44.96 -38.41
C LEU B 603 -43.00 43.88 -37.64
N ASN B 604 -42.10 44.29 -36.76
CA ASN B 604 -41.23 43.39 -36.00
C ASN B 604 -42.01 42.61 -34.94
N GLN B 605 -41.42 41.49 -34.50
CA GLN B 605 -41.97 40.64 -33.44
C GLN B 605 -40.87 40.21 -32.49
N PRO B 606 -41.20 40.06 -31.19
CA PRO B 606 -40.14 39.89 -30.17
C PRO B 606 -39.20 38.70 -30.37
N HIS B 607 -39.60 37.68 -31.11
CA HIS B 607 -38.77 36.51 -31.32
C HIS B 607 -37.84 36.63 -32.53
N ASP B 608 -37.95 37.69 -33.32
CA ASP B 608 -37.21 37.77 -34.57
C ASP B 608 -35.70 37.89 -34.34
N LEU B 609 -34.94 37.42 -35.34
CA LEU B 609 -33.49 37.34 -35.29
C LEU B 609 -32.83 38.71 -35.14
N PHE B 610 -32.32 38.98 -33.93
CA PHE B 610 -31.94 40.32 -33.48
C PHE B 610 -30.46 40.64 -33.71
N TYR B 611 -29.54 39.71 -33.46
CA TYR B 611 -28.13 40.06 -33.32
C TYR B 611 -27.29 38.81 -33.49
N ILE B 612 -26.03 39.00 -33.93
CA ILE B 612 -25.09 37.93 -34.22
C ILE B 612 -23.70 38.35 -33.76
N ILE B 613 -22.85 37.37 -33.39
CA ILE B 613 -21.47 37.64 -32.98
C ILE B 613 -20.56 36.53 -33.48
N TYR B 614 -19.33 36.89 -33.87
CA TYR B 614 -18.23 35.95 -34.04
C TYR B 614 -17.10 36.27 -33.06
N THR B 615 -16.42 35.22 -32.60
CA THR B 615 -15.46 35.32 -31.50
C THR B 615 -14.18 34.56 -31.84
N SER B 616 -13.16 34.74 -30.99
CA SER B 616 -12.11 33.74 -30.84
C SER B 616 -12.68 32.45 -30.26
N GLY B 617 -11.92 31.36 -30.40
CA GLY B 617 -12.39 30.08 -29.91
C GLY B 617 -11.31 29.01 -29.98
N THR B 618 -11.67 27.84 -29.43
CA THR B 618 -10.78 26.68 -29.46
C THR B 618 -10.89 25.90 -30.76
N THR B 619 -12.09 25.79 -31.31
CA THR B 619 -12.29 25.31 -32.67
C THR B 619 -11.92 26.39 -33.68
N GLY B 620 -11.47 25.94 -34.85
CA GLY B 620 -10.87 26.85 -35.82
C GLY B 620 -11.87 27.76 -36.52
N GLN B 621 -13.02 27.23 -36.93
CA GLN B 621 -14.00 28.03 -37.66
C GLN B 621 -14.74 29.00 -36.72
N PRO B 622 -14.94 30.24 -37.14
CA PRO B 622 -15.78 31.18 -36.39
C PRO B 622 -17.16 30.63 -36.05
N LYS B 623 -17.58 30.85 -34.80
CA LYS B 623 -18.74 30.16 -34.23
C LYS B 623 -20.10 30.74 -34.63
N GLY B 624 -20.21 32.04 -34.87
CA GLY B 624 -21.45 32.59 -35.39
C GLY B 624 -22.68 32.55 -34.49
N VAL B 625 -22.55 33.12 -33.30
CA VAL B 625 -23.64 33.23 -32.31
C VAL B 625 -24.81 34.04 -32.88
N MET B 626 -26.03 33.79 -32.37
CA MET B 626 -27.15 34.68 -32.67
C MET B 626 -28.11 34.83 -31.49
N LEU B 627 -28.72 36.03 -31.41
CA LEU B 627 -29.59 36.47 -30.32
C LEU B 627 -30.92 37.00 -30.83
N GLU B 628 -31.89 37.13 -29.91
CA GLU B 628 -33.25 37.57 -30.21
C GLU B 628 -33.63 38.74 -29.29
N HIS B 629 -34.55 39.58 -29.77
CA HIS B 629 -34.87 40.84 -29.08
C HIS B 629 -35.28 40.64 -27.63
N ARG B 630 -36.11 39.62 -27.38
CA ARG B 630 -36.52 39.23 -26.04
C ARG B 630 -35.37 39.03 -25.06
N ASN B 631 -34.18 38.67 -25.56
CA ASN B 631 -33.03 38.52 -24.68
C ASN B 631 -32.57 39.86 -24.12
N MET B 632 -32.49 40.87 -24.99
CA MET B 632 -32.18 42.20 -24.51
C MET B 632 -33.30 42.72 -23.61
N ALA B 633 -34.55 42.50 -24.00
CA ALA B 633 -35.64 43.00 -23.16
C ALA B 633 -35.50 42.55 -21.72
N ASN B 634 -35.28 41.24 -21.51
CA ASN B 634 -35.16 40.74 -20.15
C ASN B 634 -33.92 41.27 -19.44
N LEU B 635 -32.77 41.29 -20.13
CA LEU B 635 -31.57 41.74 -19.45
C LEU B 635 -31.65 43.22 -19.11
N MET B 636 -32.18 44.01 -20.04
CA MET B 636 -32.22 45.45 -19.86
C MET B 636 -33.12 45.81 -18.70
N HIS B 637 -34.33 45.25 -18.65
CA HIS B 637 -35.18 45.55 -17.51
C HIS B 637 -34.51 45.17 -16.20
N PHE B 638 -33.88 43.98 -16.12
CA PHE B 638 -33.15 43.67 -14.89
C PHE B 638 -32.11 44.74 -14.55
N THR B 639 -31.29 45.11 -15.53
CA THR B 639 -30.20 46.07 -15.30
C THR B 639 -30.72 47.42 -14.84
N PHE B 640 -31.79 47.89 -15.46
CA PHE B 640 -32.32 49.23 -15.23
C PHE B 640 -33.16 49.32 -13.96
N ASP B 641 -33.96 48.30 -13.66
CA ASP B 641 -34.84 48.34 -12.49
C ASP B 641 -34.18 47.83 -11.21
N GLN B 642 -33.19 46.92 -11.32
CA GLN B 642 -32.57 46.32 -10.14
C GLN B 642 -31.16 46.81 -9.87
N THR B 643 -30.54 47.58 -10.76
CA THR B 643 -29.33 48.32 -10.44
C THR B 643 -29.54 49.76 -10.92
N ASN B 644 -28.45 50.49 -11.16
CA ASN B 644 -28.59 51.86 -11.64
C ASN B 644 -27.65 52.21 -12.78
N ILE B 645 -28.22 52.83 -13.82
CA ILE B 645 -27.58 53.76 -14.74
C ILE B 645 -28.59 54.87 -14.95
N ALA B 646 -28.13 56.13 -15.05
CA ALA B 646 -29.07 57.23 -14.93
C ALA B 646 -28.80 58.37 -15.91
N PHE B 647 -29.82 59.22 -16.02
CA PHE B 647 -29.87 60.33 -16.97
C PHE B 647 -28.68 61.28 -16.86
N HIS B 648 -28.19 61.51 -15.64
CA HIS B 648 -27.03 62.37 -15.43
C HIS B 648 -25.69 61.67 -15.62
N GLU B 649 -25.67 60.35 -15.81
CA GLU B 649 -24.41 59.61 -15.86
C GLU B 649 -23.70 59.77 -17.20
N LYS B 650 -22.40 60.09 -17.12
CA LYS B 650 -21.52 60.11 -18.29
C LYS B 650 -20.84 58.75 -18.38
N VAL B 651 -21.35 57.89 -19.27
CA VAL B 651 -20.97 56.49 -19.34
C VAL B 651 -20.09 56.26 -20.58
N LEU B 652 -18.95 55.62 -20.37
CA LEU B 652 -18.13 55.16 -21.49
C LEU B 652 -18.67 53.85 -22.06
N GLN B 653 -18.74 53.77 -23.40
CA GLN B 653 -18.65 52.50 -24.10
C GLN B 653 -17.17 52.11 -24.17
N TYR B 654 -16.66 51.65 -23.04
CA TYR B 654 -15.24 51.48 -22.78
C TYR B 654 -14.65 50.22 -23.41
N THR B 655 -15.42 49.46 -24.20
CA THR B 655 -14.98 48.19 -24.75
C THR B 655 -15.07 48.15 -26.27
N THR B 656 -14.25 47.30 -26.87
CA THR B 656 -14.21 47.14 -28.32
C THR B 656 -15.49 46.49 -28.84
N CYS B 657 -15.93 46.94 -30.01
CA CYS B 657 -17.22 46.58 -30.59
C CYS B 657 -17.37 45.10 -30.93
N SER B 658 -16.28 44.34 -30.90
CA SER B 658 -16.32 42.95 -31.34
C SER B 658 -17.01 42.01 -30.36
N PHE B 659 -17.36 42.46 -29.16
CA PHE B 659 -17.60 41.55 -28.05
C PHE B 659 -18.92 41.85 -27.34
N ASP B 660 -19.32 40.85 -26.55
CA ASP B 660 -20.64 40.78 -25.91
C ASP B 660 -21.02 42.04 -25.13
N VAL B 661 -20.19 42.44 -24.17
CA VAL B 661 -20.55 43.57 -23.31
C VAL B 661 -20.74 44.86 -24.08
N CYS B 662 -19.97 45.09 -25.14
CA CYS B 662 -19.97 46.41 -25.80
C CYS B 662 -21.35 46.79 -26.34
N TYR B 663 -22.01 45.87 -27.01
CA TYR B 663 -23.34 46.11 -27.56
C TYR B 663 -24.44 45.75 -26.56
N GLN B 664 -24.11 45.84 -25.29
CA GLN B 664 -25.10 45.92 -24.22
C GLN B 664 -24.87 47.14 -23.35
N GLU B 665 -23.60 47.51 -23.09
CA GLU B 665 -23.32 48.76 -22.40
C GLU B 665 -23.81 49.96 -23.19
N ILE B 666 -23.86 49.84 -24.52
CA ILE B 666 -24.49 50.90 -25.32
C ILE B 666 -25.95 51.06 -24.93
N PHE B 667 -26.76 50.02 -25.16
CA PHE B 667 -28.20 50.18 -24.89
C PHE B 667 -28.45 50.44 -23.40
N SER B 668 -27.57 49.93 -22.54
CA SER B 668 -27.68 50.19 -21.11
C SER B 668 -27.56 51.68 -20.82
N THR B 669 -26.83 52.40 -21.66
CA THR B 669 -26.84 53.86 -21.50
C THR B 669 -28.07 54.49 -22.16
N LEU B 670 -28.40 54.10 -23.41
CA LEU B 670 -29.52 54.78 -24.07
C LEU B 670 -30.86 54.48 -23.40
N LEU B 671 -31.10 53.22 -23.01
CA LEU B 671 -32.40 52.87 -22.48
C LEU B 671 -32.64 53.42 -21.08
N SER B 672 -31.58 53.78 -20.37
CA SER B 672 -31.68 54.50 -19.10
C SER B 672 -31.63 56.01 -19.27
N GLY B 673 -31.27 56.50 -20.45
CA GLY B 673 -31.22 57.91 -20.74
C GLY B 673 -29.90 58.61 -20.47
N GLY B 674 -28.84 57.86 -20.21
CA GLY B 674 -27.53 58.44 -19.94
C GLY B 674 -26.91 59.06 -21.18
N GLN B 675 -25.65 59.48 -21.02
CA GLN B 675 -24.82 59.99 -22.12
C GLN B 675 -23.67 59.01 -22.39
N LEU B 676 -23.56 58.54 -23.63
CA LEU B 676 -22.43 57.72 -24.07
C LEU B 676 -21.24 58.57 -24.52
N TYR B 677 -20.09 58.33 -23.89
CA TYR B 677 -18.80 58.84 -24.36
C TYR B 677 -18.05 57.72 -25.08
N LEU B 678 -17.50 58.02 -26.25
CA LEU B 678 -16.66 57.10 -27.00
C LEU B 678 -15.20 57.55 -26.98
N ILE B 679 -14.32 56.65 -26.52
CA ILE B 679 -12.87 56.86 -26.61
C ILE B 679 -12.43 56.82 -28.08
N THR B 680 -11.60 57.78 -28.48
CA THR B 680 -10.93 57.67 -29.77
C THR B 680 -9.99 56.47 -29.71
N ASN B 681 -10.25 55.47 -30.55
CA ASN B 681 -9.88 54.10 -30.22
C ASN B 681 -8.37 53.87 -30.07
N GLU B 682 -7.53 54.69 -30.71
CA GLU B 682 -6.10 54.65 -30.37
C GLU B 682 -5.87 54.96 -28.89
N LEU B 683 -6.61 55.92 -28.33
CA LEU B 683 -6.52 56.22 -26.91
C LEU B 683 -6.93 55.04 -26.03
N ARG B 684 -7.77 54.14 -26.54
CA ARG B 684 -8.11 52.94 -25.78
C ARG B 684 -6.88 52.08 -25.49
N ARG B 685 -5.81 52.25 -26.24
CA ARG B 685 -4.55 51.55 -25.97
C ARG B 685 -3.62 52.31 -25.03
N HIS B 686 -3.93 53.57 -24.71
CA HIS B 686 -3.03 54.46 -23.96
C HIS B 686 -3.64 54.83 -22.61
N VAL B 687 -3.37 54.00 -21.60
CA VAL B 687 -3.95 54.16 -20.26
C VAL B 687 -3.75 55.58 -19.71
N GLU B 688 -2.54 56.13 -19.86
CA GLU B 688 -2.27 57.49 -19.40
C GLU B 688 -3.19 58.51 -20.07
N LYS B 689 -3.54 58.25 -21.34
CA LYS B 689 -4.46 59.13 -22.04
C LYS B 689 -5.89 58.82 -21.69
N LEU B 690 -6.20 57.58 -21.31
CA LEU B 690 -7.53 57.29 -20.78
C LEU B 690 -7.78 58.03 -19.47
N PHE B 691 -6.81 58.03 -18.57
CA PHE B 691 -6.89 58.86 -17.36
C PHE B 691 -7.10 60.32 -17.72
N ALA B 692 -6.33 60.84 -18.68
CA ALA B 692 -6.52 62.23 -19.10
C ALA B 692 -7.92 62.47 -19.67
N PHE B 693 -8.41 61.55 -20.50
CA PHE B 693 -9.75 61.67 -21.07
C PHE B 693 -10.82 61.67 -19.98
N ILE B 694 -10.70 60.78 -18.99
CA ILE B 694 -11.69 60.73 -17.91
C ILE B 694 -11.65 62.02 -17.10
N GLN B 695 -10.46 62.58 -16.89
CA GLN B 695 -10.36 63.90 -16.26
C GLN B 695 -11.08 64.96 -17.10
N GLU B 696 -10.81 65.00 -18.40
CA GLU B 696 -11.41 66.00 -19.28
C GLU B 696 -12.92 65.86 -19.38
N LYS B 697 -13.45 64.63 -19.34
CA LYS B 697 -14.86 64.37 -19.61
C LYS B 697 -15.67 63.95 -18.37
N GLN B 698 -15.01 63.73 -17.23
CA GLN B 698 -15.66 63.41 -15.95
C GLN B 698 -16.60 62.20 -16.05
N ILE B 699 -16.05 61.08 -16.53
CA ILE B 699 -16.81 59.85 -16.73
C ILE B 699 -17.22 59.27 -15.37
N SER B 700 -18.52 58.99 -15.22
CA SER B 700 -19.09 58.63 -13.92
C SER B 700 -19.41 57.15 -13.76
N ILE B 701 -19.58 56.39 -14.85
CA ILE B 701 -19.77 54.94 -14.78
C ILE B 701 -18.81 54.27 -15.75
N LEU B 702 -18.23 53.15 -15.34
CA LEU B 702 -17.12 52.54 -16.06
C LEU B 702 -17.41 51.08 -16.42
N SER B 703 -16.80 50.64 -17.52
CA SER B 703 -16.73 49.23 -17.92
C SER B 703 -15.26 48.82 -18.00
N LEU B 704 -14.87 47.79 -17.27
CA LEU B 704 -13.51 47.26 -17.35
C LEU B 704 -13.51 45.75 -17.59
N PRO B 705 -12.86 45.27 -18.64
CA PRO B 705 -12.52 43.84 -18.73
C PRO B 705 -11.78 43.34 -17.49
N VAL B 706 -11.98 42.05 -17.19
CA VAL B 706 -11.34 41.43 -16.03
C VAL B 706 -9.84 41.68 -16.01
N SER B 707 -9.16 41.45 -17.13
CA SER B 707 -7.73 41.72 -17.23
C SER B 707 -7.44 43.20 -17.11
N PHE B 708 -8.20 44.03 -17.81
CA PHE B 708 -8.06 45.47 -17.72
C PHE B 708 -8.20 45.95 -16.27
N LEU B 709 -9.11 45.33 -15.51
CA LEU B 709 -9.25 45.61 -14.09
C LEU B 709 -8.08 45.08 -13.25
N LYS B 710 -7.48 43.94 -13.64
CA LYS B 710 -6.22 43.53 -13.03
C LYS B 710 -5.11 44.55 -13.27
N PHE B 711 -5.14 45.25 -14.39
CA PHE B 711 -4.01 46.08 -14.81
C PHE B 711 -4.10 47.53 -14.36
N ILE B 712 -5.27 48.17 -14.46
CA ILE B 712 -5.40 49.62 -14.30
C ILE B 712 -4.86 50.12 -12.95
N PHE B 713 -5.26 49.49 -11.86
CA PHE B 713 -4.91 50.00 -10.53
C PHE B 713 -3.44 49.80 -10.13
N ASN B 714 -2.61 49.22 -10.99
CA ASN B 714 -1.16 49.23 -10.76
C ASN B 714 -0.50 50.55 -11.12
N GLU B 715 -1.16 51.41 -11.90
CA GLU B 715 -0.74 52.80 -12.11
C GLU B 715 -1.14 53.66 -10.91
N GLN B 716 -0.50 53.35 -9.78
CA GLN B 716 -0.94 53.80 -8.46
C GLN B 716 -1.05 55.33 -8.36
N ASP B 717 -0.13 56.07 -8.99
CA ASP B 717 -0.21 57.53 -8.96
C ASP B 717 -1.33 58.08 -9.84
N TYR B 718 -1.63 57.43 -10.96
CA TYR B 718 -2.77 57.85 -11.77
C TYR B 718 -4.10 57.53 -11.08
N ALA B 719 -4.18 56.36 -10.44
CA ALA B 719 -5.34 56.02 -9.64
C ALA B 719 -5.53 56.95 -8.44
N GLN B 720 -4.43 57.42 -7.85
CA GLN B 720 -4.54 58.50 -6.85
C GLN B 720 -5.02 59.80 -7.47
N SER B 721 -4.60 60.10 -8.69
CA SER B 721 -5.02 61.30 -9.41
C SER B 721 -6.42 61.19 -10.01
N PHE B 722 -7.05 60.03 -9.93
CA PHE B 722 -8.31 59.77 -10.63
C PHE B 722 -9.45 60.63 -10.08
N PRO B 723 -10.28 61.20 -10.97
CA PRO B 723 -11.51 61.89 -10.52
C PRO B 723 -12.40 61.03 -9.64
N ARG B 724 -13.02 61.66 -8.64
CA ARG B 724 -13.92 61.00 -7.71
C ARG B 724 -15.36 60.87 -8.24
N CYS B 725 -15.58 61.14 -9.53
CA CYS B 725 -16.90 61.05 -10.15
C CYS B 725 -17.36 59.62 -10.41
N VAL B 726 -16.45 58.63 -10.41
CA VAL B 726 -16.83 57.24 -10.57
C VAL B 726 -17.81 56.78 -9.50
N LYS B 727 -18.81 55.97 -9.90
CA LYS B 727 -19.77 55.35 -8.98
C LYS B 727 -19.98 53.86 -9.21
N HIS B 728 -20.13 53.42 -10.46
CA HIS B 728 -20.27 51.99 -10.77
C HIS B 728 -19.21 51.52 -11.76
N ILE B 729 -18.69 50.32 -11.52
CA ILE B 729 -17.88 49.58 -12.48
C ILE B 729 -18.63 48.32 -12.90
N ILE B 730 -18.74 48.08 -14.21
CA ILE B 730 -19.19 46.80 -14.75
C ILE B 730 -17.98 46.01 -15.25
N THR B 731 -17.96 44.71 -14.95
CA THR B 731 -16.91 43.82 -15.43
C THR B 731 -17.52 42.51 -15.95
N ALA B 732 -16.77 41.84 -16.83
CA ALA B 732 -17.12 40.52 -17.32
C ALA B 732 -15.84 39.78 -17.69
N GLY B 733 -15.99 38.51 -18.04
CA GLY B 733 -14.87 37.58 -18.11
C GLY B 733 -14.67 36.84 -16.79
N GLU B 734 -14.18 35.61 -16.91
CA GLU B 734 -14.19 34.69 -15.79
C GLU B 734 -13.19 35.05 -14.69
N GLN B 735 -13.56 34.72 -13.45
CA GLN B 735 -12.66 34.56 -12.31
C GLN B 735 -11.77 35.78 -12.06
N LEU B 736 -12.43 36.90 -11.77
CA LEU B 736 -11.74 38.15 -11.44
C LEU B 736 -10.82 37.97 -10.24
N VAL B 737 -9.62 38.57 -10.33
CA VAL B 737 -8.71 38.69 -9.18
C VAL B 737 -8.80 40.11 -8.64
N VAL B 738 -9.09 40.23 -7.34
CA VAL B 738 -9.10 41.51 -6.65
C VAL B 738 -7.89 41.59 -5.73
N THR B 739 -7.06 42.61 -5.92
CA THR B 739 -5.96 42.92 -5.02
C THR B 739 -6.42 43.82 -3.88
N HIS B 740 -5.73 43.71 -2.74
CA HIS B 740 -5.99 44.61 -1.62
C HIS B 740 -5.74 46.06 -2.01
N GLU B 741 -4.76 46.31 -2.88
CA GLU B 741 -4.55 47.65 -3.43
C GLU B 741 -5.79 48.15 -4.14
N LEU B 742 -6.33 47.34 -5.06
CA LEU B 742 -7.53 47.77 -5.77
C LEU B 742 -8.75 47.78 -4.87
N GLN B 743 -8.77 46.96 -3.80
CA GLN B 743 -9.79 47.17 -2.77
C GLN B 743 -9.70 48.57 -2.19
N LYS B 744 -8.50 49.01 -1.83
CA LYS B 744 -8.30 50.37 -1.34
C LYS B 744 -8.81 51.41 -2.36
N TYR B 745 -8.49 51.21 -3.63
CA TYR B 745 -8.91 52.16 -4.66
C TYR B 745 -10.42 52.12 -4.94
N LEU B 746 -11.08 50.99 -4.69
CA LEU B 746 -12.54 50.98 -4.73
C LEU B 746 -13.12 51.65 -3.49
N ARG B 747 -12.55 51.39 -2.31
CA ARG B 747 -12.99 51.99 -1.06
C ARG B 747 -12.87 53.50 -1.09
N GLN B 748 -11.77 54.02 -1.67
CA GLN B 748 -11.57 55.47 -1.74
C GLN B 748 -12.75 56.20 -2.38
N HIS B 749 -13.49 55.53 -3.26
CA HIS B 749 -14.60 56.18 -3.96
C HIS B 749 -15.91 55.41 -3.83
N ARG B 750 -16.00 54.51 -2.84
CA ARG B 750 -17.22 53.76 -2.51
C ARG B 750 -17.89 53.12 -3.73
N VAL B 751 -17.07 52.55 -4.62
CA VAL B 751 -17.52 52.13 -5.94
C VAL B 751 -18.40 50.89 -5.88
N PHE B 752 -19.51 50.92 -6.63
CA PHE B 752 -20.38 49.78 -6.89
C PHE B 752 -19.81 48.93 -8.02
N LEU B 753 -18.94 47.99 -7.69
CA LEU B 753 -18.40 47.03 -8.66
C LEU B 753 -19.41 45.93 -8.99
N HIS B 754 -20.18 46.15 -10.06
CA HIS B 754 -21.05 45.11 -10.62
C HIS B 754 -20.24 44.04 -11.37
N ASN B 755 -19.76 43.01 -10.67
CA ASN B 755 -19.08 41.90 -11.34
C ASN B 755 -20.07 40.92 -11.97
N HIS B 756 -20.64 41.31 -13.11
CA HIS B 756 -21.47 40.40 -13.89
C HIS B 756 -20.65 39.22 -14.45
N TYR B 757 -21.38 38.21 -14.92
CA TYR B 757 -20.81 37.14 -15.74
C TYR B 757 -21.88 36.61 -16.69
N GLY B 758 -21.42 35.98 -17.77
CA GLY B 758 -22.29 35.27 -18.69
C GLY B 758 -21.62 34.96 -20.02
N PRO B 759 -21.80 33.74 -20.52
CA PRO B 759 -21.20 33.38 -21.81
C PRO B 759 -22.00 33.95 -22.97
N SER B 760 -21.28 34.44 -23.98
CA SER B 760 -21.87 35.25 -25.04
C SER B 760 -23.01 34.54 -25.77
N GLU B 761 -23.03 33.22 -25.80
CA GLU B 761 -24.01 32.52 -26.60
C GLU B 761 -25.40 32.46 -25.97
N THR B 762 -25.49 32.38 -24.64
CA THR B 762 -26.80 32.37 -24.00
C THR B 762 -27.36 33.79 -23.90
N HIS B 763 -26.74 34.63 -23.08
CA HIS B 763 -26.89 36.07 -23.22
C HIS B 763 -25.75 36.73 -22.46
N VAL B 764 -25.54 38.01 -22.75
CA VAL B 764 -24.25 38.63 -22.50
C VAL B 764 -23.91 38.68 -21.01
N VAL B 765 -24.90 38.79 -20.12
CA VAL B 765 -24.74 38.46 -18.71
C VAL B 765 -26.01 37.81 -18.17
N THR B 766 -25.85 36.96 -17.16
CA THR B 766 -26.96 36.29 -16.51
C THR B 766 -26.84 36.21 -14.99
N THR B 767 -25.81 36.80 -14.39
CA THR B 767 -25.57 36.65 -12.96
C THR B 767 -24.73 37.82 -12.43
N CYS B 768 -25.01 38.22 -11.18
CA CYS B 768 -24.57 39.52 -10.66
C CYS B 768 -24.04 39.45 -9.23
N THR B 769 -22.95 40.20 -8.98
CA THR B 769 -22.35 40.42 -7.67
C THR B 769 -22.05 41.91 -7.49
N MET B 770 -22.21 42.43 -6.26
CA MET B 770 -21.73 43.76 -5.93
C MET B 770 -21.36 43.84 -4.45
N ASP B 771 -20.42 44.74 -4.12
CA ASP B 771 -19.91 44.90 -2.75
C ASP B 771 -19.60 46.36 -2.43
N PRO B 772 -20.60 47.25 -2.48
CA PRO B 772 -20.29 48.70 -2.48
C PRO B 772 -19.60 49.19 -1.22
N GLY B 773 -19.90 48.62 -0.05
CA GLY B 773 -19.22 49.00 1.18
C GLY B 773 -18.49 47.86 1.87
N GLN B 774 -19.05 46.66 1.76
CA GLN B 774 -18.53 45.48 2.42
C GLN B 774 -17.17 45.07 1.85
N ALA B 775 -16.34 44.47 2.70
CA ALA B 775 -15.04 43.93 2.28
C ALA B 775 -15.21 42.87 1.19
N ILE B 776 -14.42 43.00 0.13
CA ILE B 776 -14.56 42.19 -1.07
C ILE B 776 -13.70 40.94 -0.97
N PRO B 777 -14.20 39.78 -1.39
CA PRO B 777 -13.32 38.61 -1.56
C PRO B 777 -12.22 38.88 -2.57
N GLU B 778 -11.03 38.31 -2.29
CA GLU B 778 -9.92 38.42 -3.24
C GLU B 778 -10.21 37.69 -4.55
N LEU B 779 -11.16 36.75 -4.56
CA LEU B 779 -11.65 36.10 -5.77
C LEU B 779 -13.17 36.15 -5.77
N PRO B 780 -13.76 37.28 -6.15
CA PRO B 780 -15.21 37.47 -6.01
C PRO B 780 -16.02 36.35 -6.64
N PRO B 781 -17.03 35.86 -5.92
CA PRO B 781 -17.98 34.87 -6.48
C PRO B 781 -18.68 35.36 -7.74
N ILE B 782 -19.32 34.41 -8.41
CA ILE B 782 -20.08 34.70 -9.62
C ILE B 782 -21.23 35.67 -9.30
N GLY B 783 -22.15 35.24 -8.45
CA GLY B 783 -23.31 36.03 -8.09
C GLY B 783 -24.56 35.21 -7.95
N LYS B 784 -25.72 35.91 -7.94
CA LYS B 784 -27.07 35.38 -8.05
C LYS B 784 -27.50 35.27 -9.51
N PRO B 785 -28.44 34.37 -9.82
CA PRO B 785 -29.18 34.49 -11.09
C PRO B 785 -30.05 35.73 -11.15
N ILE B 786 -30.15 36.31 -12.34
CA ILE B 786 -30.96 37.50 -12.57
C ILE B 786 -32.37 37.14 -13.01
N SER B 787 -33.24 38.15 -13.08
CA SER B 787 -34.65 38.01 -13.39
C SER B 787 -34.95 37.13 -14.61
N ASN B 788 -35.94 36.24 -14.42
CA ASN B 788 -36.41 35.28 -15.42
C ASN B 788 -35.29 34.42 -16.01
N THR B 789 -34.31 34.05 -15.19
CA THR B 789 -33.32 33.06 -15.59
C THR B 789 -33.27 31.92 -14.59
N GLY B 790 -33.01 30.72 -15.10
CA GLY B 790 -32.64 29.57 -14.29
C GLY B 790 -31.21 29.15 -14.58
N ILE B 791 -30.29 29.54 -13.70
CA ILE B 791 -29.04 28.82 -13.54
C ILE B 791 -29.27 27.46 -12.89
N TYR B 792 -28.52 26.46 -13.37
CA TYR B 792 -28.54 25.10 -12.81
C TYR B 792 -27.12 24.54 -12.78
N ILE B 793 -26.90 23.58 -11.88
CA ILE B 793 -25.75 22.70 -11.91
C ILE B 793 -26.24 21.27 -12.18
N LEU B 794 -25.76 20.65 -13.25
CA LEU B 794 -26.22 19.31 -13.64
C LEU B 794 -25.04 18.39 -13.92
N ASP B 795 -25.26 17.09 -13.70
CA ASP B 795 -24.32 16.05 -14.10
C ASP B 795 -24.60 15.59 -15.53
N GLU B 796 -23.78 14.64 -16.03
CA GLU B 796 -23.90 14.16 -17.41
C GLU B 796 -25.21 13.44 -17.68
N GLY B 797 -25.97 13.10 -16.65
CA GLY B 797 -27.32 12.60 -16.84
C GLY B 797 -28.36 13.70 -16.88
N LEU B 798 -27.93 14.95 -16.92
CA LEU B 798 -28.75 16.14 -16.69
C LEU B 798 -29.43 16.14 -15.33
N GLN B 799 -28.92 15.37 -14.36
CA GLN B 799 -29.50 15.33 -13.03
C GLN B 799 -28.93 16.46 -12.18
N LEU B 800 -29.78 17.00 -11.31
CA LEU B 800 -29.34 17.96 -10.30
C LEU B 800 -28.34 17.31 -9.34
N LYS B 801 -27.56 18.14 -8.66
CA LYS B 801 -26.70 17.63 -7.61
C LYS B 801 -26.60 18.62 -6.47
N PRO B 802 -26.29 18.15 -5.25
CA PRO B 802 -26.60 18.93 -4.05
C PRO B 802 -25.79 20.20 -3.94
N GLU B 803 -26.33 21.17 -3.23
CA GLU B 803 -25.63 22.42 -2.96
C GLU B 803 -24.29 22.17 -2.28
N GLY B 804 -23.30 22.98 -2.63
CA GLY B 804 -21.96 22.85 -2.09
C GLY B 804 -21.08 21.85 -2.82
N ILE B 805 -21.57 21.27 -3.92
CA ILE B 805 -20.83 20.29 -4.71
C ILE B 805 -20.76 20.78 -6.16
N VAL B 806 -19.64 20.46 -6.83
CA VAL B 806 -19.29 21.01 -8.13
C VAL B 806 -19.97 20.26 -9.26
N GLY B 807 -20.27 20.98 -10.35
CA GLY B 807 -20.77 20.38 -11.57
C GLY B 807 -20.87 21.39 -12.69
N GLU B 808 -21.37 20.91 -13.84
CA GLU B 808 -21.46 21.75 -15.03
C GLU B 808 -22.62 22.72 -14.97
N LEU B 809 -22.33 24.00 -15.25
CA LEU B 809 -23.32 25.07 -15.24
C LEU B 809 -24.21 25.04 -16.49
N TYR B 810 -25.53 25.02 -16.28
CA TYR B 810 -26.51 25.14 -17.35
C TYR B 810 -27.36 26.40 -17.15
N ILE B 811 -27.58 27.13 -18.24
CA ILE B 811 -28.23 28.44 -18.22
C ILE B 811 -29.52 28.39 -19.04
N SER B 812 -30.63 28.87 -18.45
CA SER B 812 -31.94 28.76 -19.07
C SER B 812 -32.77 30.01 -18.78
N GLY B 813 -33.85 30.16 -19.56
CA GLY B 813 -34.80 31.25 -19.38
C GLY B 813 -34.91 32.12 -20.63
N ALA B 814 -35.23 33.39 -20.40
CA ALA B 814 -35.31 34.36 -21.49
C ALA B 814 -33.95 34.77 -22.05
N ASN B 815 -32.87 34.40 -21.39
CA ASN B 815 -31.54 34.85 -21.78
C ASN B 815 -30.78 33.73 -22.50
N VAL B 816 -31.33 33.32 -23.64
CA VAL B 816 -30.74 32.22 -24.42
C VAL B 816 -30.98 32.44 -25.92
N GLY B 817 -29.89 32.46 -26.69
CA GLY B 817 -29.94 32.58 -28.13
C GLY B 817 -30.67 31.48 -28.88
N ARG B 818 -30.77 31.63 -30.20
CA ARG B 818 -31.44 30.65 -31.05
C ARG B 818 -30.55 29.44 -31.34
N GLY B 819 -29.23 29.62 -31.38
CA GLY B 819 -28.32 28.59 -31.83
C GLY B 819 -27.03 29.20 -32.38
N TYR B 820 -26.28 28.40 -33.13
CA TYR B 820 -25.19 28.89 -33.96
C TYR B 820 -25.63 28.98 -35.42
N LEU B 821 -25.15 30.02 -36.10
CA LEU B 821 -25.55 30.28 -37.48
C LEU B 821 -25.15 29.16 -38.44
N HIS B 822 -23.93 28.63 -38.28
CA HIS B 822 -23.43 27.56 -39.13
C HIS B 822 -22.62 26.56 -38.32
N GLN B 823 -22.40 25.40 -38.92
CA GLN B 823 -22.23 24.13 -38.21
C GLN B 823 -23.43 23.90 -37.28
N PRO B 824 -24.65 23.97 -37.83
CA PRO B 824 -25.83 24.21 -36.99
C PRO B 824 -26.13 23.09 -36.00
N GLU B 825 -25.66 21.87 -36.24
CA GLU B 825 -25.79 20.80 -35.26
C GLU B 825 -24.94 21.03 -34.01
N LEU B 826 -24.08 22.04 -33.97
CA LEU B 826 -23.57 22.53 -32.69
C LEU B 826 -24.68 23.05 -31.79
N THR B 827 -25.83 23.43 -32.36
CA THR B 827 -27.02 23.67 -31.55
C THR B 827 -27.45 22.44 -30.78
N ALA B 828 -27.41 21.27 -31.41
CA ALA B 828 -27.70 20.04 -30.68
C ALA B 828 -26.63 19.68 -29.67
N GLU B 829 -25.36 19.97 -29.95
CA GLU B 829 -24.32 19.74 -28.96
C GLU B 829 -24.41 20.69 -27.76
N LYS B 830 -24.89 21.92 -27.96
CA LYS B 830 -24.87 22.91 -26.90
C LYS B 830 -26.23 23.25 -26.31
N PHE B 831 -27.30 23.21 -27.08
CA PHE B 831 -28.61 23.63 -26.60
C PHE B 831 -29.47 22.42 -26.25
N LEU B 832 -30.38 22.62 -25.29
CA LEU B 832 -31.36 21.61 -24.95
C LEU B 832 -32.65 22.27 -24.47
N ASP B 833 -33.73 21.48 -24.50
CA ASP B 833 -34.94 21.81 -23.76
C ASP B 833 -34.79 21.42 -22.30
N ASN B 834 -35.07 22.38 -21.41
CA ASN B 834 -34.87 22.18 -19.98
C ASN B 834 -35.84 21.16 -19.40
N PRO B 835 -35.37 20.05 -18.84
CA PRO B 835 -36.28 19.14 -18.12
C PRO B 835 -36.98 19.78 -16.94
N TYR B 836 -36.41 20.85 -16.38
CA TYR B 836 -36.85 21.44 -15.13
C TYR B 836 -37.63 22.73 -15.34
N GLN B 837 -37.80 23.13 -16.60
CA GLN B 837 -38.81 24.12 -16.99
C GLN B 837 -39.31 23.70 -18.37
N PRO B 838 -40.17 22.67 -18.42
CA PRO B 838 -40.52 22.07 -19.72
C PRO B 838 -40.98 23.08 -20.77
N GLY B 839 -40.23 23.15 -21.86
CA GLY B 839 -40.44 24.13 -22.92
C GLY B 839 -39.64 25.41 -22.83
N GLU B 840 -38.85 25.62 -21.78
CA GLU B 840 -37.85 26.67 -21.79
C GLU B 840 -36.55 26.17 -22.41
N ARG B 841 -35.93 27.02 -23.23
CA ARG B 841 -34.61 26.72 -23.79
C ARG B 841 -33.55 26.73 -22.70
N MET B 842 -32.52 25.89 -22.87
CA MET B 842 -31.39 25.84 -21.95
C MET B 842 -30.10 25.64 -22.73
N TYR B 843 -29.00 26.17 -22.19
CA TYR B 843 -27.69 26.15 -22.84
C TYR B 843 -26.63 25.57 -21.91
N ARG B 844 -25.95 24.52 -22.39
CA ARG B 844 -24.89 23.87 -21.63
C ARG B 844 -23.62 24.71 -21.73
N THR B 845 -23.22 25.36 -20.65
CA THR B 845 -21.83 25.77 -20.56
C THR B 845 -20.96 24.56 -20.26
N GLY B 846 -19.68 24.67 -20.57
CA GLY B 846 -18.70 23.77 -20.01
C GLY B 846 -18.07 24.24 -18.71
N ASP B 847 -18.60 25.29 -18.09
CA ASP B 847 -18.02 25.81 -16.86
C ASP B 847 -18.37 24.94 -15.66
N LEU B 848 -17.35 24.64 -14.86
CA LEU B 848 -17.55 24.02 -13.55
C LEU B 848 -17.97 25.09 -12.55
N ALA B 849 -19.07 24.85 -11.83
CA ALA B 849 -19.55 25.82 -10.86
C ALA B 849 -20.23 25.12 -9.69
N ARG B 850 -20.43 25.88 -8.60
CA ARG B 850 -20.97 25.38 -7.35
C ARG B 850 -21.90 26.41 -6.70
N TRP B 851 -23.04 25.95 -6.17
CA TRP B 851 -23.85 26.76 -5.26
C TRP B 851 -23.21 26.81 -3.87
N LEU B 852 -23.13 28.03 -3.32
CA LEU B 852 -22.50 28.29 -2.03
C LEU B 852 -23.52 28.33 -0.89
N PRO B 853 -23.06 28.26 0.37
CA PRO B 853 -23.98 28.37 1.51
C PRO B 853 -24.88 29.59 1.54
N ASP B 854 -24.39 30.75 1.12
CA ASP B 854 -25.22 31.95 1.07
C ASP B 854 -26.15 32.01 -0.15
N GLY B 855 -26.02 31.07 -1.09
CA GLY B 855 -26.83 31.05 -2.28
C GLY B 855 -26.23 31.68 -3.52
N GLN B 856 -25.05 32.27 -3.44
CA GLN B 856 -24.30 32.63 -4.63
C GLN B 856 -23.81 31.39 -5.38
N LEU B 857 -23.57 31.57 -6.67
CA LEU B 857 -22.83 30.62 -7.50
C LEU B 857 -21.34 30.91 -7.47
N GLU B 858 -20.53 29.86 -7.56
CA GLU B 858 -19.08 29.94 -7.43
C GLU B 858 -18.40 29.32 -8.64
N PHE B 859 -17.24 29.87 -9.02
CA PHE B 859 -16.63 29.66 -10.33
C PHE B 859 -15.40 28.78 -10.23
N LEU B 860 -15.34 27.74 -11.07
CA LEU B 860 -14.21 26.81 -11.11
C LEU B 860 -13.56 26.65 -12.49
N GLY B 861 -14.02 27.37 -13.51
CA GLY B 861 -13.40 27.35 -14.82
C GLY B 861 -13.90 26.26 -15.76
N ARG B 862 -13.45 26.37 -17.02
CA ARG B 862 -13.91 25.52 -18.12
C ARG B 862 -13.40 24.08 -17.96
N ILE B 863 -14.31 23.12 -18.12
CA ILE B 863 -14.02 21.71 -17.82
C ILE B 863 -12.90 21.15 -18.69
N ASP B 864 -12.83 21.55 -19.97
CA ASP B 864 -11.72 21.13 -20.81
C ASP B 864 -10.38 21.66 -20.32
N HIS B 865 -10.39 22.76 -19.56
CA HIS B 865 -9.20 23.36 -18.98
C HIS B 865 -8.90 22.86 -17.57
N GLN B 866 -9.65 21.88 -17.08
CA GLN B 866 -9.58 21.49 -15.67
C GLN B 866 -8.22 20.92 -15.29
N VAL B 867 -7.42 21.74 -14.60
CA VAL B 867 -6.17 21.29 -13.98
C VAL B 867 -6.44 20.41 -12.78
N LYS B 868 -5.69 19.32 -12.69
CA LYS B 868 -5.85 18.29 -11.65
C LYS B 868 -4.49 17.74 -11.24
N ILE B 869 -3.51 18.63 -11.13
CA ILE B 869 -2.10 18.28 -10.93
C ILE B 869 -1.89 17.64 -9.56
N ARG B 870 -1.40 16.40 -9.57
CA ARG B 870 -0.94 15.65 -8.40
C ARG B 870 -1.86 15.81 -7.19
N GLY B 871 -3.12 15.40 -7.39
CA GLY B 871 -4.16 15.48 -6.39
C GLY B 871 -5.07 16.69 -6.46
N HIS B 872 -4.56 17.85 -6.88
CA HIS B 872 -5.18 19.13 -6.54
C HIS B 872 -5.87 19.76 -7.74
N ARG B 873 -7.14 20.11 -7.55
CA ARG B 873 -7.96 20.87 -8.49
C ARG B 873 -7.64 22.36 -8.41
N ILE B 874 -6.36 22.68 -8.65
CA ILE B 874 -5.76 23.95 -8.25
C ILE B 874 -6.48 25.14 -8.87
N GLU B 875 -6.99 26.03 -8.02
CA GLU B 875 -7.57 27.32 -8.41
C GLU B 875 -6.45 28.30 -8.73
N LEU B 876 -6.13 28.40 -10.03
CA LEU B 876 -4.98 29.16 -10.50
C LEU B 876 -5.00 30.62 -10.05
N GLY B 877 -6.19 31.22 -9.94
CA GLY B 877 -6.31 32.59 -9.47
C GLY B 877 -5.68 32.88 -8.12
N GLU B 878 -5.58 31.86 -7.25
CA GLU B 878 -4.90 32.08 -5.98
C GLU B 878 -3.41 32.34 -6.19
N ILE B 879 -2.78 31.60 -7.11
CA ILE B 879 -1.37 31.80 -7.41
C ILE B 879 -1.15 33.20 -7.98
N GLU B 880 -2.03 33.60 -8.91
CA GLU B 880 -2.00 34.95 -9.45
C GLU B 880 -2.26 35.99 -8.37
N SER B 881 -3.14 35.69 -7.41
CA SER B 881 -3.40 36.63 -6.32
C SER B 881 -2.15 36.86 -5.49
N ARG B 882 -1.45 35.80 -5.11
CA ARG B 882 -0.23 35.95 -4.31
C ARG B 882 0.89 36.59 -5.11
N LEU B 883 0.89 36.43 -6.44
CA LEU B 883 1.81 37.21 -7.29
C LEU B 883 1.47 38.70 -7.29
N LEU B 884 0.24 39.05 -7.66
CA LEU B 884 -0.13 40.44 -7.85
C LEU B 884 -0.18 41.23 -6.54
N ASN B 885 -0.46 40.56 -5.42
CA ASN B 885 -0.35 41.23 -4.13
C ASN B 885 1.09 41.41 -3.67
N HIS B 886 2.05 40.75 -4.29
CA HIS B 886 3.46 41.00 -3.97
C HIS B 886 3.92 42.34 -4.54
N PRO B 887 4.31 43.30 -3.69
CA PRO B 887 4.55 44.68 -4.17
C PRO B 887 5.59 44.80 -5.28
N ALA B 888 6.58 43.90 -5.34
CA ALA B 888 7.60 43.98 -6.38
C ALA B 888 7.10 43.55 -7.77
N ILE B 889 5.89 43.02 -7.87
CA ILE B 889 5.32 42.59 -9.15
C ILE B 889 4.26 43.58 -9.59
N LYS B 890 4.31 43.98 -10.87
CA LYS B 890 3.25 44.76 -11.49
C LYS B 890 2.18 43.89 -12.14
N GLU B 891 2.60 42.89 -12.93
CA GLU B 891 1.72 42.22 -13.89
C GLU B 891 2.22 40.81 -14.10
N ALA B 892 1.40 39.80 -13.78
CA ALA B 892 1.88 38.42 -13.78
C ALA B 892 0.75 37.43 -14.06
N VAL B 893 1.10 36.32 -14.71
CA VAL B 893 0.16 35.38 -15.33
C VAL B 893 0.64 33.96 -15.10
N VAL B 894 -0.29 33.04 -14.78
CA VAL B 894 0.01 31.65 -14.48
C VAL B 894 -0.74 30.73 -15.45
N ILE B 895 -0.04 29.75 -16.02
CA ILE B 895 -0.55 28.97 -17.14
C ILE B 895 -0.20 27.49 -16.96
N ASP B 896 -1.12 26.61 -17.38
CA ASP B 896 -0.89 25.17 -17.49
C ASP B 896 -0.02 24.82 -18.71
N ARG B 897 1.16 24.25 -18.47
CA ARG B 897 2.06 23.78 -19.52
C ARG B 897 2.38 22.29 -19.33
N ALA B 898 2.73 21.62 -20.43
CA ALA B 898 3.07 20.20 -20.41
C ALA B 898 4.53 19.96 -20.80
N ASP B 899 5.16 19.00 -20.12
CA ASP B 899 6.55 18.59 -20.39
C ASP B 899 6.63 17.67 -21.62
N GLU B 900 7.85 17.21 -21.92
CA GLU B 900 8.11 16.35 -23.07
C GLU B 900 7.45 14.99 -23.00
N THR B 901 6.96 14.58 -21.83
CA THR B 901 6.15 13.37 -21.69
C THR B 901 4.65 13.65 -21.84
N GLY B 902 4.26 14.92 -21.88
CA GLY B 902 2.88 15.33 -21.74
C GLY B 902 2.42 15.52 -20.31
N GLY B 903 3.32 15.49 -19.34
CA GLY B 903 2.96 15.72 -17.95
C GLY B 903 2.77 17.20 -17.65
N LYS B 904 1.65 17.53 -17.01
CA LYS B 904 1.31 18.92 -16.72
C LYS B 904 2.22 19.49 -15.63
N PHE B 905 2.60 20.76 -15.78
CA PHE B 905 3.32 21.51 -14.75
C PHE B 905 2.90 22.97 -14.76
N LEU B 906 2.77 23.55 -13.57
CA LEU B 906 2.47 24.98 -13.42
C LEU B 906 3.65 25.86 -13.80
N CYS B 907 3.36 26.99 -14.44
CA CYS B 907 4.38 27.97 -14.79
C CYS B 907 3.83 29.39 -14.61
N ALA B 908 4.75 30.37 -14.52
CA ALA B 908 4.38 31.77 -14.36
C ALA B 908 5.16 32.69 -15.28
N TYR B 909 4.48 33.74 -15.77
CA TYR B 909 5.03 34.83 -16.57
C TYR B 909 4.90 36.12 -15.76
N VAL B 910 6.02 36.83 -15.53
CA VAL B 910 6.07 37.89 -14.53
C VAL B 910 6.68 39.18 -15.08
N VAL B 911 6.05 40.32 -14.75
CA VAL B 911 6.57 41.66 -14.99
C VAL B 911 6.82 42.35 -13.65
N LEU B 912 8.05 42.80 -13.42
CA LEU B 912 8.47 43.35 -12.13
C LEU B 912 8.36 44.89 -12.07
N GLN B 913 8.28 45.38 -10.83
CA GLN B 913 8.42 46.82 -10.55
C GLN B 913 9.87 47.28 -10.67
N LYS B 914 10.82 46.44 -10.25
CA LYS B 914 12.22 46.81 -10.13
C LYS B 914 13.09 45.61 -10.48
N ALA B 915 14.36 45.87 -10.79
CA ALA B 915 15.33 44.81 -10.96
C ALA B 915 15.63 44.12 -9.63
N LEU B 916 15.55 42.78 -9.63
CA LEU B 916 15.80 41.96 -8.45
C LEU B 916 16.14 40.55 -8.90
N SER B 917 16.68 39.76 -7.98
CA SER B 917 16.85 38.31 -8.17
C SER B 917 15.52 37.59 -8.01
N ASP B 918 15.03 36.98 -9.11
CA ASP B 918 13.66 36.46 -9.17
C ASP B 918 13.38 35.41 -8.09
N GLU B 919 14.42 34.73 -7.61
CA GLU B 919 14.26 33.81 -6.49
C GLU B 919 13.62 34.46 -5.27
N GLU B 920 13.69 35.79 -5.14
CA GLU B 920 13.01 36.45 -4.02
C GLU B 920 11.50 36.30 -4.10
N MET B 921 10.91 36.49 -5.29
CA MET B 921 9.47 36.34 -5.40
C MET B 921 9.05 34.87 -5.46
N ARG B 922 9.94 34.00 -5.96
CA ARG B 922 9.71 32.57 -5.77
C ARG B 922 9.68 32.19 -4.29
N ALA B 923 10.59 32.74 -3.48
CA ALA B 923 10.57 32.51 -2.03
C ALA B 923 9.35 33.13 -1.36
N TYR B 924 8.89 34.29 -1.83
CA TYR B 924 7.66 34.86 -1.30
C TYR B 924 6.48 33.94 -1.52
N LEU B 925 6.34 33.39 -2.73
CA LEU B 925 5.34 32.35 -2.93
C LEU B 925 5.60 31.10 -2.08
N ALA B 926 6.86 30.73 -1.90
CA ALA B 926 7.21 29.60 -1.04
C ALA B 926 6.82 29.82 0.41
N GLN B 927 6.62 31.07 0.82
CA GLN B 927 5.95 31.34 2.09
C GLN B 927 4.44 31.33 1.95
N ALA B 928 3.92 31.98 0.90
CA ALA B 928 2.49 32.20 0.76
C ALA B 928 1.72 30.99 0.25
N LEU B 929 2.38 30.04 -0.41
CA LEU B 929 1.69 28.95 -1.07
C LEU B 929 2.20 27.57 -0.65
N PRO B 930 1.30 26.59 -0.55
CA PRO B 930 1.72 25.18 -0.49
C PRO B 930 2.57 24.74 -1.68
N GLU B 931 3.38 23.70 -1.43
CA GLU B 931 4.30 23.15 -2.41
C GLU B 931 3.63 22.75 -3.73
N TYR B 932 2.40 22.25 -3.66
CA TYR B 932 1.71 21.78 -4.85
C TYR B 932 1.24 22.90 -5.78
N MET B 933 1.27 24.15 -5.35
CA MET B 933 0.72 25.24 -6.15
C MET B 933 1.67 26.41 -6.38
N ILE B 934 2.91 26.33 -5.91
CA ILE B 934 3.94 27.26 -6.40
C ILE B 934 4.28 26.90 -7.85
N PRO B 935 4.41 27.87 -8.75
CA PRO B 935 4.85 27.58 -10.12
C PRO B 935 6.15 26.78 -10.19
N SER B 936 6.13 25.75 -11.05
CA SER B 936 7.28 24.87 -11.19
C SER B 936 8.50 25.61 -11.71
N PHE B 937 8.30 26.69 -12.45
CA PHE B 937 9.37 27.52 -13.00
C PHE B 937 8.79 28.89 -13.33
N PHE B 938 9.68 29.85 -13.54
CA PHE B 938 9.29 31.24 -13.74
C PHE B 938 10.06 31.85 -14.90
N VAL B 939 9.38 32.64 -15.72
CA VAL B 939 10.01 33.50 -16.72
C VAL B 939 9.57 34.95 -16.47
N THR B 940 10.51 35.88 -16.64
CA THR B 940 10.31 37.29 -16.36
C THR B 940 10.37 38.09 -17.65
N LEU B 941 9.48 39.09 -17.78
CA LEU B 941 9.19 39.71 -19.07
C LEU B 941 8.97 41.21 -18.88
N GLU B 942 8.98 41.94 -20.00
CA GLU B 942 8.71 43.38 -19.98
C GLU B 942 7.21 43.70 -20.02
N ARG B 943 6.44 42.96 -20.80
CA ARG B 943 4.99 43.16 -20.91
C ARG B 943 4.35 41.85 -21.35
N ILE B 944 3.10 41.64 -20.94
CA ILE B 944 2.33 40.46 -21.36
C ILE B 944 1.24 40.90 -22.33
N PRO B 945 1.29 40.47 -23.60
CA PRO B 945 0.22 40.74 -24.57
C PRO B 945 -1.12 40.07 -24.27
N VAL B 946 -2.14 40.35 -25.11
CA VAL B 946 -3.48 39.81 -24.96
C VAL B 946 -4.08 39.49 -26.33
N THR B 947 -5.05 38.56 -26.31
CA THR B 947 -6.06 38.48 -27.35
C THR B 947 -6.92 39.75 -27.34
N PRO B 948 -7.39 40.21 -28.50
CA PRO B 948 -8.15 41.47 -28.56
C PRO B 948 -9.40 41.54 -27.68
N ASN B 949 -9.95 40.40 -27.25
CA ASN B 949 -11.00 40.46 -26.23
C ASN B 949 -10.46 40.90 -24.87
N GLY B 950 -9.14 40.98 -24.74
CA GLY B 950 -8.46 41.39 -23.52
C GLY B 950 -7.93 40.25 -22.68
N LYS B 951 -8.29 39.01 -23.01
CA LYS B 951 -7.76 37.85 -22.31
C LYS B 951 -6.36 37.55 -22.84
N THR B 952 -5.47 37.15 -21.93
CA THR B 952 -4.09 36.89 -22.32
C THR B 952 -3.99 35.76 -23.34
N ASP B 953 -3.13 35.94 -24.34
CA ASP B 953 -2.96 34.98 -25.43
C ASP B 953 -2.02 33.85 -25.01
N ARG B 954 -2.52 33.01 -24.10
CA ARG B 954 -1.76 31.89 -23.54
C ARG B 954 -1.19 30.97 -24.60
N ARG B 955 -1.86 30.82 -25.74
CA ARG B 955 -1.35 30.00 -26.84
C ARG B 955 -0.19 30.67 -27.56
N ALA B 956 -0.12 32.00 -27.55
CA ALA B 956 0.98 32.70 -28.21
C ALA B 956 2.21 32.86 -27.31
N LEU B 957 2.02 33.03 -26.01
CA LEU B 957 3.13 33.18 -25.08
C LEU B 957 4.10 32.00 -25.13
N PRO B 958 5.42 32.25 -25.21
CA PRO B 958 6.38 31.17 -25.48
C PRO B 958 6.59 30.27 -24.26
N LYS B 959 6.61 28.96 -24.50
CA LYS B 959 6.80 28.00 -23.40
C LYS B 959 8.20 28.14 -22.81
N PRO B 960 8.34 28.22 -21.49
CA PRO B 960 9.66 28.34 -20.84
C PRO B 960 10.62 27.22 -21.20
N GLU B 961 11.88 27.45 -20.81
CA GLU B 961 12.92 26.43 -20.82
C GLU B 961 13.85 26.65 -19.62
N GLY B 962 14.50 25.56 -19.19
CA GLY B 962 15.32 25.58 -17.99
C GLY B 962 14.53 25.70 -16.71
N ASP B 969 24.10 22.79 -6.53
CA ASP B 969 24.52 24.14 -6.14
C ASP B 969 24.42 24.30 -4.63
N TYR B 970 23.83 23.30 -3.98
CA TYR B 970 23.67 23.27 -2.52
C TYR B 970 24.20 21.99 -1.88
N VAL B 971 24.98 21.20 -2.63
CA VAL B 971 25.61 19.99 -2.12
C VAL B 971 26.69 20.35 -1.09
N ALA B 972 26.98 19.40 -0.19
CA ALA B 972 27.93 19.62 0.90
C ALA B 972 28.84 18.43 1.20
N PRO B 973 29.44 17.78 0.19
CA PRO B 973 30.28 16.61 0.48
C PRO B 973 31.58 16.95 1.19
N THR B 974 31.98 18.23 1.24
CA THR B 974 33.21 18.64 1.90
C THR B 974 33.11 20.02 2.53
N THR B 975 31.89 20.48 2.85
CA THR B 975 31.62 21.85 3.30
C THR B 975 30.56 21.81 4.42
N GLU B 976 30.92 21.12 5.50
CA GLU B 976 30.00 20.89 6.61
C GLU B 976 29.65 22.19 7.35
N LEU B 977 28.40 22.30 7.78
CA LEU B 977 28.01 23.35 8.71
C LEU B 977 28.49 23.04 10.12
N GLU B 978 28.12 21.87 10.65
CA GLU B 978 28.75 21.30 11.83
C GLU B 978 29.08 19.84 11.55
N GLN B 979 30.37 19.52 11.64
CA GLN B 979 30.91 18.30 11.05
C GLN B 979 30.20 17.05 11.55
N LYS B 980 30.05 16.93 12.87
CA LYS B 980 29.41 15.77 13.49
C LYS B 980 27.98 15.58 13.02
N LEU B 981 27.19 16.66 13.00
CA LEU B 981 25.76 16.55 12.74
C LEU B 981 25.46 16.09 11.30
N VAL B 982 26.09 16.72 10.32
CA VAL B 982 25.86 16.34 8.92
C VAL B 982 26.46 14.97 8.60
N ALA B 983 27.64 14.66 9.14
CA ALA B 983 28.24 13.36 8.90
C ALA B 983 27.36 12.21 9.40
N ILE B 984 26.75 12.38 10.58
CA ILE B 984 25.80 11.38 11.08
C ILE B 984 24.57 11.28 10.17
N TRP B 985 24.05 12.41 9.71
CA TRP B 985 22.90 12.39 8.81
C TRP B 985 23.21 11.64 7.51
N GLU B 986 24.40 11.88 6.95
CA GLU B 986 24.86 11.10 5.80
C GLU B 986 25.01 9.62 6.13
N GLN B 987 25.68 9.30 7.23
CA GLN B 987 25.87 7.91 7.60
C GLN B 987 24.56 7.19 7.86
N ILE B 988 23.53 7.91 8.30
CA ILE B 988 22.22 7.30 8.46
C ILE B 988 21.55 7.07 7.10
N LEU B 989 21.52 8.10 6.26
CA LEU B 989 20.83 7.96 4.98
C LEU B 989 21.57 7.01 4.04
N GLY B 990 22.89 7.14 3.96
CA GLY B 990 23.73 6.16 3.28
C GLY B 990 23.66 6.08 1.78
N VAL B 991 22.47 6.35 1.20
CA VAL B 991 22.29 6.20 -0.24
C VAL B 991 23.00 7.29 -1.06
N SER B 992 23.37 8.42 -0.45
CA SER B 992 23.95 9.52 -1.20
C SER B 992 24.68 10.44 -0.23
N PRO B 993 25.66 11.21 -0.71
CA PRO B 993 26.01 12.48 -0.05
C PRO B 993 24.80 13.40 0.07
N ILE B 994 24.85 14.30 1.06
CA ILE B 994 23.73 15.15 1.43
C ILE B 994 24.14 16.62 1.37
N GLY B 995 23.19 17.48 0.95
CA GLY B 995 23.39 18.91 0.83
C GLY B 995 23.38 19.70 2.14
N ILE B 996 23.72 20.98 1.98
CA ILE B 996 23.94 21.91 3.10
C ILE B 996 22.79 21.85 4.11
N GLN B 997 21.55 21.94 3.62
CA GLN B 997 20.35 21.73 4.42
C GLN B 997 19.31 20.99 3.57
N ASP B 998 19.71 19.81 3.07
CA ASP B 998 18.93 19.06 2.11
C ASP B 998 17.61 18.58 2.73
N HIS B 999 16.62 18.33 1.87
CA HIS B 999 15.25 18.06 2.29
C HIS B 999 14.90 16.58 2.15
N PHE B 1000 14.54 15.97 3.29
CA PHE B 1000 14.24 14.55 3.40
C PHE B 1000 13.08 14.10 2.51
N PHE B 1001 12.12 14.97 2.23
CA PHE B 1001 11.01 14.63 1.34
C PHE B 1001 11.38 14.75 -0.14
N THR B 1002 12.23 15.72 -0.49
CA THR B 1002 12.79 15.75 -1.84
C THR B 1002 13.69 14.55 -2.10
N LEU B 1003 14.39 14.08 -1.07
CA LEU B 1003 15.10 12.81 -1.11
C LEU B 1003 14.17 11.60 -1.08
N GLY B 1004 12.86 11.79 -0.87
CA GLY B 1004 11.92 10.69 -0.90
C GLY B 1004 12.02 9.71 0.26
N GLY B 1005 12.49 10.16 1.41
CA GLY B 1005 12.66 9.31 2.58
C GLY B 1005 11.35 8.79 3.15
N HIS B 1006 11.48 7.89 4.13
CA HIS B 1006 10.34 7.16 4.69
C HIS B 1006 10.43 7.05 6.21
N SER B 1007 9.28 6.76 6.82
CA SER B 1007 9.10 6.76 8.26
C SER B 1007 10.03 5.79 9.00
N LEU B 1008 10.34 4.64 8.40
CA LEU B 1008 11.23 3.68 9.05
C LEU B 1008 12.66 4.22 9.16
N LYS B 1009 13.14 4.86 8.09
CA LYS B 1009 14.40 5.56 8.18
C LYS B 1009 14.34 6.66 9.23
N ALA B 1010 13.20 7.35 9.33
CA ALA B 1010 13.08 8.43 10.31
C ALA B 1010 13.21 7.93 11.74
N ILE B 1011 12.57 6.81 12.08
CA ILE B 1011 12.73 6.28 13.44
C ILE B 1011 14.16 5.81 13.67
N GLN B 1012 14.79 5.19 12.66
CA GLN B 1012 16.18 4.81 12.79
C GLN B 1012 17.07 6.03 12.98
N LEU B 1013 16.74 7.13 12.30
CA LEU B 1013 17.46 8.38 12.44
C LEU B 1013 17.38 8.91 13.86
N ILE B 1014 16.16 9.11 14.35
CA ILE B 1014 16.01 9.69 15.69
C ILE B 1014 16.67 8.80 16.74
N SER B 1015 16.50 7.48 16.63
CA SER B 1015 17.11 6.58 17.60
C SER B 1015 18.63 6.52 17.48
N ARG B 1016 19.18 6.73 16.29
CA ARG B 1016 20.62 6.95 16.17
C ARG B 1016 21.05 8.24 16.82
N ILE B 1017 20.37 9.35 16.51
CA ILE B 1017 20.64 10.66 17.10
C ILE B 1017 20.65 10.58 18.63
N GLN B 1018 19.73 9.81 19.20
CA GLN B 1018 19.62 9.74 20.66
C GLN B 1018 20.88 9.19 21.32
N LYS B 1019 21.64 8.32 20.66
CA LYS B 1019 22.90 7.85 21.19
C LYS B 1019 24.13 8.53 20.59
N GLU B 1020 24.11 8.84 19.31
CA GLU B 1020 25.26 9.31 18.57
C GLU B 1020 25.43 10.83 18.67
N CYS B 1021 24.32 11.56 18.76
CA CYS B 1021 24.35 12.99 19.02
C CYS B 1021 24.05 13.32 20.48
N GLN B 1022 23.47 12.38 21.23
CA GLN B 1022 23.00 12.59 22.60
C GLN B 1022 21.95 13.69 22.72
N ALA B 1023 21.20 13.97 21.65
CA ALA B 1023 20.13 14.95 21.69
C ALA B 1023 18.82 14.27 22.10
N ASP B 1024 18.27 14.69 23.25
CA ASP B 1024 16.92 14.30 23.68
C ASP B 1024 15.87 15.10 22.92
N VAL B 1025 15.77 14.84 21.63
CA VAL B 1025 15.06 15.71 20.69
C VAL B 1025 13.76 15.03 20.23
N PRO B 1026 12.63 15.73 20.27
CA PRO B 1026 11.36 15.16 19.77
C PRO B 1026 11.44 14.77 18.30
N LEU B 1027 10.88 13.59 17.99
CA LEU B 1027 10.75 13.17 16.60
C LEU B 1027 9.92 14.15 15.77
N ARG B 1028 8.99 14.88 16.42
CA ARG B 1028 8.25 15.96 15.77
C ARG B 1028 9.16 17.02 15.16
N VAL B 1029 10.34 17.26 15.75
CA VAL B 1029 11.29 18.22 15.17
C VAL B 1029 11.67 17.83 13.74
N LEU B 1030 11.92 16.55 13.50
CA LEU B 1030 12.31 16.08 12.17
C LEU B 1030 11.15 16.14 11.18
N PHE B 1031 9.92 16.04 11.65
CA PHE B 1031 8.74 16.19 10.80
C PHE B 1031 8.29 17.63 10.64
N GLU B 1032 8.79 18.56 11.46
CA GLU B 1032 8.62 19.98 11.14
C GLU B 1032 9.58 20.43 10.04
N GLN B 1033 10.88 20.24 10.24
CA GLN B 1033 11.87 20.48 9.17
C GLN B 1033 13.00 19.46 9.20
N PRO B 1034 13.43 18.97 8.04
CA PRO B 1034 14.64 18.14 7.97
C PRO B 1034 15.94 18.93 8.00
N THR B 1035 15.88 20.23 8.28
CA THR B 1035 17.06 21.10 8.22
C THR B 1035 17.99 20.81 9.40
N ILE B 1036 19.21 20.37 9.09
CA ILE B 1036 20.09 19.70 10.04
C ILE B 1036 20.47 20.61 11.21
N GLN B 1037 20.56 21.93 10.97
CA GLN B 1037 20.95 22.87 12.01
C GLN B 1037 20.06 22.87 13.24
N ALA B 1038 18.82 22.37 13.14
CA ALA B 1038 17.92 22.38 14.30
C ALA B 1038 18.50 21.65 15.51
N LEU B 1039 19.30 20.60 15.29
CA LEU B 1039 19.92 19.86 16.37
C LEU B 1039 20.91 20.67 17.20
N ALA B 1040 21.46 21.76 16.64
CA ALA B 1040 22.48 22.55 17.34
C ALA B 1040 21.96 23.12 18.66
N ALA B 1041 20.72 23.59 18.70
CA ALA B 1041 20.12 24.05 19.95
C ALA B 1041 19.95 22.93 20.97
N TYR B 1042 19.73 21.69 20.52
CA TYR B 1042 19.52 20.58 21.43
C TYR B 1042 20.81 19.99 21.98
N VAL B 1043 21.90 19.97 21.20
CA VAL B 1043 23.14 19.38 21.69
C VAL B 1043 23.89 20.31 22.64
N GLU B 1044 23.71 21.63 22.52
CA GLU B 1044 24.38 22.55 23.43
C GLU B 1044 23.85 22.43 24.86
C4 A1AN7 C . -8.99 1.20 12.30
C14 A1AN7 C . -0.46 4.00 11.62
C5 A1AN7 C . -9.00 0.65 11.02
C6 A1AN7 C . -7.84 0.64 10.25
C11 A1AN7 C . -2.56 2.67 9.12
C7 A1AN7 C . -6.65 1.17 10.73
C8 A1AN7 C . -5.41 1.15 9.88
C9 A1AN7 C . -4.19 0.50 10.51
C10 A1AN7 C . -2.06 1.35 9.65
C12 A1AN7 C . -2.53 4.78 10.40
C13 A1AN7 C . -1.62 4.97 11.60
N1 A1AN7 C . -11.62 2.70 14.40
N2 A1AN7 C . -10.39 2.30 13.92
C3 A1AN7 C . -10.22 1.23 13.13
N3 A1AN7 C . -3.13 0.37 9.70
C1 A1AN7 C . -13.97 2.77 14.02
C15 A1AN7 C . 0.49 4.83 9.49
C16 A1AN7 C . 1.24 6.01 10.08
C17 A1AN7 C . 2.77 5.84 10.02
C18 A1AN7 C . 3.44 6.99 10.79
C19 A1AN7 C . 3.18 4.52 10.67
C2 A1AN7 C . -12.64 2.10 13.93
C20 A1AN7 C . 3.25 5.87 8.57
C21 A1AN7 C . -6.65 1.73 12.00
C22 A1AN7 C . -7.80 1.74 12.78
C23 A1AN7 C . -11.18 0.29 13.08
C24 A1AN7 C . -10.91 -1.18 12.84
C25 A1AN7 C . -11.69 -1.66 11.62
C26 A1AN7 C . -12.65 -2.82 11.89
C27 A1AN7 C . -12.45 -5.15 12.46
C28 A1AN7 C . -12.92 -5.69 10.11
C29 A1AN7 C . -13.90 -6.50 9.32
C30 A1AN7 C . -12.80 -8.64 9.78
C31 A1AN7 C . -12.04 -8.70 8.47
C32 A1AN7 C . -12.87 -9.04 7.25
C33 A1AN7 C . -12.13 -11.40 7.19
C34 A1AN7 C . -12.96 -11.81 8.38
C35 A1AN7 C . -13.79 -13.09 8.24
C36 A1AN7 C . -14.99 -13.02 9.19
C37 A1AN7 C . -12.92 -14.28 8.68
C38 A1AN7 C . -14.26 -13.33 6.81
C39 A1AN7 C . -13.56 -2.63 13.09
C40 A1AN7 C . -14.21 -1.26 13.19
C41 A1AN7 C . -13.45 -0.26 14.06
C42 A1AN7 C . -12.61 0.75 13.26
N4 A1AN7 C . -3.00 3.54 10.19
N5 A1AN7 C . 0.16 3.83 10.31
N6 A1AN7 C . -13.32 -5.49 11.50
N7 A1AN7 C . -13.91 -7.88 9.80
N8 A1AN7 C . -12.45 -10.27 6.58
O1 A1AN7 C . -4.20 0.09 11.67
O10 A1AN7 C . -12.22 -5.83 13.44
O11 A1AN7 C . -12.47 -9.33 10.74
O12 A1AN7 C . -11.15 -12.09 6.86
O13 A1AN7 C . -12.16 -11.86 9.56
O14 A1AN7 C . -14.75 -12.09 6.25
O15 A1AN7 C . -13.27 -12.04 4.21
O16 A1AN7 C . -15.42 -10.71 4.24
O2 A1AN7 C . -2.81 5.71 9.67
O3 A1AN7 C . 0.24 4.81 8.29
O4 A1AN7 C . 0.89 7.19 9.38
O5 A1AN7 C . 4.69 6.08 8.48
O6 A1AN7 C . 4.40 7.25 6.34
O7 A1AN7 C . 4.76 8.58 8.48
O9 A1AN7 C . -11.83 -3.99 12.14
P1 A1AN7 C . 5.15 7.38 7.64
P2 A1AN7 C . -14.72 -11.99 4.65
#